data_2YW4
# 
_entry.id   2YW4 
# 
_audit_conform.dict_name       mmcif_pdbx.dic 
_audit_conform.dict_version    5.380 
_audit_conform.dict_location   http://mmcif.pdb.org/dictionaries/ascii/mmcif_pdbx.dic 
# 
loop_
_database_2.database_id 
_database_2.database_code 
_database_2.pdbx_database_accession 
_database_2.pdbx_DOI 
PDB   2YW4         pdb_00002yw4 10.2210/pdb2yw4/pdb 
RCSB  RCSB027208   ?            ?                   
WWPDB D_1000027208 ?            ?                   
# 
loop_
_pdbx_database_related.db_name 
_pdbx_database_related.db_id 
_pdbx_database_related.details 
_pdbx_database_related.content_type 
PDB      2YW3           'The same protein in complex with PO4' unspecified 
TargetDB ttk003002241.2 .                                      unspecified 
# 
_pdbx_database_status.status_code                     REL 
_pdbx_database_status.entry_id                        2YW4 
_pdbx_database_status.recvd_initial_deposition_date   2007-04-19 
_pdbx_database_status.deposit_site                    PDBJ 
_pdbx_database_status.process_site                    PDBJ 
_pdbx_database_status.status_code_sf                  ? 
_pdbx_database_status.status_code_mr                  ? 
_pdbx_database_status.SG_entry                        Y 
_pdbx_database_status.pdb_format_compatible           Y 
_pdbx_database_status.status_code_cs                  ? 
_pdbx_database_status.status_code_nmr_data            ? 
_pdbx_database_status.methods_development_category    ? 
# 
loop_
_audit_author.name 
_audit_author.pdbx_ordinal 
'Kawano, Y.'                                             1 
'Hashimoto, K.'                                          2 
'Kamiya, N.'                                             3 
'RIKEN Structural Genomics/Proteomics Initiative (RSGI)' 4 
# 
_citation.id                        primary 
_citation.title                     
'Crystal Structure Analysis of the 4-hydroxy-2-oxoglutarate aldolase/2-deydro-3-deoxyphosphogluconate aldolase from TTHB1' 
_citation.journal_abbrev            'To be published' 
_citation.journal_volume            ? 
_citation.page_first                ? 
_citation.page_last                 ? 
_citation.year                      ? 
_citation.journal_id_ASTM           ? 
_citation.country                   ? 
_citation.journal_id_ISSN           ? 
_citation.journal_id_CSD            0353 
_citation.book_publisher            ? 
_citation.pdbx_database_id_PubMed   ? 
_citation.pdbx_database_id_DOI      ? 
# 
loop_
_citation_author.citation_id 
_citation_author.name 
_citation_author.ordinal 
_citation_author.identifier_ORCID 
primary 'Kawano, Y.'    1 ? 
primary 'Hashimoto, K.' 2 ? 
primary 'Kamiya, N.'    3 ? 
# 
_cell.entry_id           2YW4 
_cell.length_a           66.686 
_cell.length_b           66.686 
_cell.length_c           241.301 
_cell.angle_alpha        90.00 
_cell.angle_beta         90.00 
_cell.angle_gamma        120.00 
_cell.Z_PDB              18 
_cell.pdbx_unique_axis   ? 
_cell.length_a_esd       ? 
_cell.length_b_esd       ? 
_cell.length_c_esd       ? 
_cell.angle_alpha_esd    ? 
_cell.angle_beta_esd     ? 
_cell.angle_gamma_esd    ? 
# 
_symmetry.entry_id                         2YW4 
_symmetry.space_group_name_H-M             'H 3 2' 
_symmetry.pdbx_full_space_group_name_H-M   ? 
_symmetry.cell_setting                     ? 
_symmetry.Int_Tables_number                155 
_symmetry.space_group_name_Hall            ? 
# 
loop_
_entity.id 
_entity.type 
_entity.src_method 
_entity.pdbx_description 
_entity.formula_weight 
_entity.pdbx_number_of_molecules 
_entity.pdbx_ec 
_entity.pdbx_mutation 
_entity.pdbx_fragment 
_entity.details 
1 polymer man '4-hydroxy-2-oxoglutarate aldolase/2-deydro-3-deoxyphosphogluconate aldolase' 21745.330 1  4.1.2.14 ? ? ? 
2 water   nat water                                                                         18.015    62 ?        ? ? ? 
# 
_entity_poly.entity_id                      1 
_entity_poly.type                           'polypeptide(L)' 
_entity_poly.nstd_linkage                   no 
_entity_poly.nstd_monomer                   no 
_entity_poly.pdbx_seq_one_letter_code       
;MEGMDPLAVLAESRLLPLLTVRGGEDLLGLARVLEEEGVGALEITLRTEKGLEALKALRKSGLLLGAGTVRSPKEAEAAL
EAGAAFLVSPGLLEEVAALAQARGVPYLPGVLTPTEVERALALGLSALKFFPAEPFQGVRVLRAYAEVFPEVRFLPTGGI
KEEHLPHYAALPNLLAVGGSWLLQGNLEAVRAKVRAAKALLSPQAPG
;
_entity_poly.pdbx_seq_one_letter_code_can   
;MEGMDPLAVLAESRLLPLLTVRGGEDLLGLARVLEEEGVGALEITLRTEKGLEALKALRKSGLLLGAGTVRSPKEAEAAL
EAGAAFLVSPGLLEEVAALAQARGVPYLPGVLTPTEVERALALGLSALKFFPAEPFQGVRVLRAYAEVFPEVRFLPTGGI
KEEHLPHYAALPNLLAVGGSWLLQGNLEAVRAKVRAAKALLSPQAPG
;
_entity_poly.pdbx_strand_id                 A 
_entity_poly.pdbx_target_identifier         ttk003002241.2 
# 
loop_
_entity_poly_seq.entity_id 
_entity_poly_seq.num 
_entity_poly_seq.mon_id 
_entity_poly_seq.hetero 
1 1   MET n 
1 2   GLU n 
1 3   GLY n 
1 4   MET n 
1 5   ASP n 
1 6   PRO n 
1 7   LEU n 
1 8   ALA n 
1 9   VAL n 
1 10  LEU n 
1 11  ALA n 
1 12  GLU n 
1 13  SER n 
1 14  ARG n 
1 15  LEU n 
1 16  LEU n 
1 17  PRO n 
1 18  LEU n 
1 19  LEU n 
1 20  THR n 
1 21  VAL n 
1 22  ARG n 
1 23  GLY n 
1 24  GLY n 
1 25  GLU n 
1 26  ASP n 
1 27  LEU n 
1 28  LEU n 
1 29  GLY n 
1 30  LEU n 
1 31  ALA n 
1 32  ARG n 
1 33  VAL n 
1 34  LEU n 
1 35  GLU n 
1 36  GLU n 
1 37  GLU n 
1 38  GLY n 
1 39  VAL n 
1 40  GLY n 
1 41  ALA n 
1 42  LEU n 
1 43  GLU n 
1 44  ILE n 
1 45  THR n 
1 46  LEU n 
1 47  ARG n 
1 48  THR n 
1 49  GLU n 
1 50  LYS n 
1 51  GLY n 
1 52  LEU n 
1 53  GLU n 
1 54  ALA n 
1 55  LEU n 
1 56  LYS n 
1 57  ALA n 
1 58  LEU n 
1 59  ARG n 
1 60  LYS n 
1 61  SER n 
1 62  GLY n 
1 63  LEU n 
1 64  LEU n 
1 65  LEU n 
1 66  GLY n 
1 67  ALA n 
1 68  GLY n 
1 69  THR n 
1 70  VAL n 
1 71  ARG n 
1 72  SER n 
1 73  PRO n 
1 74  LYS n 
1 75  GLU n 
1 76  ALA n 
1 77  GLU n 
1 78  ALA n 
1 79  ALA n 
1 80  LEU n 
1 81  GLU n 
1 82  ALA n 
1 83  GLY n 
1 84  ALA n 
1 85  ALA n 
1 86  PHE n 
1 87  LEU n 
1 88  VAL n 
1 89  SER n 
1 90  PRO n 
1 91  GLY n 
1 92  LEU n 
1 93  LEU n 
1 94  GLU n 
1 95  GLU n 
1 96  VAL n 
1 97  ALA n 
1 98  ALA n 
1 99  LEU n 
1 100 ALA n 
1 101 GLN n 
1 102 ALA n 
1 103 ARG n 
1 104 GLY n 
1 105 VAL n 
1 106 PRO n 
1 107 TYR n 
1 108 LEU n 
1 109 PRO n 
1 110 GLY n 
1 111 VAL n 
1 112 LEU n 
1 113 THR n 
1 114 PRO n 
1 115 THR n 
1 116 GLU n 
1 117 VAL n 
1 118 GLU n 
1 119 ARG n 
1 120 ALA n 
1 121 LEU n 
1 122 ALA n 
1 123 LEU n 
1 124 GLY n 
1 125 LEU n 
1 126 SER n 
1 127 ALA n 
1 128 LEU n 
1 129 LYS n 
1 130 PHE n 
1 131 PHE n 
1 132 PRO n 
1 133 ALA n 
1 134 GLU n 
1 135 PRO n 
1 136 PHE n 
1 137 GLN n 
1 138 GLY n 
1 139 VAL n 
1 140 ARG n 
1 141 VAL n 
1 142 LEU n 
1 143 ARG n 
1 144 ALA n 
1 145 TYR n 
1 146 ALA n 
1 147 GLU n 
1 148 VAL n 
1 149 PHE n 
1 150 PRO n 
1 151 GLU n 
1 152 VAL n 
1 153 ARG n 
1 154 PHE n 
1 155 LEU n 
1 156 PRO n 
1 157 THR n 
1 158 GLY n 
1 159 GLY n 
1 160 ILE n 
1 161 LYS n 
1 162 GLU n 
1 163 GLU n 
1 164 HIS n 
1 165 LEU n 
1 166 PRO n 
1 167 HIS n 
1 168 TYR n 
1 169 ALA n 
1 170 ALA n 
1 171 LEU n 
1 172 PRO n 
1 173 ASN n 
1 174 LEU n 
1 175 LEU n 
1 176 ALA n 
1 177 VAL n 
1 178 GLY n 
1 179 GLY n 
1 180 SER n 
1 181 TRP n 
1 182 LEU n 
1 183 LEU n 
1 184 GLN n 
1 185 GLY n 
1 186 ASN n 
1 187 LEU n 
1 188 GLU n 
1 189 ALA n 
1 190 VAL n 
1 191 ARG n 
1 192 ALA n 
1 193 LYS n 
1 194 VAL n 
1 195 ARG n 
1 196 ALA n 
1 197 ALA n 
1 198 LYS n 
1 199 ALA n 
1 200 LEU n 
1 201 LEU n 
1 202 SER n 
1 203 PRO n 
1 204 GLN n 
1 205 ALA n 
1 206 PRO n 
1 207 GLY n 
# 
_entity_src_gen.entity_id                          1 
_entity_src_gen.pdbx_src_id                        1 
_entity_src_gen.pdbx_alt_source_flag               sample 
_entity_src_gen.pdbx_seq_type                      ? 
_entity_src_gen.pdbx_beg_seq_num                   ? 
_entity_src_gen.pdbx_end_seq_num                   ? 
_entity_src_gen.gene_src_common_name               ? 
_entity_src_gen.gene_src_genus                     Thermus 
_entity_src_gen.pdbx_gene_src_gene                 ? 
_entity_src_gen.gene_src_species                   'Thermus thermophilus' 
_entity_src_gen.gene_src_strain                    HB8 
_entity_src_gen.gene_src_tissue                    ? 
_entity_src_gen.gene_src_tissue_fraction           ? 
_entity_src_gen.gene_src_details                   ? 
_entity_src_gen.pdbx_gene_src_fragment             ? 
_entity_src_gen.pdbx_gene_src_scientific_name      'Thermus thermophilus' 
_entity_src_gen.pdbx_gene_src_ncbi_taxonomy_id     300852 
_entity_src_gen.pdbx_gene_src_variant              ? 
_entity_src_gen.pdbx_gene_src_cell_line            ? 
_entity_src_gen.pdbx_gene_src_atcc                 ? 
_entity_src_gen.pdbx_gene_src_organ                ? 
_entity_src_gen.pdbx_gene_src_organelle            ? 
_entity_src_gen.pdbx_gene_src_cell                 ? 
_entity_src_gen.pdbx_gene_src_cellular_location    ? 
_entity_src_gen.host_org_common_name               ? 
_entity_src_gen.pdbx_host_org_scientific_name      'Escherichia coli' 
_entity_src_gen.pdbx_host_org_ncbi_taxonomy_id     562 
_entity_src_gen.host_org_genus                     Escherichia 
_entity_src_gen.pdbx_host_org_gene                 ? 
_entity_src_gen.pdbx_host_org_organ                ? 
_entity_src_gen.host_org_species                   ? 
_entity_src_gen.pdbx_host_org_tissue               ? 
_entity_src_gen.pdbx_host_org_tissue_fraction      ? 
_entity_src_gen.pdbx_host_org_strain               ? 
_entity_src_gen.pdbx_host_org_variant              ? 
_entity_src_gen.pdbx_host_org_cell_line            ? 
_entity_src_gen.pdbx_host_org_atcc                 ? 
_entity_src_gen.pdbx_host_org_culture_collection   ? 
_entity_src_gen.pdbx_host_org_cell                 ? 
_entity_src_gen.pdbx_host_org_organelle            ? 
_entity_src_gen.pdbx_host_org_cellular_location    ? 
_entity_src_gen.pdbx_host_org_vector_type          ? 
_entity_src_gen.pdbx_host_org_vector               ? 
_entity_src_gen.host_org_details                   ? 
_entity_src_gen.expression_system_id               ? 
_entity_src_gen.plasmid_name                       ? 
_entity_src_gen.plasmid_details                    ? 
_entity_src_gen.pdbx_description                   ? 
# 
_struct_ref.id                         1 
_struct_ref.db_name                    UNP 
_struct_ref.db_code                    Q53W90_THET8 
_struct_ref.pdbx_db_accession          Q53W90 
_struct_ref.entity_id                  1 
_struct_ref.pdbx_seq_one_letter_code   
;MEGMDPLAVLAESRLLPLLTVRGGEDLLGLARVLEEEGVGALEITLRTEKGLEALKALRKSGLLLGAGTVRSPKEAEAAL
EAGAAFLVSPGLLEEVAALAQARGVPYLPGVLTPTEVERALALGLSALKFFPAEPFQGVRVLRAYAEVFPEVRFLPTGGI
KEEHLPHYAALPNLLAVGGSWLLQGNLEAVRAKVRAAKALLSPQAPG
;
_struct_ref.pdbx_align_begin           1 
_struct_ref.pdbx_db_isoform            ? 
# 
_struct_ref_seq.align_id                      1 
_struct_ref_seq.ref_id                        1 
_struct_ref_seq.pdbx_PDB_id_code              2YW4 
_struct_ref_seq.pdbx_strand_id                A 
_struct_ref_seq.seq_align_beg                 1 
_struct_ref_seq.pdbx_seq_align_beg_ins_code   ? 
_struct_ref_seq.seq_align_end                 207 
_struct_ref_seq.pdbx_seq_align_end_ins_code   ? 
_struct_ref_seq.pdbx_db_accession             Q53W90 
_struct_ref_seq.db_align_beg                  1 
_struct_ref_seq.pdbx_db_align_beg_ins_code    ? 
_struct_ref_seq.db_align_end                  207 
_struct_ref_seq.pdbx_db_align_end_ins_code    ? 
_struct_ref_seq.pdbx_auth_seq_align_beg       1 
_struct_ref_seq.pdbx_auth_seq_align_end       207 
# 
loop_
_chem_comp.id 
_chem_comp.type 
_chem_comp.mon_nstd_flag 
_chem_comp.name 
_chem_comp.pdbx_synonyms 
_chem_comp.formula 
_chem_comp.formula_weight 
ALA 'L-peptide linking' y ALANINE         ? 'C3 H7 N O2'     89.093  
ARG 'L-peptide linking' y ARGININE        ? 'C6 H15 N4 O2 1' 175.209 
ASN 'L-peptide linking' y ASPARAGINE      ? 'C4 H8 N2 O3'    132.118 
ASP 'L-peptide linking' y 'ASPARTIC ACID' ? 'C4 H7 N O4'     133.103 
GLN 'L-peptide linking' y GLUTAMINE       ? 'C5 H10 N2 O3'   146.144 
GLU 'L-peptide linking' y 'GLUTAMIC ACID' ? 'C5 H9 N O4'     147.129 
GLY 'peptide linking'   y GLYCINE         ? 'C2 H5 N O2'     75.067  
HIS 'L-peptide linking' y HISTIDINE       ? 'C6 H10 N3 O2 1' 156.162 
HOH non-polymer         . WATER           ? 'H2 O'           18.015  
ILE 'L-peptide linking' y ISOLEUCINE      ? 'C6 H13 N O2'    131.173 
LEU 'L-peptide linking' y LEUCINE         ? 'C6 H13 N O2'    131.173 
LYS 'L-peptide linking' y LYSINE          ? 'C6 H15 N2 O2 1' 147.195 
MET 'L-peptide linking' y METHIONINE      ? 'C5 H11 N O2 S'  149.211 
PHE 'L-peptide linking' y PHENYLALANINE   ? 'C9 H11 N O2'    165.189 
PRO 'L-peptide linking' y PROLINE         ? 'C5 H9 N O2'     115.130 
SER 'L-peptide linking' y SERINE          ? 'C3 H7 N O3'     105.093 
THR 'L-peptide linking' y THREONINE       ? 'C4 H9 N O3'     119.119 
TRP 'L-peptide linking' y TRYPTOPHAN      ? 'C11 H12 N2 O2'  204.225 
TYR 'L-peptide linking' y TYROSINE        ? 'C9 H11 N O3'    181.189 
VAL 'L-peptide linking' y VALINE          ? 'C5 H11 N O2'    117.146 
# 
_exptl.entry_id          2YW4 
_exptl.method            'X-RAY DIFFRACTION' 
_exptl.crystals_number   1 
# 
_exptl_crystal.id                    1 
_exptl_crystal.density_meas          ? 
_exptl_crystal.density_Matthews      2.37 
_exptl_crystal.density_percent_sol   48.16 
_exptl_crystal.description           ? 
_exptl_crystal.F_000                 ? 
_exptl_crystal.preparation           ? 
# 
_exptl_crystal_grow.crystal_id      1 
_exptl_crystal_grow.method          'VAPOR DIFFUSION, HANGING DROP' 
_exptl_crystal_grow.temp            301 
_exptl_crystal_grow.temp_details    ? 
_exptl_crystal_grow.pH              4.6 
_exptl_crystal_grow.pdbx_details    
;0.2M Calcium Chloride dihydrate, 0.1M Sodium Acetate trihydrate, 20% v/v iso-Propanol, pH 4.6, VAPOR DIFFUSION, HANGING DROP, temperature 301K
;
_exptl_crystal_grow.pdbx_pH_range   . 
# 
_diffrn.id                     1 
_diffrn.ambient_temp           100 
_diffrn.ambient_temp_details   ? 
_diffrn.crystal_id             1 
# 
_diffrn_detector.diffrn_id              1 
_diffrn_detector.detector               'IMAGE PLATE' 
_diffrn_detector.type                   'RIGAKU RAXIS V' 
_diffrn_detector.pdbx_collection_date   2005-05-22 
_diffrn_detector.details                mirrors 
# 
_diffrn_radiation.diffrn_id                        1 
_diffrn_radiation.wavelength_id                    1 
_diffrn_radiation.pdbx_monochromatic_or_laue_m_l   M 
_diffrn_radiation.monochromator                    'Conforcul mirror' 
_diffrn_radiation.pdbx_diffrn_protocol             'SINGLE WAVELENGTH' 
_diffrn_radiation.pdbx_scattering_type             x-ray 
# 
_diffrn_radiation_wavelength.id           1 
_diffrn_radiation_wavelength.wavelength   1.5418 
_diffrn_radiation_wavelength.wt           1.0 
# 
_diffrn_source.diffrn_id                   1 
_diffrn_source.source                      'ROTATING ANODE' 
_diffrn_source.type                        'RIGAKU FR-D' 
_diffrn_source.pdbx_synchrotron_site       ? 
_diffrn_source.pdbx_synchrotron_beamline   ? 
_diffrn_source.pdbx_wavelength             ? 
_diffrn_source.pdbx_wavelength_list        1.5418 
# 
_reflns.entry_id                     2YW4 
_reflns.observed_criterion_sigma_F   0 
_reflns.observed_criterion_sigma_I   0 
_reflns.d_resolution_high            2.53 
_reflns.d_resolution_low             30.80 
_reflns.number_all                   7273 
_reflns.number_obs                   7273 
_reflns.percent_possible_obs         99.9 
_reflns.pdbx_Rmerge_I_obs            0.055 
_reflns.pdbx_Rsym_value              ? 
_reflns.pdbx_netI_over_sigmaI        33.47 
_reflns.B_iso_Wilson_estimate        ? 
_reflns.pdbx_redundancy              10.1 
_reflns.R_free_details               ? 
_reflns.limit_h_max                  ? 
_reflns.limit_h_min                  ? 
_reflns.limit_k_max                  ? 
_reflns.limit_k_min                  ? 
_reflns.limit_l_max                  ? 
_reflns.limit_l_min                  ? 
_reflns.observed_criterion_F_max     ? 
_reflns.observed_criterion_F_min     ? 
_reflns.pdbx_chi_squared             ? 
_reflns.pdbx_scaling_rejects         ? 
_reflns.pdbx_ordinal                 1 
_reflns.pdbx_diffrn_id               1 
# 
_reflns_shell.d_res_high             2.53 
_reflns_shell.d_res_low              2.62 
_reflns_shell.percent_possible_all   100 
_reflns_shell.Rmerge_I_obs           0.298 
_reflns_shell.pdbx_Rsym_value        ? 
_reflns_shell.meanI_over_sigI_obs    8.55 
_reflns_shell.pdbx_redundancy        10.2 
_reflns_shell.percent_possible_obs   ? 
_reflns_shell.number_unique_all      697 
_reflns_shell.number_measured_all    ? 
_reflns_shell.number_measured_obs    ? 
_reflns_shell.number_unique_obs      ? 
_reflns_shell.pdbx_chi_squared       ? 
_reflns_shell.pdbx_ordinal           1 
_reflns_shell.pdbx_diffrn_id         1 
# 
_refine.entry_id                                 2YW4 
_refine.ls_number_reflns_obs                     6558 
_refine.ls_number_reflns_all                     6558 
_refine.pdbx_ls_sigma_I                          ? 
_refine.pdbx_ls_sigma_F                          0 
_refine.pdbx_data_cutoff_high_absF               ? 
_refine.pdbx_data_cutoff_low_absF                ? 
_refine.pdbx_data_cutoff_high_rms_absF           ? 
_refine.ls_d_res_low                             30.80 
_refine.ls_d_res_high                            2.53 
_refine.ls_percent_reflns_obs                    100.00 
_refine.ls_R_factor_obs                          0.171 
_refine.ls_R_factor_all                          0.171 
_refine.ls_R_factor_R_work                       0.164 
_refine.ls_R_factor_R_free                       0.241 
_refine.ls_R_factor_R_free_error                 ? 
_refine.ls_R_factor_R_free_error_details         ? 
_refine.ls_percent_reflns_R_free                 9.8 
_refine.ls_number_reflns_R_free                  712 
_refine.ls_number_parameters                     ? 
_refine.ls_number_restraints                     ? 
_refine.occupancy_min                            ? 
_refine.occupancy_max                            ? 
_refine.correlation_coeff_Fo_to_Fc               0.950 
_refine.correlation_coeff_Fo_to_Fc_free          0.872 
_refine.B_iso_mean                               24.301 
_refine.aniso_B[1][1]                            0.57 
_refine.aniso_B[2][2]                            0.57 
_refine.aniso_B[3][3]                            -0.85 
_refine.aniso_B[1][2]                            0.28 
_refine.aniso_B[1][3]                            0.00 
_refine.aniso_B[2][3]                            0.00 
_refine.solvent_model_details                    'BABINET MODEL WITH MASK' 
_refine.solvent_model_param_ksol                 ? 
_refine.solvent_model_param_bsol                 ? 
_refine.pdbx_solvent_vdw_probe_radii             1.20 
_refine.pdbx_solvent_ion_probe_radii             0.80 
_refine.pdbx_solvent_shrinkage_radii             0.80 
_refine.pdbx_ls_cross_valid_method               THROUGHOUT 
_refine.details                                  ? 
_refine.pdbx_starting_model                      'PDB ENTRY 1MXS' 
_refine.pdbx_method_to_determine_struct          'MOLECULAR REPLACEMENT' 
_refine.pdbx_isotropic_thermal_model             ? 
_refine.pdbx_stereochemistry_target_values       'MAXIMUM LIKELIHOOD' 
_refine.pdbx_stereochem_target_val_spec_case     ? 
_refine.pdbx_R_Free_selection_details            RANDOM 
_refine.pdbx_overall_ESU_R                       0.868 
_refine.pdbx_overall_ESU_R_Free                  0.306 
_refine.overall_SU_ML                            0.189 
_refine.overall_SU_B                             8.462 
_refine.ls_redundancy_reflns_obs                 ? 
_refine.B_iso_min                                ? 
_refine.B_iso_max                                ? 
_refine.overall_SU_R_Cruickshank_DPI             ? 
_refine.overall_SU_R_free                        ? 
_refine.ls_wR_factor_R_free                      ? 
_refine.ls_wR_factor_R_work                      ? 
_refine.overall_FOM_free_R_set                   ? 
_refine.overall_FOM_work_R_set                   ? 
_refine.pdbx_refine_id                           'X-RAY DIFFRACTION' 
_refine.pdbx_diffrn_id                           1 
_refine.pdbx_TLS_residual_ADP_flag               ? 
_refine.pdbx_overall_phase_error                 ? 
_refine.pdbx_overall_SU_R_free_Cruickshank_DPI   ? 
_refine.pdbx_overall_SU_R_Blow_DPI               ? 
_refine.pdbx_overall_SU_R_free_Blow_DPI          ? 
# 
_refine_hist.pdbx_refine_id                   'X-RAY DIFFRACTION' 
_refine_hist.cycle_id                         LAST 
_refine_hist.pdbx_number_atoms_protein        1483 
_refine_hist.pdbx_number_atoms_nucleic_acid   0 
_refine_hist.pdbx_number_atoms_ligand         0 
_refine_hist.number_atoms_solvent             62 
_refine_hist.number_atoms_total               1545 
_refine_hist.d_res_high                       2.53 
_refine_hist.d_res_low                        30.80 
# 
loop_
_refine_ls_restr.type 
_refine_ls_restr.dev_ideal 
_refine_ls_restr.dev_ideal_target 
_refine_ls_restr.weight 
_refine_ls_restr.number 
_refine_ls_restr.pdbx_refine_id 
_refine_ls_restr.pdbx_restraint_function 
r_bond_refined_d             0.033  0.022  ? 1508 'X-RAY DIFFRACTION' ? 
r_bond_other_d               ?      ?      ? ?    'X-RAY DIFFRACTION' ? 
r_angle_refined_deg          2.580  2.026  ? 2049 'X-RAY DIFFRACTION' ? 
r_angle_other_deg            ?      ?      ? ?    'X-RAY DIFFRACTION' ? 
r_dihedral_angle_1_deg       7.018  5.000  ? 199  'X-RAY DIFFRACTION' ? 
r_dihedral_angle_2_deg       36.292 22.830 ? 53   'X-RAY DIFFRACTION' ? 
r_dihedral_angle_3_deg       21.226 15.000 ? 252  'X-RAY DIFFRACTION' ? 
r_dihedral_angle_4_deg       18.869 15.000 ? 13   'X-RAY DIFFRACTION' ? 
r_chiral_restr               0.163  0.200  ? 246  'X-RAY DIFFRACTION' ? 
r_gen_planes_refined         0.011  0.020  ? 1113 'X-RAY DIFFRACTION' ? 
r_gen_planes_other           ?      ?      ? ?    'X-RAY DIFFRACTION' ? 
r_nbd_refined                0.260  0.200  ? 765  'X-RAY DIFFRACTION' ? 
r_nbd_other                  ?      ?      ? ?    'X-RAY DIFFRACTION' ? 
r_nbtor_refined              0.327  0.200  ? 1006 'X-RAY DIFFRACTION' ? 
r_nbtor_other                ?      ?      ? ?    'X-RAY DIFFRACTION' ? 
r_xyhbond_nbd_refined        0.189  0.200  ? 81   'X-RAY DIFFRACTION' ? 
r_xyhbond_nbd_other          ?      ?      ? ?    'X-RAY DIFFRACTION' ? 
r_metal_ion_refined          ?      ?      ? ?    'X-RAY DIFFRACTION' ? 
r_metal_ion_other            ?      ?      ? ?    'X-RAY DIFFRACTION' ? 
r_symmetry_vdw_refined       0.255  0.200  ? 50   'X-RAY DIFFRACTION' ? 
r_symmetry_vdw_other         ?      ?      ? ?    'X-RAY DIFFRACTION' ? 
r_symmetry_hbond_refined     0.278  0.200  ? 7    'X-RAY DIFFRACTION' ? 
r_symmetry_hbond_other       ?      ?      ? ?    'X-RAY DIFFRACTION' ? 
r_symmetry_metal_ion_refined ?      ?      ? ?    'X-RAY DIFFRACTION' ? 
r_symmetry_metal_ion_other   ?      ?      ? ?    'X-RAY DIFFRACTION' ? 
r_mcbond_it                  1.807  1.500  ? 1020 'X-RAY DIFFRACTION' ? 
r_mcbond_other               ?      ?      ? ?    'X-RAY DIFFRACTION' ? 
r_mcangle_it                 2.751  2.000  ? 1569 'X-RAY DIFFRACTION' ? 
r_scbond_it                  4.478  3.000  ? 540  'X-RAY DIFFRACTION' ? 
r_scangle_it                 7.347  4.500  ? 480  'X-RAY DIFFRACTION' ? 
r_rigid_bond_restr           ?      ?      ? ?    'X-RAY DIFFRACTION' ? 
r_sphericity_free            ?      ?      ? ?    'X-RAY DIFFRACTION' ? 
r_sphericity_bonded          ?      ?      ? ?    'X-RAY DIFFRACTION' ? 
# 
_refine_ls_shell.pdbx_total_number_of_bins_used   20 
_refine_ls_shell.d_res_high                       2.527 
_refine_ls_shell.d_res_low                        2.592 
_refine_ls_shell.number_reflns_R_work             459 
_refine_ls_shell.R_factor_R_work                  0.183 
_refine_ls_shell.percent_reflns_obs               100.00 
_refine_ls_shell.R_factor_R_free                  0.27 
_refine_ls_shell.R_factor_R_free_error            ? 
_refine_ls_shell.percent_reflns_R_free            ? 
_refine_ls_shell.number_reflns_R_free             57 
_refine_ls_shell.number_reflns_all                ? 
_refine_ls_shell.R_factor_all                     ? 
_refine_ls_shell.number_reflns_obs                ? 
_refine_ls_shell.redundancy_reflns_obs            ? 
_refine_ls_shell.pdbx_refine_id                   'X-RAY DIFFRACTION' 
# 
_struct.entry_id                  2YW4 
_struct.title                     
'Crystal Structure Analysis of the 4-hydroxy-2-oxoglutarate aldolase/2-deydro-3-deoxyphosphogluconate aldolase from TTHB1' 
_struct.pdbx_model_details        ? 
_struct.pdbx_CASP_flag            ? 
_struct.pdbx_model_type_details   ? 
# 
_struct_keywords.entry_id        2YW4 
_struct_keywords.pdbx_keywords   LYASE 
_struct_keywords.text            
;aldolase, Structural Genomics, NPPSFA, National Project on Protein Structural and Functional Analyses, RIKEN Structural Genomics/Proteomics Initiative, RSGI, LYASE
;
# 
loop_
_struct_asym.id 
_struct_asym.pdbx_blank_PDB_chainid_flag 
_struct_asym.pdbx_modified 
_struct_asym.entity_id 
_struct_asym.details 
A N N 1 ? 
B N N 2 ? 
# 
_struct_biol.id        1 
_struct_biol.details   ? 
# 
loop_
_struct_conf.conf_type_id 
_struct_conf.id 
_struct_conf.pdbx_PDB_helix_id 
_struct_conf.beg_label_comp_id 
_struct_conf.beg_label_asym_id 
_struct_conf.beg_label_seq_id 
_struct_conf.pdbx_beg_PDB_ins_code 
_struct_conf.end_label_comp_id 
_struct_conf.end_label_asym_id 
_struct_conf.end_label_seq_id 
_struct_conf.pdbx_end_PDB_ins_code 
_struct_conf.beg_auth_comp_id 
_struct_conf.beg_auth_asym_id 
_struct_conf.beg_auth_seq_id 
_struct_conf.end_auth_comp_id 
_struct_conf.end_auth_asym_id 
_struct_conf.end_auth_seq_id 
_struct_conf.pdbx_PDB_helix_class 
_struct_conf.details 
_struct_conf.pdbx_PDB_helix_length 
HELX_P HELX_P1  1  LEU A 7   ? ARG A 14  ? LEU A 7   ARG A 14  1 ? 8  
HELX_P HELX_P2  2  ASP A 26  ? GLU A 37  ? ASP A 26  GLU A 37  1 ? 12 
HELX_P HELX_P3  3  THR A 48  ? ARG A 59  ? THR A 48  ARG A 59  1 ? 12 
HELX_P HELX_P4  4  SER A 72  ? ALA A 82  ? SER A 72  ALA A 82  1 ? 11 
HELX_P HELX_P5  5  LEU A 93  ? GLY A 104 ? LEU A 93  GLY A 104 1 ? 12 
HELX_P HELX_P6  6  THR A 113 ? LEU A 123 ? THR A 113 LEU A 123 1 ? 11 
HELX_P HELX_P7  7  GLN A 137 ? PHE A 149 ? GLN A 137 PHE A 149 1 ? 13 
HELX_P HELX_P8  8  LYS A 161 ? GLU A 163 ? LYS A 161 GLU A 163 5 ? 3  
HELX_P HELX_P9  9  HIS A 164 ? ALA A 170 ? HIS A 164 ALA A 170 1 ? 7  
HELX_P HELX_P10 10 SER A 180 ? GLN A 184 ? SER A 180 GLN A 184 5 ? 5  
HELX_P HELX_P11 11 ASN A 186 ? LEU A 201 ? ASN A 186 LEU A 201 1 ? 16 
# 
_struct_conf_type.id          HELX_P 
_struct_conf_type.criteria    ? 
_struct_conf_type.reference   ? 
# 
_struct_mon_prot_cis.pdbx_id                1 
_struct_mon_prot_cis.label_comp_id          PHE 
_struct_mon_prot_cis.label_seq_id           131 
_struct_mon_prot_cis.label_asym_id          A 
_struct_mon_prot_cis.label_alt_id           . 
_struct_mon_prot_cis.pdbx_PDB_ins_code      ? 
_struct_mon_prot_cis.auth_comp_id           PHE 
_struct_mon_prot_cis.auth_seq_id            131 
_struct_mon_prot_cis.auth_asym_id           A 
_struct_mon_prot_cis.pdbx_label_comp_id_2   PRO 
_struct_mon_prot_cis.pdbx_label_seq_id_2    132 
_struct_mon_prot_cis.pdbx_label_asym_id_2   A 
_struct_mon_prot_cis.pdbx_PDB_ins_code_2    ? 
_struct_mon_prot_cis.pdbx_auth_comp_id_2    PRO 
_struct_mon_prot_cis.pdbx_auth_seq_id_2     132 
_struct_mon_prot_cis.pdbx_auth_asym_id_2    A 
_struct_mon_prot_cis.pdbx_PDB_model_num     1 
_struct_mon_prot_cis.pdbx_omega_angle       1.43 
# 
_struct_sheet.id               A 
_struct_sheet.type             ? 
_struct_sheet.number_strands   8 
_struct_sheet.details          ? 
# 
loop_
_struct_sheet_order.sheet_id 
_struct_sheet_order.range_id_1 
_struct_sheet_order.range_id_2 
_struct_sheet_order.offset 
_struct_sheet_order.sense 
A 1 2 ? parallel 
A 2 3 ? parallel 
A 3 4 ? parallel 
A 4 5 ? parallel 
A 5 6 ? parallel 
A 6 7 ? parallel 
A 7 8 ? parallel 
# 
loop_
_struct_sheet_range.sheet_id 
_struct_sheet_range.id 
_struct_sheet_range.beg_label_comp_id 
_struct_sheet_range.beg_label_asym_id 
_struct_sheet_range.beg_label_seq_id 
_struct_sheet_range.pdbx_beg_PDB_ins_code 
_struct_sheet_range.end_label_comp_id 
_struct_sheet_range.end_label_asym_id 
_struct_sheet_range.end_label_seq_id 
_struct_sheet_range.pdbx_end_PDB_ins_code 
_struct_sheet_range.beg_auth_comp_id 
_struct_sheet_range.beg_auth_asym_id 
_struct_sheet_range.beg_auth_seq_id 
_struct_sheet_range.end_auth_comp_id 
_struct_sheet_range.end_auth_asym_id 
_struct_sheet_range.end_auth_seq_id 
A 1 ARG A 153 ? PRO A 156 ? ARG A 153 PRO A 156 
A 2 ALA A 127 ? PHE A 130 ? ALA A 127 PHE A 130 
A 3 TYR A 107 ? VAL A 111 ? TYR A 107 VAL A 111 
A 4 PHE A 86  ? SER A 89  ? PHE A 86  SER A 89  
A 5 LEU A 64  ? GLY A 68  ? LEU A 64  GLY A 68  
A 6 ALA A 41  ? THR A 45  ? ALA A 41  THR A 45  
A 7 LEU A 15  ? LEU A 19  ? LEU A 15  LEU A 19  
A 8 VAL A 177 ? GLY A 179 ? VAL A 177 GLY A 179 
# 
loop_
_pdbx_struct_sheet_hbond.sheet_id 
_pdbx_struct_sheet_hbond.range_id_1 
_pdbx_struct_sheet_hbond.range_id_2 
_pdbx_struct_sheet_hbond.range_1_label_atom_id 
_pdbx_struct_sheet_hbond.range_1_label_comp_id 
_pdbx_struct_sheet_hbond.range_1_label_asym_id 
_pdbx_struct_sheet_hbond.range_1_label_seq_id 
_pdbx_struct_sheet_hbond.range_1_PDB_ins_code 
_pdbx_struct_sheet_hbond.range_1_auth_atom_id 
_pdbx_struct_sheet_hbond.range_1_auth_comp_id 
_pdbx_struct_sheet_hbond.range_1_auth_asym_id 
_pdbx_struct_sheet_hbond.range_1_auth_seq_id 
_pdbx_struct_sheet_hbond.range_2_label_atom_id 
_pdbx_struct_sheet_hbond.range_2_label_comp_id 
_pdbx_struct_sheet_hbond.range_2_label_asym_id 
_pdbx_struct_sheet_hbond.range_2_label_seq_id 
_pdbx_struct_sheet_hbond.range_2_PDB_ins_code 
_pdbx_struct_sheet_hbond.range_2_auth_atom_id 
_pdbx_struct_sheet_hbond.range_2_auth_comp_id 
_pdbx_struct_sheet_hbond.range_2_auth_asym_id 
_pdbx_struct_sheet_hbond.range_2_auth_seq_id 
A 1 2 O LEU A 155 ? O LEU A 155 N LEU A 128 ? N LEU A 128 
A 2 3 O LYS A 129 ? O LYS A 129 N VAL A 111 ? N VAL A 111 
A 3 4 O LEU A 108 ? O LEU A 108 N LEU A 87  ? N LEU A 87  
A 4 5 O VAL A 88  ? O VAL A 88  N ALA A 67  ? N ALA A 67  
A 5 6 O GLY A 66  ? O GLY A 66  N LEU A 42  ? N LEU A 42  
A 6 7 O GLU A 43  ? O GLU A 43  N LEU A 19  ? N LEU A 19  
A 7 8 N LEU A 18  ? N LEU A 18  O GLY A 179 ? O GLY A 179 
# 
_atom_sites.entry_id                    2YW4 
_atom_sites.fract_transf_matrix[1][1]   -0.01522928 
_atom_sites.fract_transf_matrix[1][2]   -0.00644308 
_atom_sites.fract_transf_matrix[1][3]   -0.00513778 
_atom_sites.fract_transf_matrix[2][1]   -0.01310740 
_atom_sites.fract_transf_matrix[2][2]   -0.00125224 
_atom_sites.fract_transf_matrix[2][3]   0.01124442 
_atom_sites.fract_transf_matrix[3][1]   -0.00125893 
_atom_sites.fract_transf_matrix[3][2]   0.00380776 
_atom_sites.fract_transf_matrix[3][3]   -0.00104346 
_atom_sites.fract_transf_vector[1]      -0.393025 
_atom_sites.fract_transf_vector[2]      1.004721 
_atom_sites.fract_transf_vector[3]      0.418972 
# 
loop_
_atom_type.symbol 
C 
N 
O 
S 
# 
loop_
_atom_site.group_PDB 
_atom_site.id 
_atom_site.type_symbol 
_atom_site.label_atom_id 
_atom_site.label_alt_id 
_atom_site.label_comp_id 
_atom_site.label_asym_id 
_atom_site.label_entity_id 
_atom_site.label_seq_id 
_atom_site.pdbx_PDB_ins_code 
_atom_site.Cartn_x 
_atom_site.Cartn_y 
_atom_site.Cartn_z 
_atom_site.occupancy 
_atom_site.B_iso_or_equiv 
_atom_site.pdbx_formal_charge 
_atom_site.auth_seq_id 
_atom_site.auth_comp_id 
_atom_site.auth_asym_id 
_atom_site.auth_atom_id 
_atom_site.pdbx_PDB_model_num 
ATOM   1    N N   . MET A 1 4   ? 19.576  -2.020  3.832   1.00 47.29 ? 4   MET A N   1 
ATOM   2    C CA  . MET A 1 4   ? 18.852  -2.405  2.568   1.00 50.08 ? 4   MET A CA  1 
ATOM   3    C C   . MET A 1 4   ? 17.377  -2.865  2.785   1.00 46.51 ? 4   MET A C   1 
ATOM   4    O O   . MET A 1 4   ? 17.088  -3.863  3.422   1.00 48.32 ? 4   MET A O   1 
ATOM   5    C CB  . MET A 1 4   ? 19.649  -3.398  1.689   1.00 50.04 ? 4   MET A CB  1 
ATOM   6    C CG  . MET A 1 4   ? 20.196  -2.817  0.286   1.00 54.64 ? 4   MET A CG  1 
ATOM   7    S SD  . MET A 1 4   ? 19.689  -3.743  -1.297  1.00 59.22 ? 4   MET A SD  1 
ATOM   8    C CE  . MET A 1 4   ? 17.996  -3.084  -1.690  1.00 61.36 ? 4   MET A CE  1 
ATOM   9    N N   . ASP A 1 5   ? 16.473  -2.129  2.177   1.00 42.63 ? 5   ASP A N   1 
ATOM   10   C CA  . ASP A 1 5   ? 15.092  -2.118  2.429   1.00 38.70 ? 5   ASP A CA  1 
ATOM   11   C C   . ASP A 1 5   ? 14.340  -2.824  1.252   1.00 37.69 ? 5   ASP A C   1 
ATOM   12   O O   . ASP A 1 5   ? 14.566  -2.489  0.062   1.00 36.69 ? 5   ASP A O   1 
ATOM   13   C CB  . ASP A 1 5   ? 14.785  -0.600  2.526   1.00 39.73 ? 5   ASP A CB  1 
ATOM   14   C CG  . ASP A 1 5   ? 13.270  -0.247  2.826   1.00 41.86 ? 5   ASP A CG  1 
ATOM   15   O OD1 . ASP A 1 5   ? 12.363  -1.160  2.682   1.00 44.51 ? 5   ASP A OD1 1 
ATOM   16   O OD2 . ASP A 1 5   ? 13.025  0.974   3.148   1.00 34.58 ? 5   ASP A OD2 1 
ATOM   17   N N   . PRO A 1 6   ? 13.461  -3.844  1.558   1.00 36.50 ? 6   PRO A N   1 
ATOM   18   C CA  . PRO A 1 6   ? 12.682  -4.471  0.402   1.00 35.18 ? 6   PRO A CA  1 
ATOM   19   C C   . PRO A 1 6   ? 11.477  -3.549  -0.058  1.00 33.89 ? 6   PRO A C   1 
ATOM   20   O O   . PRO A 1 6   ? 11.044  -3.521  -1.271  1.00 32.92 ? 6   PRO A O   1 
ATOM   21   C CB  . PRO A 1 6   ? 12.215  -5.823  0.979   1.00 34.71 ? 6   PRO A CB  1 
ATOM   22   C CG  . PRO A 1 6   ? 12.697  -5.846  2.535   1.00 32.24 ? 6   PRO A CG  1 
ATOM   23   C CD  . PRO A 1 6   ? 13.151  -4.470  2.883   1.00 35.00 ? 6   PRO A CD  1 
ATOM   24   N N   . LEU A 1 7   ? 11.006  -2.747  0.908   1.00 30.61 ? 7   LEU A N   1 
ATOM   25   C CA  . LEU A 1 7   ? 10.042  -1.693  0.637   1.00 28.79 ? 7   LEU A CA  1 
ATOM   26   C C   . LEU A 1 7   ? 10.674  -0.352  0.230   1.00 29.48 ? 7   LEU A C   1 
ATOM   27   O O   . LEU A 1 7   ? 9.973   0.660   0.288   1.00 31.11 ? 7   LEU A O   1 
ATOM   28   C CB  . LEU A 1 7   ? 9.138   -1.521  1.890   1.00 29.40 ? 7   LEU A CB  1 
ATOM   29   C CG  . LEU A 1 7   ? 8.274   -2.795  2.244   1.00 24.48 ? 7   LEU A CG  1 
ATOM   30   C CD1 . LEU A 1 7   ? 7.359   -2.660  3.434   1.00 21.85 ? 7   LEU A CD1 1 
ATOM   31   C CD2 . LEU A 1 7   ? 7.420   -3.291  0.976   1.00 14.82 ? 7   LEU A CD2 1 
ATOM   32   N N   . ALA A 1 8   ? 11.957  -0.316  -0.195  1.00 28.47 ? 8   ALA A N   1 
ATOM   33   C CA  . ALA A 1 8   ? 12.661  0.919   -0.638  1.00 27.64 ? 8   ALA A CA  1 
ATOM   34   C C   . ALA A 1 8   ? 11.880  1.665   -1.680  1.00 27.72 ? 8   ALA A C   1 
ATOM   35   O O   . ALA A 1 8   ? 11.684  2.884   -1.512  1.00 25.30 ? 8   ALA A O   1 
ATOM   36   C CB  . ALA A 1 8   ? 14.110  0.654   -1.148  1.00 25.95 ? 8   ALA A CB  1 
ATOM   37   N N   . VAL A 1 9   ? 11.363  0.944   -2.710  1.00 29.10 ? 9   VAL A N   1 
ATOM   38   C CA  . VAL A 1 9   ? 10.522  1.667   -3.784  1.00 28.64 ? 9   VAL A CA  1 
ATOM   39   C C   . VAL A 1 9   ? 9.317   2.443   -3.222  1.00 28.50 ? 9   VAL A C   1 
ATOM   40   O O   . VAL A 1 9   ? 8.890   3.563   -3.713  1.00 27.14 ? 9   VAL A O   1 
ATOM   41   C CB  . VAL A 1 9   ? 10.056  0.754   -4.949  1.00 28.97 ? 9   VAL A CB  1 
ATOM   42   C CG1 . VAL A 1 9   ? 9.200   1.556   -5.973  1.00 29.21 ? 9   VAL A CG1 1 
ATOM   43   C CG2 . VAL A 1 9   ? 11.274  0.201   -5.668  1.00 29.91 ? 9   VAL A CG2 1 
ATOM   44   N N   . LEU A 1 10  ? 8.769   1.821   -2.176  1.00 28.23 ? 10  LEU A N   1 
ATOM   45   C CA  . LEU A 1 10  ? 7.512   2.274   -1.519  1.00 27.94 ? 10  LEU A CA  1 
ATOM   46   C C   . LEU A 1 10  ? 7.848   3.520   -0.754  1.00 27.43 ? 10  LEU A C   1 
ATOM   47   O O   . LEU A 1 10  ? 7.146   4.529   -0.825  1.00 25.53 ? 10  LEU A O   1 
ATOM   48   C CB  . LEU A 1 10  ? 6.948   1.190   -0.565  1.00 27.06 ? 10  LEU A CB  1 
ATOM   49   C CG  . LEU A 1 10  ? 5.484   0.854   -0.653  1.00 27.43 ? 10  LEU A CG  1 
ATOM   50   C CD1 . LEU A 1 10  ? 5.015   0.357   0.685   1.00 24.22 ? 10  LEU A CD1 1 
ATOM   51   C CD2 . LEU A 1 10  ? 4.587   2.032   -1.151  1.00 25.35 ? 10  LEU A CD2 1 
ATOM   52   N N   . ALA A 1 11  ? 8.996   3.458   -0.090  1.00 28.24 ? 11  ALA A N   1 
ATOM   53   C CA  . ALA A 1 11  ? 9.418   4.544   0.764   1.00 29.30 ? 11  ALA A CA  1 
ATOM   54   C C   . ALA A 1 11  ? 9.672   5.756   -0.141  1.00 30.11 ? 11  ALA A C   1 
ATOM   55   O O   . ALA A 1 11  ? 9.382   6.901   0.208   1.00 29.28 ? 11  ALA A O   1 
ATOM   56   C CB  . ALA A 1 11  ? 10.682  4.109   1.592   1.00 27.76 ? 11  ALA A CB  1 
ATOM   57   N N   . GLU A 1 12  ? 10.180  5.456   -1.334  1.00 32.93 ? 12  GLU A N   1 
ATOM   58   C CA  . GLU A 1 12  ? 10.553  6.459   -2.304  1.00 35.16 ? 12  GLU A CA  1 
ATOM   59   C C   . GLU A 1 12  ? 9.327   7.061   -2.937  1.00 35.27 ? 12  GLU A C   1 
ATOM   60   O O   . GLU A 1 12  ? 9.223   8.271   -2.912  1.00 36.42 ? 12  GLU A O   1 
ATOM   61   C CB  . GLU A 1 12  ? 11.413  5.839   -3.357  1.00 36.48 ? 12  GLU A CB  1 
ATOM   62   C CG  . GLU A 1 12  ? 12.268  6.782   -4.033  1.00 43.27 ? 12  GLU A CG  1 
ATOM   63   C CD  . GLU A 1 12  ? 13.661  6.238   -4.006  1.00 52.23 ? 12  GLU A CD  1 
ATOM   64   O OE1 . GLU A 1 12  ? 13.803  4.975   -3.854  1.00 53.52 ? 12  GLU A OE1 1 
ATOM   65   O OE2 . GLU A 1 12  ? 14.600  7.064   -4.143  1.00 54.37 ? 12  GLU A OE2 1 
ATOM   66   N N   . SER A 1 13  ? 8.362   6.288   -3.467  1.00 35.15 ? 13  SER A N   1 
ATOM   67   C CA  . SER A 1 13  ? 7.144   7.030   -3.845  1.00 36.56 ? 13  SER A CA  1 
ATOM   68   C C   . SER A 1 13  ? 6.519   7.839   -2.687  1.00 35.64 ? 13  SER A C   1 
ATOM   69   O O   . SER A 1 13  ? 6.027   8.931   -2.917  1.00 38.77 ? 13  SER A O   1 
ATOM   70   C CB  . SER A 1 13  ? 6.073   6.192   -4.534  1.00 36.28 ? 13  SER A CB  1 
ATOM   71   O OG  . SER A 1 13  ? 6.721   5.285   -5.379  1.00 42.86 ? 13  SER A OG  1 
ATOM   72   N N   . ARG A 1 14  ? 6.503   7.353   -1.460  1.00 32.80 ? 14  ARG A N   1 
ATOM   73   C CA  . ARG A 1 14  ? 5.592   7.957   -0.481  1.00 31.76 ? 14  ARG A CA  1 
ATOM   74   C C   . ARG A 1 14  ? 4.126   7.753   -0.850  1.00 29.85 ? 14  ARG A C   1 
ATOM   75   O O   . ARG A 1 14  ? 3.229   8.304   -0.158  1.00 29.67 ? 14  ARG A O   1 
ATOM   76   C CB  . ARG A 1 14  ? 5.802   9.485   -0.364  1.00 31.72 ? 14  ARG A CB  1 
ATOM   77   C CG  . ARG A 1 14  ? 7.231   9.902   -0.128  1.00 35.29 ? 14  ARG A CG  1 
ATOM   78   C CD  . ARG A 1 14  ? 7.276   11.034  0.837   1.00 36.70 ? 14  ARG A CD  1 
ATOM   79   N NE  . ARG A 1 14  ? 7.358   10.476  2.175   1.00 35.41 ? 14  ARG A NE  1 
ATOM   80   C CZ  . ARG A 1 14  ? 7.040   11.154  3.252   1.00 33.09 ? 14  ARG A CZ  1 
ATOM   81   N NH1 . ARG A 1 14  ? 6.576   12.388  3.152   1.00 20.86 ? 14  ARG A NH1 1 
ATOM   82   N NH2 . ARG A 1 14  ? 7.202   10.568  4.420   1.00 38.38 ? 14  ARG A NH2 1 
ATOM   83   N N   . LEU A 1 15  ? 3.870   7.023   -1.944  1.00 27.10 ? 15  LEU A N   1 
ATOM   84   C CA  . LEU A 1 15  ? 2.562   6.993   -2.532  1.00 26.24 ? 15  LEU A CA  1 
ATOM   85   C C   . LEU A 1 15  ? 2.300   5.643   -3.107  1.00 25.71 ? 15  LEU A C   1 
ATOM   86   O O   . LEU A 1 15  ? 3.199   5.102   -3.785  1.00 28.09 ? 15  LEU A O   1 
ATOM   87   C CB  . LEU A 1 15  ? 2.556   8.013   -3.618  1.00 26.87 ? 15  LEU A CB  1 
ATOM   88   C CG  . LEU A 1 15  ? 1.220   8.468   -4.129  1.00 31.73 ? 15  LEU A CG  1 
ATOM   89   C CD1 . LEU A 1 15  ? 0.300   8.871   -2.951  1.00 34.13 ? 15  LEU A CD1 1 
ATOM   90   C CD2 . LEU A 1 15  ? 1.520   9.637   -5.084  1.00 33.69 ? 15  LEU A CD2 1 
ATOM   91   N N   . LEU A 1 16  ? 1.113   5.077   -2.828  1.00 23.39 ? 16  LEU A N   1 
ATOM   92   C CA  . LEU A 1 16  ? 0.788   3.746   -3.207  1.00 22.05 ? 16  LEU A CA  1 
ATOM   93   C C   . LEU A 1 16  ? -0.603  3.619   -3.759  1.00 22.04 ? 16  LEU A C   1 
ATOM   94   O O   . LEU A 1 16  ? -1.532  3.492   -2.998  1.00 22.81 ? 16  LEU A O   1 
ATOM   95   C CB  . LEU A 1 16  ? 0.861   2.804   -2.012  1.00 22.92 ? 16  LEU A CB  1 
ATOM   96   C CG  . LEU A 1 16  ? 0.636   1.275   -2.384  1.00 21.20 ? 16  LEU A CG  1 
ATOM   97   C CD1 . LEU A 1 16  ? 1.704   0.698   -3.369  1.00 15.76 ? 16  LEU A CD1 1 
ATOM   98   C CD2 . LEU A 1 16  ? 0.669   0.493   -1.112  1.00 22.18 ? 16  LEU A CD2 1 
ATOM   99   N N   . PRO A 1 17  ? -0.787  3.726   -5.083  1.00 21.12 ? 17  PRO A N   1 
ATOM   100  C CA  . PRO A 1 17  ? -2.177  3.592   -5.524  1.00 19.88 ? 17  PRO A CA  1 
ATOM   101  C C   . PRO A 1 17  ? -2.758  2.223   -5.353  1.00 20.67 ? 17  PRO A C   1 
ATOM   102  O O   . PRO A 1 17  ? -2.064  1.223   -5.490  1.00 21.28 ? 17  PRO A O   1 
ATOM   103  C CB  . PRO A 1 17  ? -2.107  3.916   -7.034  1.00 21.07 ? 17  PRO A CB  1 
ATOM   104  C CG  . PRO A 1 17  ? -0.664  3.901   -7.455  1.00 19.20 ? 17  PRO A CG  1 
ATOM   105  C CD  . PRO A 1 17  ? 0.108   4.211   -6.153  1.00 20.18 ? 17  PRO A CD  1 
ATOM   106  N N   . LEU A 1 18  ? -4.059  2.150   -5.117  1.00 21.32 ? 18  LEU A N   1 
ATOM   107  C CA  . LEU A 1 18  ? -4.692  0.884   -5.113  1.00 21.16 ? 18  LEU A CA  1 
ATOM   108  C C   . LEU A 1 18  ? -5.603  0.693   -6.294  1.00 20.91 ? 18  LEU A C   1 
ATOM   109  O O   . LEU A 1 18  ? -6.381  1.568   -6.625  1.00 21.44 ? 18  LEU A O   1 
ATOM   110  C CB  . LEU A 1 18  ? -5.534  0.699   -3.844  1.00 20.28 ? 18  LEU A CB  1 
ATOM   111  C CG  . LEU A 1 18  ? -5.159  1.171   -2.464  1.00 21.62 ? 18  LEU A CG  1 
ATOM   112  C CD1 . LEU A 1 18  ? -6.053  0.300   -1.519  1.00 14.42 ? 18  LEU A CD1 1 
ATOM   113  C CD2 . LEU A 1 18  ? -3.648  1.131   -2.066  1.00 19.91 ? 18  LEU A CD2 1 
ATOM   114  N N   . LEU A 1 19  ? -5.639  -0.512  -6.829  1.00 21.26 ? 19  LEU A N   1 
ATOM   115  C CA  . LEU A 1 19  ? -6.415  -0.699  -8.013  1.00 22.75 ? 19  LEU A CA  1 
ATOM   116  C C   . LEU A 1 19  ? -7.301  -1.869  -7.868  1.00 23.80 ? 19  LEU A C   1 
ATOM   117  O O   . LEU A 1 19  ? -6.823  -2.961  -7.593  1.00 24.49 ? 19  LEU A O   1 
ATOM   118  C CB  . LEU A 1 19  ? -5.477  -0.823  -9.265  1.00 22.40 ? 19  LEU A CB  1 
ATOM   119  C CG  . LEU A 1 19  ? -6.146  -1.486  -10.497 1.00 24.34 ? 19  LEU A CG  1 
ATOM   120  C CD1 . LEU A 1 19  ? -7.366  -0.713  -11.081 1.00 20.71 ? 19  LEU A CD1 1 
ATOM   121  C CD2 . LEU A 1 19  ? -5.121  -1.808  -11.554 1.00 22.88 ? 19  LEU A CD2 1 
ATOM   122  N N   . THR A 1 20  ? -8.607  -1.645  -8.025  1.00 27.18 ? 20  THR A N   1 
ATOM   123  C CA  . THR A 1 20  ? -9.631  -2.754  -8.205  1.00 29.63 ? 20  THR A CA  1 
ATOM   124  C C   . THR A 1 20  ? -9.931  -3.044  -9.684  1.00 31.60 ? 20  THR A C   1 
ATOM   125  O O   . THR A 1 20  ? -10.403 -2.209  -10.414 1.00 34.04 ? 20  THR A O   1 
ATOM   126  C CB  . THR A 1 20  ? -10.844 -2.427  -7.387  1.00 29.13 ? 20  THR A CB  1 
ATOM   127  O OG1 . THR A 1 20  ? -10.339 -2.269  -6.043  1.00 32.09 ? 20  THR A OG1 1 
ATOM   128  C CG2 . THR A 1 20  ? -11.983 -3.555  -7.434  1.00 26.29 ? 20  THR A CG2 1 
ATOM   129  N N   . VAL A 1 21  ? -9.576  -4.204  -10.166 1.00 34.09 ? 21  VAL A N   1 
ATOM   130  C CA  . VAL A 1 21  ? -9.665  -4.412  -11.585 1.00 36.50 ? 21  VAL A CA  1 
ATOM   131  C C   . VAL A 1 21  ? -11.126 -4.711  -11.917 1.00 38.77 ? 21  VAL A C   1 
ATOM   132  O O   . VAL A 1 21  ? -11.739 -5.633  -11.315 1.00 38.92 ? 21  VAL A O   1 
ATOM   133  C CB  . VAL A 1 21  ? -8.731  -5.585  -12.047 1.00 36.24 ? 21  VAL A CB  1 
ATOM   134  C CG1 . VAL A 1 21  ? -8.625  -5.648  -13.555 1.00 35.23 ? 21  VAL A CG1 1 
ATOM   135  C CG2 . VAL A 1 21  ? -7.438  -5.393  -11.502 1.00 36.58 ? 21  VAL A CG2 1 
ATOM   136  N N   . ARG A 1 22  ? -11.671 -3.895  -12.829 1.00 42.32 ? 22  ARG A N   1 
ATOM   137  C CA  . ARG A 1 22  ? -12.948 -4.180  -13.547 1.00 45.92 ? 22  ARG A CA  1 
ATOM   138  C C   . ARG A 1 22  ? -12.681 -4.799  -14.910 1.00 47.43 ? 22  ARG A C   1 
ATOM   139  O O   . ARG A 1 22  ? -13.634 -5.186  -15.545 1.00 47.48 ? 22  ARG A O   1 
ATOM   140  C CB  . ARG A 1 22  ? -13.881 -2.932  -13.770 1.00 47.18 ? 22  ARG A CB  1 
ATOM   141  C CG  . ARG A 1 22  ? -14.149 -2.074  -12.556 1.00 47.72 ? 22  ARG A CG  1 
ATOM   142  C CD  . ARG A 1 22  ? -14.395 -3.015  -11.431 1.00 49.71 ? 22  ARG A CD  1 
ATOM   143  N NE  . ARG A 1 22  ? -14.407 -2.367  -10.123 1.00 52.83 ? 22  ARG A NE  1 
ATOM   144  C CZ  . ARG A 1 22  ? -14.969 -2.918  -9.042  1.00 51.67 ? 22  ARG A CZ  1 
ATOM   145  N NH1 . ARG A 1 22  ? -15.546 -4.123  -9.114  1.00 51.41 ? 22  ARG A NH1 1 
ATOM   146  N NH2 . ARG A 1 22  ? -14.940 -2.280  -7.883  1.00 51.58 ? 22  ARG A NH2 1 
ATOM   147  N N   . GLY A 1 23  ? -11.419 -4.873  -15.378 1.00 48.14 ? 23  GLY A N   1 
ATOM   148  C CA  . GLY A 1 23  ? -11.101 -5.760  -16.527 1.00 48.14 ? 23  GLY A CA  1 
ATOM   149  C C   . GLY A 1 23  ? -10.929 -5.110  -17.909 1.00 48.13 ? 23  GLY A C   1 
ATOM   150  O O   . GLY A 1 23  ? -10.475 -5.785  -18.860 1.00 48.76 ? 23  GLY A O   1 
ATOM   151  N N   . GLY A 1 24  ? -11.280 -3.822  -18.054 1.00 46.97 ? 24  GLY A N   1 
ATOM   152  C CA  . GLY A 1 24  ? -10.889 -3.063  -19.279 1.00 45.09 ? 24  GLY A CA  1 
ATOM   153  C C   . GLY A 1 24  ? -9.662  -2.141  -19.242 1.00 43.56 ? 24  GLY A C   1 
ATOM   154  O O   . GLY A 1 24  ? -9.243  -1.605  -20.276 1.00 44.24 ? 24  GLY A O   1 
ATOM   155  N N   . GLU A 1 25  ? -9.112  -1.919  -18.050 1.00 42.08 ? 25  GLU A N   1 
ATOM   156  C CA  . GLU A 1 25  ? -7.923  -1.053  -17.804 1.00 39.57 ? 25  GLU A CA  1 
ATOM   157  C C   . GLU A 1 25  ? -6.733  -1.288  -18.702 1.00 37.72 ? 25  GLU A C   1 
ATOM   158  O O   . GLU A 1 25  ? -6.407  -2.423  -19.078 1.00 38.76 ? 25  GLU A O   1 
ATOM   159  C CB  . GLU A 1 25  ? -7.441  -1.160  -16.342 1.00 39.46 ? 25  GLU A CB  1 
ATOM   160  C CG  . GLU A 1 25  ? -8.537  -0.925  -15.319 1.00 38.16 ? 25  GLU A CG  1 
ATOM   161  C CD  . GLU A 1 25  ? -9.416  -2.160  -15.194 1.00 37.79 ? 25  GLU A CD  1 
ATOM   162  O OE1 . GLU A 1 25  ? -9.048  -3.225  -15.774 1.00 40.99 ? 25  GLU A OE1 1 
ATOM   163  O OE2 . GLU A 1 25  ? -10.438 -2.109  -14.483 1.00 38.62 ? 25  GLU A OE2 1 
ATOM   164  N N   . ASP A 1 26  ? -6.083  -0.189  -19.021 1.00 34.93 ? 26  ASP A N   1 
ATOM   165  C CA  . ASP A 1 26  ? -4.800  -0.210  -19.693 1.00 32.40 ? 26  ASP A CA  1 
ATOM   166  C C   . ASP A 1 26  ? -3.670  -0.192  -18.596 1.00 29.77 ? 26  ASP A C   1 
ATOM   167  O O   . ASP A 1 26  ? -3.147  0.903   -18.180 1.00 27.62 ? 26  ASP A O   1 
ATOM   168  C CB  . ASP A 1 26  ? -4.707  0.953   -20.715 1.00 32.17 ? 26  ASP A CB  1 
ATOM   169  C CG  . ASP A 1 26  ? -3.317  1.105   -21.299 1.00 34.18 ? 26  ASP A CG  1 
ATOM   170  O OD1 . ASP A 1 26  ? -2.541  0.125   -21.260 1.00 32.28 ? 26  ASP A OD1 1 
ATOM   171  O OD2 . ASP A 1 26  ? -2.967  2.230   -21.756 1.00 40.09 ? 26  ASP A OD2 1 
ATOM   172  N N   . LEU A 1 27  ? -3.333  -1.437  -18.196 1.00 26.24 ? 27  LEU A N   1 
ATOM   173  C CA  . LEU A 1 27  ? -2.369  -1.801  -17.123 1.00 23.33 ? 27  LEU A CA  1 
ATOM   174  C C   . LEU A 1 27  ? -0.948  -1.410  -17.422 1.00 22.86 ? 27  LEU A C   1 
ATOM   175  O O   . LEU A 1 27  ? -0.211  -0.718  -16.584 1.00 20.79 ? 27  LEU A O   1 
ATOM   176  C CB  . LEU A 1 27  ? -2.506  -3.297  -16.767 1.00 20.55 ? 27  LEU A CB  1 
ATOM   177  C CG  . LEU A 1 27  ? -3.940  -3.682  -16.381 1.00 18.35 ? 27  LEU A CG  1 
ATOM   178  C CD1 . LEU A 1 27  ? -4.250  -5.167  -16.100 1.00 18.86 ? 27  LEU A CD1 1 
ATOM   179  C CD2 . LEU A 1 27  ? -4.393  -2.928  -15.122 1.00 16.61 ? 27  LEU A CD2 1 
ATOM   180  N N   . LEU A 1 28  ? -0.516  -1.837  -18.618 1.00 24.20 ? 28  LEU A N   1 
ATOM   181  C CA  . LEU A 1 28  ? 0.796   -1.435  -19.095 1.00 24.49 ? 28  LEU A CA  1 
ATOM   182  C C   . LEU A 1 28  ? 0.866   0.102   -19.238 1.00 25.29 ? 28  LEU A C   1 
ATOM   183  O O   . LEU A 1 28  ? 1.840   0.739   -18.817 1.00 23.77 ? 28  LEU A O   1 
ATOM   184  C CB  . LEU A 1 28  ? 1.136   -2.180  -20.335 1.00 25.35 ? 28  LEU A CB  1 
ATOM   185  C CG  . LEU A 1 28  ? 1.365   -3.714  -20.133 1.00 29.94 ? 28  LEU A CG  1 
ATOM   186  C CD1 . LEU A 1 28  ? 1.384   -4.569  -21.507 1.00 23.31 ? 28  LEU A CD1 1 
ATOM   187  C CD2 . LEU A 1 28  ? 2.518   -4.065  -19.031 1.00 30.07 ? 28  LEU A CD2 1 
ATOM   188  N N   . GLY A 1 29  ? -0.204  0.708   -19.791 1.00 27.51 ? 29  GLY A N   1 
ATOM   189  C CA  . GLY A 1 29  ? -0.302  2.203   -19.890 1.00 27.05 ? 29  GLY A CA  1 
ATOM   190  C C   . GLY A 1 29  ? -0.111  2.881   -18.542 1.00 27.46 ? 29  GLY A C   1 
ATOM   191  O O   . GLY A 1 29  ? 0.910   3.615   -18.330 1.00 27.82 ? 29  GLY A O   1 
ATOM   192  N N   . LEU A 1 30  ? -1.072  2.622   -17.638 1.00 26.10 ? 30  LEU A N   1 
ATOM   193  C CA  . LEU A 1 30  ? -0.936  2.907   -16.221 1.00 26.57 ? 30  LEU A CA  1 
ATOM   194  C C   . LEU A 1 30  ? 0.449   2.660   -15.640 1.00 26.91 ? 30  LEU A C   1 
ATOM   195  O O   . LEU A 1 30  ? 1.040   3.556   -15.011 1.00 29.52 ? 30  LEU A O   1 
ATOM   196  C CB  . LEU A 1 30  ? -1.906  2.051   -15.412 1.00 27.90 ? 30  LEU A CB  1 
ATOM   197  C CG  . LEU A 1 30  ? -1.825  2.381   -13.902 1.00 27.70 ? 30  LEU A CG  1 
ATOM   198  C CD1 . LEU A 1 30  ? -2.115  3.953   -13.710 1.00 30.41 ? 30  LEU A CD1 1 
ATOM   199  C CD2 . LEU A 1 30  ? -2.755  1.538   -12.992 1.00 25.58 ? 30  LEU A CD2 1 
ATOM   200  N N   . ALA A 1 31  ? 0.989   1.468   -15.835 1.00 27.30 ? 31  ALA A N   1 
ATOM   201  C CA  . ALA A 1 31  ? 2.329   1.189   -15.329 1.00 28.04 ? 31  ALA A CA  1 
ATOM   202  C C   . ALA A 1 31  ? 3.338   2.277   -15.710 1.00 28.86 ? 31  ALA A C   1 
ATOM   203  O O   . ALA A 1 31  ? 3.855   2.951   -14.836 1.00 28.95 ? 31  ALA A O   1 
ATOM   204  C CB  . ALA A 1 31  ? 2.775   -0.206  -15.739 1.00 27.22 ? 31  ALA A CB  1 
ATOM   205  N N   . ARG A 1 32  ? 3.554   2.480   -17.003 1.00 29.53 ? 32  ARG A N   1 
ATOM   206  C CA  . ARG A 1 32  ? 4.381   3.552   -17.540 1.00 31.46 ? 32  ARG A CA  1 
ATOM   207  C C   . ARG A 1 32  ? 4.154   4.923   -16.923 1.00 31.24 ? 32  ARG A C   1 
ATOM   208  O O   . ARG A 1 32  ? 5.122   5.620   -16.605 1.00 31.75 ? 32  ARG A O   1 
ATOM   209  C CB  . ARG A 1 32  ? 4.108   3.724   -19.049 1.00 32.91 ? 32  ARG A CB  1 
ATOM   210  C CG  . ARG A 1 32  ? 5.307   4.348   -19.805 1.00 39.63 ? 32  ARG A CG  1 
ATOM   211  C CD  . ARG A 1 32  ? 4.850   5.299   -20.919 1.00 47.77 ? 32  ARG A CD  1 
ATOM   212  N NE  . ARG A 1 32  ? 4.531   4.643   -22.196 1.00 50.75 ? 32  ARG A NE  1 
ATOM   213  C CZ  . ARG A 1 32  ? 5.192   4.816   -23.351 1.00 50.01 ? 32  ARG A CZ  1 
ATOM   214  N NH1 . ARG A 1 32  ? 6.247   5.614   -23.437 1.00 48.57 ? 32  ARG A NH1 1 
ATOM   215  N NH2 . ARG A 1 32  ? 4.774   4.194   -24.445 1.00 51.45 ? 32  ARG A NH2 1 
ATOM   216  N N   . VAL A 1 33  ? 2.892   5.359   -16.834 1.00 31.23 ? 33  VAL A N   1 
ATOM   217  C CA  . VAL A 1 33  ? 2.592   6.707   -16.315 1.00 31.50 ? 33  VAL A CA  1 
ATOM   218  C C   . VAL A 1 33  ? 3.118   6.767   -14.873 1.00 32.39 ? 33  VAL A C   1 
ATOM   219  O O   . VAL A 1 33  ? 4.006   7.597   -14.578 1.00 32.20 ? 33  VAL A O   1 
ATOM   220  C CB  . VAL A 1 33  ? 1.074   7.068   -16.404 1.00 32.05 ? 33  VAL A CB  1 
ATOM   221  C CG1 . VAL A 1 33  ? 0.678   8.150   -15.365 1.00 31.36 ? 33  VAL A CG1 1 
ATOM   222  C CG2 . VAL A 1 33  ? 0.704   7.510   -17.847 1.00 28.68 ? 33  VAL A CG2 1 
ATOM   223  N N   . LEU A 1 34  ? 2.684   5.792   -14.038 1.00 31.52 ? 34  LEU A N   1 
ATOM   224  C CA  . LEU A 1 34  ? 3.221   5.668   -12.690 1.00 30.44 ? 34  LEU A CA  1 
ATOM   225  C C   . LEU A 1 34  ? 4.722   5.789   -12.627 1.00 31.87 ? 34  LEU A C   1 
ATOM   226  O O   . LEU A 1 34  ? 5.232   6.468   -11.739 1.00 32.92 ? 34  LEU A O   1 
ATOM   227  C CB  . LEU A 1 34  ? 2.810   4.374   -11.981 1.00 28.07 ? 34  LEU A CB  1 
ATOM   228  C CG  . LEU A 1 34  ? 1.338   4.214   -11.734 1.00 24.12 ? 34  LEU A CG  1 
ATOM   229  C CD1 . LEU A 1 34  ? 1.124   2.830   -11.321 1.00 21.50 ? 34  LEU A CD1 1 
ATOM   230  C CD2 . LEU A 1 34  ? 0.864   5.128   -10.648 1.00 19.46 ? 34  LEU A CD2 1 
ATOM   231  N N   . GLU A 1 35  ? 5.455   5.104   -13.495 1.00 33.08 ? 35  GLU A N   1 
ATOM   232  C CA  . GLU A 1 35  ? 6.885   5.041   -13.263 1.00 35.11 ? 35  GLU A CA  1 
ATOM   233  C C   . GLU A 1 35  ? 7.454   6.309   -13.814 1.00 37.37 ? 35  GLU A C   1 
ATOM   234  O O   . GLU A 1 35  ? 8.451   6.773   -13.329 1.00 38.23 ? 35  GLU A O   1 
ATOM   235  C CB  . GLU A 1 35  ? 7.478   3.850   -13.935 1.00 34.95 ? 35  GLU A CB  1 
ATOM   236  C CG  . GLU A 1 35  ? 6.618   2.628   -13.761 1.00 36.28 ? 35  GLU A CG  1 
ATOM   237  C CD  . GLU A 1 35  ? 7.232   1.346   -14.314 1.00 38.17 ? 35  GLU A CD  1 
ATOM   238  O OE1 . GLU A 1 35  ? 7.793   1.350   -15.432 1.00 35.45 ? 35  GLU A OE1 1 
ATOM   239  O OE2 . GLU A 1 35  ? 7.138   0.307   -13.616 1.00 39.90 ? 35  GLU A OE2 1 
ATOM   240  N N   . GLU A 1 36  ? 6.769   6.920   -14.793 1.00 39.27 ? 36  GLU A N   1 
ATOM   241  C CA  . GLU A 1 36  ? 7.194   8.245   -15.318 1.00 39.78 ? 36  GLU A CA  1 
ATOM   242  C C   . GLU A 1 36  ? 7.111   9.336   -14.265 1.00 38.82 ? 36  GLU A C   1 
ATOM   243  O O   . GLU A 1 36  ? 7.911   10.275  -14.218 1.00 38.06 ? 36  GLU A O   1 
ATOM   244  C CB  . GLU A 1 36  ? 6.362   8.638   -16.531 1.00 39.83 ? 36  GLU A CB  1 
ATOM   245  C CG  . GLU A 1 36  ? 7.127   8.281   -17.774 1.00 43.16 ? 36  GLU A CG  1 
ATOM   246  C CD  . GLU A 1 36  ? 6.263   8.109   -18.958 1.00 47.92 ? 36  GLU A CD  1 
ATOM   247  O OE1 . GLU A 1 36  ? 5.052   8.466   -18.907 1.00 47.03 ? 36  GLU A OE1 1 
ATOM   248  O OE2 . GLU A 1 36  ? 6.818   7.598   -19.958 1.00 52.67 ? 36  GLU A OE2 1 
ATOM   249  N N   . GLU A 1 37  ? 6.119   9.168   -13.407 1.00 37.74 ? 37  GLU A N   1 
ATOM   250  C CA  . GLU A 1 37  ? 5.829   10.147  -12.415 1.00 35.78 ? 37  GLU A CA  1 
ATOM   251  C C   . GLU A 1 37  ? 6.558   9.980   -11.038 1.00 34.89 ? 37  GLU A C   1 
ATOM   252  O O   . GLU A 1 37  ? 6.179   10.685  -10.130 1.00 35.25 ? 37  GLU A O   1 
ATOM   253  C CB  . GLU A 1 37  ? 4.321   10.219  -12.225 1.00 35.29 ? 37  GLU A CB  1 
ATOM   254  C CG  . GLU A 1 37  ? 3.433   10.841  -13.367 1.00 38.08 ? 37  GLU A CG  1 
ATOM   255  C CD  . GLU A 1 37  ? 3.882   12.202  -13.934 1.00 36.69 ? 37  GLU A CD  1 
ATOM   256  O OE1 . GLU A 1 37  ? 4.630   12.950  -13.294 1.00 32.93 ? 37  GLU A OE1 1 
ATOM   257  O OE2 . GLU A 1 37  ? 3.467   12.514  -15.072 1.00 40.66 ? 37  GLU A OE2 1 
ATOM   258  N N   . GLY A 1 38  ? 7.561   9.089   -10.882 1.00 33.59 ? 38  GLY A N   1 
ATOM   259  C CA  . GLY A 1 38  ? 8.305   8.929   -9.590  1.00 33.24 ? 38  GLY A CA  1 
ATOM   260  C C   . GLY A 1 38  ? 7.658   7.947   -8.574  1.00 33.05 ? 38  GLY A C   1 
ATOM   261  O O   . GLY A 1 38  ? 8.048   7.895   -7.404  1.00 31.48 ? 38  GLY A O   1 
ATOM   262  N N   . VAL A 1 39  ? 6.671   7.168   -9.056  1.00 30.75 ? 39  VAL A N   1 
ATOM   263  C CA  . VAL A 1 39  ? 5.836   6.349   -8.223  1.00 28.74 ? 39  VAL A CA  1 
ATOM   264  C C   . VAL A 1 39  ? 5.961   4.886   -8.664  1.00 27.50 ? 39  VAL A C   1 
ATOM   265  O O   . VAL A 1 39  ? 5.121   4.441   -9.460  1.00 27.63 ? 39  VAL A O   1 
ATOM   266  C CB  . VAL A 1 39  ? 4.317   6.711   -8.429  1.00 28.97 ? 39  VAL A CB  1 
ATOM   267  C CG1 . VAL A 1 39  ? 3.469   5.700   -7.730  1.00 31.80 ? 39  VAL A CG1 1 
ATOM   268  C CG2 . VAL A 1 39  ? 3.896   8.017   -7.896  1.00 26.59 ? 39  VAL A CG2 1 
ATOM   269  N N   . GLY A 1 40  ? 6.966   4.114   -8.221  1.00 25.25 ? 40  GLY A N   1 
ATOM   270  C CA  . GLY A 1 40  ? 7.080   2.737   -8.780  1.00 23.00 ? 40  GLY A CA  1 
ATOM   271  C C   . GLY A 1 40  ? 6.505   1.503   -8.013  1.00 23.00 ? 40  GLY A C   1 
ATOM   272  O O   . GLY A 1 40  ? 7.101   0.412   -8.056  1.00 23.72 ? 40  GLY A O   1 
ATOM   273  N N   . ALA A 1 41  ? 5.368   1.662   -7.303  1.00 22.23 ? 41  ALA A N   1 
ATOM   274  C CA  . ALA A 1 41  ? 4.685   0.590   -6.538  1.00 19.57 ? 41  ALA A CA  1 
ATOM   275  C C   . ALA A 1 41  ? 3.236   0.702   -6.849  1.00 18.88 ? 41  ALA A C   1 
ATOM   276  O O   . ALA A 1 41  ? 2.743   1.847   -7.097  1.00 20.23 ? 41  ALA A O   1 
ATOM   277  C CB  . ALA A 1 41  ? 4.817   0.834   -5.165  1.00 19.40 ? 41  ALA A CB  1 
ATOM   278  N N   . LEU A 1 42  ? 2.517   -0.422  -6.808  1.00 15.12 ? 42  LEU A N   1 
ATOM   279  C CA  . LEU A 1 42  ? 1.144   -0.384  -7.039  1.00 13.82 ? 42  LEU A CA  1 
ATOM   280  C C   . LEU A 1 42  ? 0.485   -1.590  -6.394  1.00 14.37 ? 42  LEU A C   1 
ATOM   281  O O   . LEU A 1 42  ? 0.971   -2.716  -6.510  1.00 13.41 ? 42  LEU A O   1 
ATOM   282  C CB  . LEU A 1 42  ? 0.926   -0.432  -8.571  1.00 13.91 ? 42  LEU A CB  1 
ATOM   283  C CG  . LEU A 1 42  ? -0.464  -0.830  -9.093  1.00 14.97 ? 42  LEU A CG  1 
ATOM   284  C CD1 . LEU A 1 42  ? -1.708  0.148   -8.760  1.00 8.56  ? 42  LEU A CD1 1 
ATOM   285  C CD2 . LEU A 1 42  ? -0.318  -1.240  -10.564 1.00 14.26 ? 42  LEU A CD2 1 
ATOM   286  N N   . GLU A 1 43  ? -0.750  -1.380  -5.928  1.00 15.56 ? 43  GLU A N   1 
ATOM   287  C CA  . GLU A 1 43  ? -1.440  -2.385  -5.182  1.00 15.70 ? 43  GLU A CA  1 
ATOM   288  C C   . GLU A 1 43  ? -2.688  -2.822  -5.901  1.00 17.66 ? 43  GLU A C   1 
ATOM   289  O O   . GLU A 1 43  ? -3.603  -1.989  -6.140  1.00 20.39 ? 43  GLU A O   1 
ATOM   290  C CB  . GLU A 1 43  ? -1.741  -1.880  -3.778  1.00 14.13 ? 43  GLU A CB  1 
ATOM   291  C CG  . GLU A 1 43  ? -2.299  -3.009  -2.975  1.00 13.35 ? 43  GLU A CG  1 
ATOM   292  C CD  . GLU A 1 43  ? -2.904  -2.598  -1.654  1.00 14.31 ? 43  GLU A CD  1 
ATOM   293  O OE1 . GLU A 1 43  ? -2.145  -2.020  -0.858  1.00 21.56 ? 43  GLU A OE1 1 
ATOM   294  O OE2 . GLU A 1 43  ? -4.082  -2.890  -1.380  1.00 20.19 ? 43  GLU A OE2 1 
ATOM   295  N N   . ILE A 1 44  ? -2.761  -4.115  -6.221  1.00 17.62 ? 44  ILE A N   1 
ATOM   296  C CA  . ILE A 1 44  ? -3.920  -4.701  -6.888  1.00 17.63 ? 44  ILE A CA  1 
ATOM   297  C C   . ILE A 1 44  ? -4.697  -5.430  -5.806  1.00 19.20 ? 44  ILE A C   1 
ATOM   298  O O   . ILE A 1 44  ? -4.153  -6.294  -5.118  1.00 17.51 ? 44  ILE A O   1 
ATOM   299  C CB  . ILE A 1 44  ? -3.509  -5.750  -7.984  1.00 18.38 ? 44  ILE A CB  1 
ATOM   300  C CG1 . ILE A 1 44  ? -2.409  -5.193  -8.895  1.00 15.58 ? 44  ILE A CG1 1 
ATOM   301  C CG2 . ILE A 1 44  ? -4.747  -6.221  -8.808  1.00 16.03 ? 44  ILE A CG2 1 
ATOM   302  C CD1 . ILE A 1 44  ? -2.928  -4.105  -9.617  1.00 19.46 ? 44  ILE A CD1 1 
ATOM   303  N N   . THR A 1 45  ? -5.951  -5.035  -5.618  1.00 21.06 ? 45  THR A N   1 
ATOM   304  C CA  . THR A 1 45  ? -6.721  -5.629  -4.592  1.00 24.40 ? 45  THR A CA  1 
ATOM   305  C C   . THR A 1 45  ? -7.224  -6.937  -5.214  1.00 28.01 ? 45  THR A C   1 
ATOM   306  O O   . THR A 1 45  ? -7.433  -7.034  -6.438  1.00 28.76 ? 45  THR A O   1 
ATOM   307  C CB  . THR A 1 45  ? -7.924  -4.773  -4.079  1.00 23.62 ? 45  THR A CB  1 
ATOM   308  O OG1 . THR A 1 45  ? -9.024  -5.000  -4.983  1.00 27.88 ? 45  THR A OG1 1 
ATOM   309  C CG2 . THR A 1 45  ? -7.571  -3.303  -3.955  1.00 18.89 ? 45  THR A CG2 1 
ATOM   310  N N   . LEU A 1 46  ? -7.338  -7.943  -4.344  1.00 31.11 ? 46  LEU A N   1 
ATOM   311  C CA  . LEU A 1 46  ? -7.914  -9.211  -4.628  1.00 32.18 ? 46  LEU A CA  1 
ATOM   312  C C   . LEU A 1 46  ? -9.373  -9.210  -4.251  1.00 33.51 ? 46  LEU A C   1 
ATOM   313  O O   . LEU A 1 46  ? -9.899  -10.223 -3.894  1.00 33.83 ? 46  LEU A O   1 
ATOM   314  C CB  . LEU A 1 46  ? -7.174  -10.262 -3.853  1.00 31.38 ? 46  LEU A CB  1 
ATOM   315  C CG  . LEU A 1 46  ? -5.716  -10.158 -4.296  1.00 33.64 ? 46  LEU A CG  1 
ATOM   316  C CD1 . LEU A 1 46  ? -4.958  -10.635 -3.114  1.00 34.93 ? 46  LEU A CD1 1 
ATOM   317  C CD2 . LEU A 1 46  ? -5.303  -10.932 -5.525  1.00 24.57 ? 46  LEU A CD2 1 
ATOM   318  N N   . ARG A 1 47  ? -10.066 -8.094  -4.374  1.00 36.51 ? 47  ARG A N   1 
ATOM   319  C CA  . ARG A 1 47  ? -11.560 -8.203  -4.258  1.00 40.48 ? 47  ARG A CA  1 
ATOM   320  C C   . ARG A 1 47  ? -12.293 -8.836  -5.500  1.00 40.95 ? 47  ARG A C   1 
ATOM   321  O O   . ARG A 1 47  ? -13.518 -8.973  -5.482  1.00 41.33 ? 47  ARG A O   1 
ATOM   322  C CB  . ARG A 1 47  ? -12.192 -6.841  -3.992  1.00 40.02 ? 47  ARG A CB  1 
ATOM   323  C CG  . ARG A 1 47  ? -11.433 -6.032  -3.078  1.00 42.55 ? 47  ARG A CG  1 
ATOM   324  C CD  . ARG A 1 47  ? -12.268 -4.845  -2.711  1.00 53.17 ? 47  ARG A CD  1 
ATOM   325  N NE  . ARG A 1 47  ? -11.554 -3.975  -1.777  1.00 56.31 ? 47  ARG A NE  1 
ATOM   326  C CZ  . ARG A 1 47  ? -11.278 -2.710  -2.047  1.00 60.52 ? 47  ARG A CZ  1 
ATOM   327  N NH1 . ARG A 1 47  ? -11.703 -2.196  -3.231  1.00 58.48 ? 47  ARG A NH1 1 
ATOM   328  N NH2 . ARG A 1 47  ? -10.580 -1.990  -1.144  1.00 59.72 ? 47  ARG A NH2 1 
ATOM   329  N N   . THR A 1 48  ? -11.542 -9.159  -6.569  1.00 42.34 ? 48  THR A N   1 
ATOM   330  C CA  . THR A 1 48  ? -12.048 -9.758  -7.819  1.00 42.54 ? 48  THR A CA  1 
ATOM   331  C C   . THR A 1 48  ? -10.954 -10.694 -8.266  1.00 43.39 ? 48  THR A C   1 
ATOM   332  O O   . THR A 1 48  ? -9.727  -10.353 -8.111  1.00 43.16 ? 48  THR A O   1 
ATOM   333  C CB  . THR A 1 48  ? -12.261 -8.685  -8.951  1.00 43.66 ? 48  THR A CB  1 
ATOM   334  O OG1 . THR A 1 48  ? -11.188 -7.713  -8.975  1.00 42.99 ? 48  THR A OG1 1 
ATOM   335  C CG2 . THR A 1 48  ? -13.593 -7.943  -8.755  1.00 45.05 ? 48  THR A CG2 1 
ATOM   336  N N   . GLU A 1 49  ? -11.362 -11.853 -8.811  1.00 42.71 ? 49  GLU A N   1 
ATOM   337  C CA  . GLU A 1 49  ? -10.409 -12.841 -9.398  1.00 42.98 ? 49  GLU A CA  1 
ATOM   338  C C   . GLU A 1 49  ? -9.538  -12.211 -10.478 1.00 40.38 ? 49  GLU A C   1 
ATOM   339  O O   . GLU A 1 49  ? -8.443  -12.754 -10.793 1.00 39.93 ? 49  GLU A O   1 
ATOM   340  C CB  . GLU A 1 49  ? -11.105 -14.056 -9.999  1.00 43.67 ? 49  GLU A CB  1 
ATOM   341  C CG  . GLU A 1 49  ? -12.363 -14.440 -9.229  1.00 54.06 ? 49  GLU A CG  1 
ATOM   342  C CD  . GLU A 1 49  ? -13.465 -13.349 -9.298  1.00 66.69 ? 49  GLU A CD  1 
ATOM   343  O OE1 . GLU A 1 49  ? -13.306 -12.399 -10.144 1.00 73.79 ? 49  GLU A OE1 1 
ATOM   344  O OE2 . GLU A 1 49  ? -14.465 -13.426 -8.510  1.00 66.47 ? 49  GLU A OE2 1 
ATOM   345  N N   . LYS A 1 50  ? -10.021 -11.088 -11.035 1.00 36.48 ? 50  LYS A N   1 
ATOM   346  C CA  . LYS A 1 50  ? -9.282  -10.430 -12.081 1.00 34.06 ? 50  LYS A CA  1 
ATOM   347  C C   . LYS A 1 50  ? -8.124  -9.705  -11.476 1.00 31.22 ? 50  LYS A C   1 
ATOM   348  O O   . LYS A 1 50  ? -7.257  -9.249  -12.232 1.00 31.85 ? 50  LYS A O   1 
ATOM   349  C CB  . LYS A 1 50  ? -10.099 -9.469  -12.924 1.00 33.94 ? 50  LYS A CB  1 
ATOM   350  C CG  . LYS A 1 50  ? -11.602 -9.733  -12.947 1.00 41.67 ? 50  LYS A CG  1 
ATOM   351  C CD  . LYS A 1 50  ? -12.279 -8.992  -14.127 1.00 50.09 ? 50  LYS A CD  1 
ATOM   352  C CE  . LYS A 1 50  ? -12.360 -9.924  -15.382 1.00 52.03 ? 50  LYS A CE  1 
ATOM   353  N NZ  . LYS A 1 50  ? -12.344 -9.108  -16.604 1.00 55.29 ? 50  LYS A NZ  1 
ATOM   354  N N   . GLY A 1 51  ? -8.072  -9.620  -10.145 1.00 27.11 ? 51  GLY A N   1 
ATOM   355  C CA  . GLY A 1 51  ? -6.974  -8.943  -9.506  1.00 25.33 ? 51  GLY A CA  1 
ATOM   356  C C   . GLY A 1 51  ? -5.725  -9.779  -9.746  1.00 25.76 ? 51  GLY A C   1 
ATOM   357  O O   . GLY A 1 51  ? -4.678  -9.271  -10.240 1.00 24.82 ? 51  GLY A O   1 
ATOM   358  N N   . LEU A 1 52  ? -5.854  -11.088 -9.485  1.00 24.29 ? 52  LEU A N   1 
ATOM   359  C CA  . LEU A 1 52  ? -4.869  -12.065 -9.957  1.00 24.22 ? 52  LEU A CA  1 
ATOM   360  C C   . LEU A 1 52  ? -4.361  -11.957 -11.427 1.00 24.53 ? 52  LEU A C   1 
ATOM   361  O O   . LEU A 1 52  ? -3.132  -11.929 -11.668 1.00 24.52 ? 52  LEU A O   1 
ATOM   362  C CB  . LEU A 1 52  ? -5.368  -13.518 -9.703  1.00 25.32 ? 52  LEU A CB  1 
ATOM   363  C CG  . LEU A 1 52  ? -5.544  -14.129 -8.292  1.00 22.45 ? 52  LEU A CG  1 
ATOM   364  C CD1 . LEU A 1 52  ? -5.699  -15.627 -8.477  1.00 20.03 ? 52  LEU A CD1 1 
ATOM   365  C CD2 . LEU A 1 52  ? -4.386  -13.729 -7.356  1.00 14.12 ? 52  LEU A CD2 1 
ATOM   366  N N   . GLU A 1 53  ? -5.280  -11.950 -12.397 1.00 24.17 ? 53  GLU A N   1 
ATOM   367  C CA  . GLU A 1 53  ? -4.922  -11.802 -13.816 1.00 25.14 ? 53  GLU A CA  1 
ATOM   368  C C   . GLU A 1 53  ? -4.122  -10.507 -13.973 1.00 22.39 ? 53  GLU A C   1 
ATOM   369  O O   . GLU A 1 53  ? -3.194  -10.468 -14.773 1.00 22.74 ? 53  GLU A O   1 
ATOM   370  C CB  . GLU A 1 53  ? -6.198  -11.733 -14.723 1.00 27.85 ? 53  GLU A CB  1 
ATOM   371  C CG  . GLU A 1 53  ? -7.141  -12.923 -14.703 1.00 33.95 ? 53  GLU A CG  1 
ATOM   372  C CD  . GLU A 1 53  ? -6.330  -14.178 -15.010 1.00 49.23 ? 53  GLU A CD  1 
ATOM   373  O OE1 . GLU A 1 53  ? -5.493  -14.166 -15.979 1.00 54.18 ? 53  GLU A OE1 1 
ATOM   374  O OE2 . GLU A 1 53  ? -6.496  -15.179 -14.259 1.00 57.50 ? 53  GLU A OE2 1 
ATOM   375  N N   . ALA A 1 54  ? -4.481  -9.460  -13.229 1.00 18.91 ? 54  ALA A N   1 
ATOM   376  C CA  . ALA A 1 54  ? -3.747  -8.202  -13.384 1.00 18.85 ? 54  ALA A CA  1 
ATOM   377  C C   . ALA A 1 54  ? -2.341  -8.250  -12.816 1.00 18.42 ? 54  ALA A C   1 
ATOM   378  O O   . ALA A 1 54  ? -1.428  -7.711  -13.460 1.00 16.76 ? 54  ALA A O   1 
ATOM   379  C CB  . ALA A 1 54  ? -4.503  -6.988  -12.846 1.00 18.39 ? 54  ALA A CB  1 
ATOM   380  N N   . LEU A 1 55  ? -2.136  -8.909  -11.659 1.00 18.07 ? 55  LEU A N   1 
ATOM   381  C CA  . LEU A 1 55  ? -0.740  -9.159  -11.176 1.00 18.04 ? 55  LEU A CA  1 
ATOM   382  C C   . LEU A 1 55  ? 0.073   -9.886  -12.237 1.00 17.98 ? 55  LEU A C   1 
ATOM   383  O O   . LEU A 1 55  ? 1.214   -9.505  -12.514 1.00 16.75 ? 55  LEU A O   1 
ATOM   384  C CB  . LEU A 1 55  ? -0.666  -9.930  -9.832  1.00 15.72 ? 55  LEU A CB  1 
ATOM   385  C CG  . LEU A 1 55  ? -1.226  -9.071  -8.677  1.00 18.66 ? 55  LEU A CG  1 
ATOM   386  C CD1 . LEU A 1 55  ? -1.504  -9.957  -7.471  1.00 8.89  ? 55  LEU A CD1 1 
ATOM   387  C CD2 . LEU A 1 55  ? -0.316  -7.890  -8.299  1.00 9.19  ? 55  LEU A CD2 1 
ATOM   388  N N   . LYS A 1 56  ? -0.515  -10.938 -12.829 1.00 19.08 ? 56  LYS A N   1 
ATOM   389  C CA  . LYS A 1 56  ? 0.151   -11.713 -13.941 1.00 18.21 ? 56  LYS A CA  1 
ATOM   390  C C   . LYS A 1 56  ? 0.512   -10.772 -15.037 1.00 17.85 ? 56  LYS A C   1 
ATOM   391  O O   . LYS A 1 56  ? 1.702   -10.696 -15.382 1.00 19.56 ? 56  LYS A O   1 
ATOM   392  C CB  . LYS A 1 56  ? -0.746  -12.866 -14.434 1.00 18.28 ? 56  LYS A CB  1 
ATOM   393  C CG  . LYS A 1 56  ? -0.738  -14.046 -13.436 1.00 21.04 ? 56  LYS A CG  1 
ATOM   394  C CD  . LYS A 1 56  ? -1.543  -15.173 -13.924 1.00 25.49 ? 56  LYS A CD  1 
ATOM   395  C CE  . LYS A 1 56  ? -2.049  -15.962 -12.785 1.00 28.48 ? 56  LYS A CE  1 
ATOM   396  N NZ  . LYS A 1 56  ? -3.458  -15.539 -12.682 1.00 30.69 ? 56  LYS A NZ  1 
ATOM   397  N N   . ALA A 1 57  ? -0.475  -9.993  -15.524 1.00 16.69 ? 57  ALA A N   1 
ATOM   398  C CA  . ALA A 1 57  ? -0.233  -9.055  -16.601 1.00 18.07 ? 57  ALA A CA  1 
ATOM   399  C C   . ALA A 1 57  ? 0.882   -7.994  -16.339 1.00 21.93 ? 57  ALA A C   1 
ATOM   400  O O   . ALA A 1 57  ? 1.589   -7.640  -17.306 1.00 24.32 ? 57  ALA A O   1 
ATOM   401  C CB  . ALA A 1 57  ? -1.536  -8.388  -17.026 1.00 17.44 ? 57  ALA A CB  1 
ATOM   402  N N   . LEU A 1 58  ? 1.071   -7.536  -15.069 1.00 22.45 ? 58  LEU A N   1 
ATOM   403  C CA  . LEU A 1 58  ? 2.000   -6.526  -14.692 1.00 24.41 ? 58  LEU A CA  1 
ATOM   404  C C   . LEU A 1 58  ? 3.340   -6.974  -14.176 1.00 26.72 ? 58  LEU A C   1 
ATOM   405  O O   . LEU A 1 58  ? 4.206   -6.108  -13.889 1.00 26.51 ? 58  LEU A O   1 
ATOM   406  C CB  . LEU A 1 58  ? 1.405   -5.653  -13.610 1.00 26.98 ? 58  LEU A CB  1 
ATOM   407  C CG  . LEU A 1 58  ? 0.259   -4.717  -14.069 1.00 27.71 ? 58  LEU A CG  1 
ATOM   408  C CD1 . LEU A 1 58  ? -0.024  -3.899  -12.841 1.00 35.02 ? 58  LEU A CD1 1 
ATOM   409  C CD2 . LEU A 1 58  ? 0.697   -3.848  -15.211 1.00 30.47 ? 58  LEU A CD2 1 
ATOM   410  N N   . ARG A 1 59  ? 3.518   -8.291  -14.061 1.00 29.15 ? 59  ARG A N   1 
ATOM   411  C CA  . ARG A 1 59  ? 4.777   -8.996  -13.682 1.00 31.42 ? 59  ARG A CA  1 
ATOM   412  C C   . ARG A 1 59  ? 6.110   -8.411  -14.257 1.00 32.93 ? 59  ARG A C   1 
ATOM   413  O O   . ARG A 1 59  ? 7.142   -8.379  -13.566 1.00 33.35 ? 59  ARG A O   1 
ATOM   414  C CB  . ARG A 1 59  ? 4.615   -10.379 -14.313 1.00 33.02 ? 59  ARG A CB  1 
ATOM   415  C CG  . ARG A 1 59  ? 5.312   -11.497 -13.602 1.00 34.49 ? 59  ARG A CG  1 
ATOM   416  C CD  . ARG A 1 59  ? 4.686   -12.879 -13.893 1.00 29.36 ? 59  ARG A CD  1 
ATOM   417  N NE  . ARG A 1 59  ? 4.892   -13.608 -12.619 1.00 29.49 ? 59  ARG A NE  1 
ATOM   418  C CZ  . ARG A 1 59  ? 4.134   -14.610 -12.147 1.00 26.30 ? 59  ARG A CZ  1 
ATOM   419  N NH1 . ARG A 1 59  ? 4.461   -15.127 -10.993 1.00 29.96 ? 59  ARG A NH1 1 
ATOM   420  N NH2 . ARG A 1 59  ? 3.053   -15.101 -12.801 1.00 21.26 ? 59  ARG A NH2 1 
ATOM   421  N N   . LYS A 1 60  ? 6.098   -7.967  -15.517 1.00 33.02 ? 60  LYS A N   1 
ATOM   422  C CA  . LYS A 1 60  ? 7.307   -7.496  -16.134 1.00 34.13 ? 60  LYS A CA  1 
ATOM   423  C C   . LYS A 1 60  ? 7.398   -5.989  -16.172 1.00 34.10 ? 60  LYS A C   1 
ATOM   424  O O   . LYS A 1 60  ? 8.389   -5.361  -16.697 1.00 33.91 ? 60  LYS A O   1 
ATOM   425  C CB  . LYS A 1 60  ? 7.481   -8.131  -17.518 1.00 35.48 ? 60  LYS A CB  1 
ATOM   426  C CG  . LYS A 1 60  ? 8.130   -9.634  -17.477 1.00 38.31 ? 60  LYS A CG  1 
ATOM   427  C CD  . LYS A 1 60  ? 8.960   -9.945  -16.174 1.00 41.55 ? 60  LYS A CD  1 
ATOM   428  C CE  . LYS A 1 60  ? 10.181  -8.955  -15.991 1.00 42.22 ? 60  LYS A CE  1 
ATOM   429  N NZ  . LYS A 1 60  ? 10.627  -8.898  -14.596 1.00 44.85 ? 60  LYS A NZ  1 
ATOM   430  N N   . SER A 1 61  ? 6.378   -5.386  -15.557 1.00 32.92 ? 61  SER A N   1 
ATOM   431  C CA  . SER A 1 61  ? 6.176   -3.957  -15.714 1.00 30.80 ? 61  SER A CA  1 
ATOM   432  C C   . SER A 1 61  ? 7.280   -3.142  -15.075 1.00 29.04 ? 61  SER A C   1 
ATOM   433  O O   . SER A 1 61  ? 7.467   -2.002  -15.421 1.00 29.40 ? 61  SER A O   1 
ATOM   434  C CB  . SER A 1 61  ? 4.816   -3.578  -15.185 1.00 30.69 ? 61  SER A CB  1 
ATOM   435  O OG  . SER A 1 61  ? 4.783   -3.831  -13.817 1.00 31.85 ? 61  SER A OG  1 
ATOM   436  N N   . GLY A 1 62  ? 8.036   -3.727  -14.170 1.00 27.93 ? 62  GLY A N   1 
ATOM   437  C CA  . GLY A 1 62  ? 9.045   -2.941  -13.405 1.00 27.17 ? 62  GLY A CA  1 
ATOM   438  C C   . GLY A 1 62  ? 8.455   -2.256  -12.128 1.00 25.75 ? 62  GLY A C   1 
ATOM   439  O O   . GLY A 1 62  ? 9.152   -1.622  -11.374 1.00 25.82 ? 62  GLY A O   1 
ATOM   440  N N   . LEU A 1 63  ? 7.144   -2.363  -11.917 1.00 23.94 ? 63  LEU A N   1 
ATOM   441  C CA  . LEU A 1 63  ? 6.461   -1.953  -10.691 1.00 21.22 ? 63  LEU A CA  1 
ATOM   442  C C   . LEU A 1 63  ? 6.745   -2.904  -9.472  1.00 20.44 ? 63  LEU A C   1 
ATOM   443  O O   . LEU A 1 63  ? 6.833   -4.200  -9.633  1.00 18.33 ? 63  LEU A O   1 
ATOM   444  C CB  . LEU A 1 63  ? 4.942   -1.956  -10.986 1.00 20.99 ? 63  LEU A CB  1 
ATOM   445  C CG  . LEU A 1 63  ? 4.391   -0.760  -11.769 1.00 16.58 ? 63  LEU A CG  1 
ATOM   446  C CD1 . LEU A 1 63  ? 2.877   -0.969  -11.933 1.00 13.18 ? 63  LEU A CD1 1 
ATOM   447  C CD2 . LEU A 1 63  ? 4.676   0.507   -11.050 1.00 11.92 ? 63  LEU A CD2 1 
ATOM   448  N N   . LEU A 1 64  ? 6.921   -2.285  -8.275  1.00 17.67 ? 64  LEU A N   1 
ATOM   449  C CA  . LEU A 1 64  ? 6.901   -3.063  -7.027  1.00 16.22 ? 64  LEU A CA  1 
ATOM   450  C C   . LEU A 1 64  ? 5.402   -3.358  -6.821  1.00 15.76 ? 64  LEU A C   1 
ATOM   451  O O   . LEU A 1 64  ? 4.646   -2.439  -6.586  1.00 16.69 ? 64  LEU A O   1 
ATOM   452  C CB  . LEU A 1 64  ? 7.451   -2.246  -5.893  1.00 16.42 ? 64  LEU A CB  1 
ATOM   453  C CG  . LEU A 1 64  ? 7.347   -2.980  -4.535  1.00 17.01 ? 64  LEU A CG  1 
ATOM   454  C CD1 . LEU A 1 64  ? 8.473   -3.950  -4.346  1.00 12.97 ? 64  LEU A CD1 1 
ATOM   455  C CD2 . LEU A 1 64  ? 7.380   -1.935  -3.447  1.00 19.57 ? 64  LEU A CD2 1 
ATOM   456  N N   . LEU A 1 65  ? 4.951   -4.588  -7.003  1.00 13.68 ? 65  LEU A N   1 
ATOM   457  C CA  . LEU A 1 65  ? 3.532   -4.849  -7.005  1.00 13.50 ? 65  LEU A CA  1 
ATOM   458  C C   . LEU A 1 65  ? 3.113   -5.364  -5.614  1.00 14.14 ? 65  LEU A C   1 
ATOM   459  O O   . LEU A 1 65  ? 3.734   -6.291  -5.076  1.00 11.51 ? 65  LEU A O   1 
ATOM   460  C CB  . LEU A 1 65  ? 3.237   -6.012  -7.965  1.00 14.34 ? 65  LEU A CB  1 
ATOM   461  C CG  . LEU A 1 65  ? 3.260   -5.718  -9.466  1.00 14.89 ? 65  LEU A CG  1 
ATOM   462  C CD1 . LEU A 1 65  ? 2.971   -6.979  -10.269 1.00 8.59  ? 65  LEU A CD1 1 
ATOM   463  C CD2 . LEU A 1 65  ? 2.143   -4.659  -9.744  1.00 16.99 ? 65  LEU A CD2 1 
ATOM   464  N N   . GLY A 1 66  ? 2.068   -4.783  -5.062  1.00 12.67 ? 66  GLY A N   1 
ATOM   465  C CA  . GLY A 1 66  ? 1.496   -5.300  -3.849  1.00 15.17 ? 66  GLY A CA  1 
ATOM   466  C C   . GLY A 1 66  ? 0.145   -6.004  -4.066  1.00 14.95 ? 66  GLY A C   1 
ATOM   467  O O   . GLY A 1 66  ? -0.609  -5.648  -5.009  1.00 14.28 ? 66  GLY A O   1 
ATOM   468  N N   . ALA A 1 67  ? -0.149  -6.990  -3.203  1.00 12.08 ? 67  ALA A N   1 
ATOM   469  C CA  . ALA A 1 67  ? -1.448  -7.598  -3.245  1.00 11.51 ? 67  ALA A CA  1 
ATOM   470  C C   . ALA A 1 67  ? -2.247  -7.174  -2.055  1.00 11.15 ? 67  ALA A C   1 
ATOM   471  O O   . ALA A 1 67  ? -1.796  -7.351  -0.894  1.00 10.17 ? 67  ALA A O   1 
ATOM   472  C CB  . ALA A 1 67  ? -1.349  -9.208  -3.325  1.00 12.13 ? 67  ALA A CB  1 
ATOM   473  N N   . GLY A 1 68  ? -3.439  -6.659  -2.311  1.00 10.87 ? 68  GLY A N   1 
ATOM   474  C CA  . GLY A 1 68  ? -4.242  -6.031  -1.190  1.00 11.96 ? 68  GLY A CA  1 
ATOM   475  C C   . GLY A 1 68  ? -5.384  -6.963  -0.903  1.00 12.53 ? 68  GLY A C   1 
ATOM   476  O O   . GLY A 1 68  ? -5.596  -7.936  -1.666  1.00 12.94 ? 68  GLY A O   1 
ATOM   477  N N   . THR A 1 69  ? -6.116  -6.688  0.159   1.00 14.31 ? 69  THR A N   1 
ATOM   478  C CA  . THR A 1 69  ? -7.190  -7.551  0.682   1.00 17.27 ? 69  THR A CA  1 
ATOM   479  C C   . THR A 1 69  ? -6.819  -9.008  0.723   1.00 16.84 ? 69  THR A C   1 
ATOM   480  O O   . THR A 1 69  ? -7.662  -9.874  0.410   1.00 20.17 ? 69  THR A O   1 
ATOM   481  C CB  . THR A 1 69  ? -8.415  -7.520  -0.183  1.00 18.95 ? 69  THR A CB  1 
ATOM   482  O OG1 . THR A 1 69  ? -8.327  -6.436  -1.104  1.00 25.41 ? 69  THR A OG1 1 
ATOM   483  C CG2 . THR A 1 69  ? -9.594  -7.235  0.661   1.00 24.15 ? 69  THR A CG2 1 
ATOM   484  N N   . VAL A 1 70  ? -5.574  -9.334  1.062   1.00 14.77 ? 70  VAL A N   1 
ATOM   485  C CA  . VAL A 1 70  ? -5.200  -10.763 1.187   1.00 14.12 ? 70  VAL A CA  1 
ATOM   486  C C   . VAL A 1 70  ? -5.715  -11.284 2.571   1.00 14.96 ? 70  VAL A C   1 
ATOM   487  O O   . VAL A 1 70  ? -5.148  -10.984 3.638   1.00 13.55 ? 70  VAL A O   1 
ATOM   488  C CB  . VAL A 1 70  ? -3.707  -10.898 1.178   1.00 11.38 ? 70  VAL A CB  1 
ATOM   489  C CG1 . VAL A 1 70  ? -3.306  -12.242 1.685   1.00 12.85 ? 70  VAL A CG1 1 
ATOM   490  C CG2 . VAL A 1 70  ? -3.145  -10.585 -0.161  1.00 11.75 ? 70  VAL A CG2 1 
ATOM   491  N N   . ARG A 1 71  ? -6.763  -12.097 2.533   1.00 15.58 ? 71  ARG A N   1 
ATOM   492  C CA  . ARG A 1 71  ? -7.462  -12.503 3.750   1.00 14.67 ? 71  ARG A CA  1 
ATOM   493  C C   . ARG A 1 71  ? -7.277  -13.959 4.301   1.00 12.35 ? 71  ARG A C   1 
ATOM   494  O O   . ARG A 1 71  ? -8.049  -14.359 5.133   1.00 9.72  ? 71  ARG A O   1 
ATOM   495  C CB  . ARG A 1 71  ? -8.931  -12.109 3.614   1.00 15.67 ? 71  ARG A CB  1 
ATOM   496  C CG  . ARG A 1 71  ? -9.073  -10.615 3.368   1.00 17.71 ? 71  ARG A CG  1 
ATOM   497  C CD  . ARG A 1 71  ? -10.540 -10.378 3.224   1.00 16.85 ? 71  ARG A CD  1 
ATOM   498  N NE  . ARG A 1 71  ? -11.146 -10.684 4.494   1.00 13.53 ? 71  ARG A NE  1 
ATOM   499  C CZ  . ARG A 1 71  ? -12.423 -10.988 4.632   1.00 20.34 ? 71  ARG A CZ  1 
ATOM   500  N NH1 . ARG A 1 71  ? -13.189 -10.967 3.538   1.00 21.63 ? 71  ARG A NH1 1 
ATOM   501  N NH2 . ARG A 1 71  ? -12.937 -11.318 5.828   1.00 14.44 ? 71  ARG A NH2 1 
ATOM   502  N N   . SER A 1 72  ? -6.282  -14.707 3.808   1.00 12.38 ? 72  SER A N   1 
ATOM   503  C CA  . SER A 1 72  ? -5.964  -16.141 4.152   1.00 13.29 ? 72  SER A CA  1 
ATOM   504  C C   . SER A 1 72  ? -4.558  -16.504 3.542   1.00 14.46 ? 72  SER A C   1 
ATOM   505  O O   . SER A 1 72  ? -4.101  -15.856 2.553   1.00 16.75 ? 72  SER A O   1 
ATOM   506  C CB  . SER A 1 72  ? -7.020  -17.058 3.617   1.00 9.09  ? 72  SER A CB  1 
ATOM   507  O OG  . SER A 1 72  ? -6.895  -17.143 2.183   1.00 18.08 ? 72  SER A OG  1 
ATOM   508  N N   . PRO A 1 73  ? -3.831  -17.468 4.151   1.00 15.08 ? 73  PRO A N   1 
ATOM   509  C CA  . PRO A 1 73  ? -2.517  -17.958 3.674   1.00 14.19 ? 73  PRO A CA  1 
ATOM   510  C C   . PRO A 1 73  ? -2.589  -18.423 2.222   1.00 14.77 ? 73  PRO A C   1 
ATOM   511  O O   . PRO A 1 73  ? -1.741  -18.079 1.403   1.00 14.71 ? 73  PRO A O   1 
ATOM   512  C CB  . PRO A 1 73  ? -2.250  -19.160 4.592   1.00 15.54 ? 73  PRO A CB  1 
ATOM   513  C CG  . PRO A 1 73  ? -3.004  -18.840 5.909   1.00 12.88 ? 73  PRO A CG  1 
ATOM   514  C CD  . PRO A 1 73  ? -4.267  -18.149 5.412   1.00 15.70 ? 73  PRO A CD  1 
ATOM   515  N N   . LYS A 1 74  ? -3.658  -19.101 1.861   1.00 16.91 ? 74  LYS A N   1 
ATOM   516  C CA  . LYS A 1 74  ? -3.836  -19.579 0.469   1.00 19.86 ? 74  LYS A CA  1 
ATOM   517  C C   . LYS A 1 74  ? -3.977  -18.412 -0.422  1.00 17.93 ? 74  LYS A C   1 
ATOM   518  O O   . LYS A 1 74  ? -3.347  -18.429 -1.469  1.00 18.30 ? 74  LYS A O   1 
ATOM   519  C CB  . LYS A 1 74  ? -5.124  -20.443 0.276   1.00 20.40 ? 74  LYS A CB  1 
ATOM   520  C CG  . LYS A 1 74  ? -4.991  -21.950 0.480   1.00 23.58 ? 74  LYS A CG  1 
ATOM   521  C CD  . LYS A 1 74  ? -5.981  -22.733 -0.485  1.00 28.09 ? 74  LYS A CD  1 
ATOM   522  C CE  . LYS A 1 74  ? -6.292  -24.149 0.022   1.00 36.17 ? 74  LYS A CE  1 
ATOM   523  N NZ  . LYS A 1 74  ? -5.001  -25.003 0.351   1.00 41.15 ? 74  LYS A NZ  1 
ATOM   524  N N   . GLU A 1 75  ? -4.837  -17.415 -0.067  1.00 15.84 ? 75  GLU A N   1 
ATOM   525  C CA  . GLU A 1 75  ? -4.961  -16.275 -1.005  1.00 14.31 ? 75  GLU A CA  1 
ATOM   526  C C   . GLU A 1 75  ? -3.594  -15.578 -1.115  1.00 12.45 ? 75  GLU A C   1 
ATOM   527  O O   . GLU A 1 75  ? -3.183  -15.111 -2.178  1.00 11.52 ? 75  GLU A O   1 
ATOM   528  C CB  . GLU A 1 75  ? -5.988  -15.270 -0.650  1.00 12.95 ? 75  GLU A CB  1 
ATOM   529  C CG  . GLU A 1 75  ? -7.341  -15.657 -0.799  1.00 16.33 ? 75  GLU A CG  1 
ATOM   530  C CD  . GLU A 1 75  ? -8.250  -14.664 -0.029  1.00 25.86 ? 75  GLU A CD  1 
ATOM   531  O OE1 . GLU A 1 75  ? -9.412  -15.068 0.319   1.00 29.44 ? 75  GLU A OE1 1 
ATOM   532  O OE2 . GLU A 1 75  ? -7.808  -13.503 0.250   1.00 22.51 ? 75  GLU A OE2 1 
ATOM   533  N N   . ALA A 1 76  ? -2.896  -15.548 -0.004  1.00 10.53 ? 76  ALA A N   1 
ATOM   534  C CA  . ALA A 1 76  ? -1.558  -15.013 0.013   1.00 12.41 ? 76  ALA A CA  1 
ATOM   535  C C   . ALA A 1 76  ? -0.570  -15.748 -0.917  1.00 12.56 ? 76  ALA A C   1 
ATOM   536  O O   . ALA A 1 76  ? 0.115   -15.127 -1.711  1.00 11.98 ? 76  ALA A O   1 
ATOM   537  C CB  . ALA A 1 76  ? -1.068  -15.112 1.413   1.00 14.30 ? 76  ALA A CB  1 
ATOM   538  N N   . GLU A 1 77  ? -0.504  -17.087 -0.832  1.00 12.37 ? 77  GLU A N   1 
ATOM   539  C CA  . GLU A 1 77  ? 0.289   -17.872 -1.773  1.00 10.59 ? 77  GLU A CA  1 
ATOM   540  C C   . GLU A 1 77  ? -0.060  -17.566 -3.220  1.00 12.18 ? 77  GLU A C   1 
ATOM   541  O O   . GLU A 1 77  ? 0.873   -17.242 -4.043  1.00 11.95 ? 77  GLU A O   1 
ATOM   542  C CB  . GLU A 1 77  ? 0.133   -19.364 -1.500  1.00 11.24 ? 77  GLU A CB  1 
ATOM   543  C CG  . GLU A 1 77  ? 0.957   -20.200 -2.377  1.00 5.91  ? 77  GLU A CG  1 
ATOM   544  C CD  . GLU A 1 77  ? 2.485   -19.890 -2.402  1.00 10.98 ? 77  GLU A CD  1 
ATOM   545  O OE1 . GLU A 1 77  ? 3.068   -19.336 -1.396  1.00 12.37 ? 77  GLU A OE1 1 
ATOM   546  O OE2 . GLU A 1 77  ? 3.149   -20.228 -3.480  1.00 11.67 ? 77  GLU A OE2 1 
ATOM   547  N N   . ALA A 1 78  ? -1.348  -17.664 -3.560  1.00 10.41 ? 78  ALA A N   1 
ATOM   548  C CA  . ALA A 1 78  ? -1.831  -17.397 -4.943  1.00 12.42 ? 78  ALA A CA  1 
ATOM   549  C C   . ALA A 1 78  ? -1.288  -16.027 -5.488  1.00 14.65 ? 78  ALA A C   1 
ATOM   550  O O   . ALA A 1 78  ? -0.692  -15.934 -6.556  1.00 17.87 ? 78  ALA A O   1 
ATOM   551  C CB  . ALA A 1 78  ? -3.523  -17.513 -4.965  1.00 9.85  ? 78  ALA A CB  1 
ATOM   552  N N   . ALA A 1 79  ? -1.420  -14.966 -4.694  1.00 16.71 ? 79  ALA A N   1 
ATOM   553  C CA  . ALA A 1 79  ? -0.922  -13.620 -5.028  1.00 17.17 ? 79  ALA A CA  1 
ATOM   554  C C   . ALA A 1 79  ? 0.533   -13.625 -5.383  1.00 17.74 ? 79  ALA A C   1 
ATOM   555  O O   . ALA A 1 79  ? 0.933   -12.904 -6.311  1.00 18.43 ? 79  ALA A O   1 
ATOM   556  C CB  . ALA A 1 79  ? -1.137  -12.588 -3.846  1.00 14.90 ? 79  ALA A CB  1 
ATOM   557  N N   . LEU A 1 80  ? 1.333   -14.332 -4.582  1.00 17.06 ? 80  LEU A N   1 
ATOM   558  C CA  . LEU A 1 80  ? 2.775   -14.409 -4.791  1.00 16.88 ? 80  LEU A CA  1 
ATOM   559  C C   . LEU A 1 80  ? 3.078   -15.143 -6.106  1.00 17.68 ? 80  LEU A C   1 
ATOM   560  O O   . LEU A 1 80  ? 3.884   -14.729 -6.886  1.00 18.37 ? 80  LEU A O   1 
ATOM   561  C CB  . LEU A 1 80  ? 3.391   -15.164 -3.600  1.00 16.25 ? 80  LEU A CB  1 
ATOM   562  C CG  . LEU A 1 80  ? 3.418   -14.453 -2.237  1.00 15.71 ? 80  LEU A CG  1 
ATOM   563  C CD1 . LEU A 1 80  ? 4.290   -15.179 -1.294  1.00 17.10 ? 80  LEU A CD1 1 
ATOM   564  C CD2 . LEU A 1 80  ? 3.991   -13.007 -2.359  1.00 11.19 ? 80  LEU A CD2 1 
ATOM   565  N N   . GLU A 1 81  ? 2.380   -16.234 -6.377  1.00 19.31 ? 81  GLU A N   1 
ATOM   566  C CA  . GLU A 1 81  ? 2.591   -16.947 -7.631  1.00 20.40 ? 81  GLU A CA  1 
ATOM   567  C C   . GLU A 1 81  ? 2.055   -16.088 -8.851  1.00 21.30 ? 81  GLU A C   1 
ATOM   568  O O   . GLU A 1 81  ? 2.389   -16.322 -10.043 1.00 19.45 ? 81  GLU A O   1 
ATOM   569  C CB  . GLU A 1 81  ? 1.951   -18.322 -7.561  1.00 19.38 ? 81  GLU A CB  1 
ATOM   570  C CG  . GLU A 1 81  ? 2.560   -19.339 -6.496  1.00 19.87 ? 81  GLU A CG  1 
ATOM   571  C CD  . GLU A 1 81  ? 1.592   -20.552 -6.303  1.00 21.32 ? 81  GLU A CD  1 
ATOM   572  O OE1 . GLU A 1 81  ? 0.711   -20.788 -7.208  1.00 24.63 ? 81  GLU A OE1 1 
ATOM   573  O OE2 . GLU A 1 81  ? 1.655   -21.219 -5.246  1.00 17.08 ? 81  GLU A OE2 1 
ATOM   574  N N   . ALA A 1 82  ? 1.225   -15.099 -8.539  1.00 20.53 ? 82  ALA A N   1 
ATOM   575  C CA  . ALA A 1 82  ? 0.791   -14.246 -9.593  1.00 19.96 ? 82  ALA A CA  1 
ATOM   576  C C   . ALA A 1 82  ? 1.799   -13.148 -9.939  1.00 20.24 ? 82  ALA A C   1 
ATOM   577  O O   . ALA A 1 82  ? 1.647   -12.541 -11.016 1.00 22.57 ? 82  ALA A O   1 
ATOM   578  C CB  . ALA A 1 82  ? -0.671  -13.699 -9.402  1.00 18.04 ? 82  ALA A CB  1 
ATOM   579  N N   . GLY A 1 83  ? 2.849   -12.915 -9.114  1.00 18.65 ? 83  GLY A N   1 
ATOM   580  C CA  . GLY A 1 83  ? 3.797   -11.853 -9.364  1.00 14.37 ? 83  GLY A CA  1 
ATOM   581  C C   . GLY A 1 83  ? 3.892   -10.846 -8.239  1.00 15.53 ? 83  GLY A C   1 
ATOM   582  O O   . GLY A 1 83  ? 4.612   -9.832  -8.347  1.00 17.75 ? 83  GLY A O   1 
ATOM   583  N N   . ALA A 1 84  ? 3.176   -11.037 -7.128  1.00 15.42 ? 84  ALA A N   1 
ATOM   584  C CA  . ALA A 1 84  ? 3.207   -10.050 -6.066  1.00 13.89 ? 84  ALA A CA  1 
ATOM   585  C C   . ALA A 1 84  ? 4.493   -10.140 -5.289  1.00 15.51 ? 84  ALA A C   1 
ATOM   586  O O   . ALA A 1 84  ? 4.948   -11.254 -5.019  1.00 16.50 ? 84  ALA A O   1 
ATOM   587  C CB  . ALA A 1 84  ? 1.970   -10.099 -5.136  1.00 11.49 ? 84  ALA A CB  1 
ATOM   588  N N   . ALA A 1 85  ? 5.026   -8.969  -4.894  1.00 15.64 ? 85  ALA A N   1 
ATOM   589  C CA  . ALA A 1 85  ? 6.226   -8.847  -4.168  1.00 16.13 ? 85  ALA A CA  1 
ATOM   590  C C   . ALA A 1 85  ? 5.971   -8.510  -2.692  1.00 17.26 ? 85  ALA A C   1 
ATOM   591  O O   . ALA A 1 85  ? 6.925   -8.559  -1.871  1.00 19.82 ? 85  ALA A O   1 
ATOM   592  C CB  . ALA A 1 85  ? 7.105   -7.755  -4.816  1.00 12.99 ? 85  ALA A CB  1 
ATOM   593  N N   . PHE A 1 86  ? 4.759   -8.094  -2.351  1.00 16.63 ? 86  PHE A N   1 
ATOM   594  C CA  . PHE A 1 86  ? 4.401   -7.754  -0.922  1.00 15.80 ? 86  PHE A CA  1 
ATOM   595  C C   . PHE A 1 86  ? 2.882   -7.964  -0.741  1.00 14.90 ? 86  PHE A C   1 
ATOM   596  O O   . PHE A 1 86  ? 2.126   -7.936  -1.771  1.00 15.03 ? 86  PHE A O   1 
ATOM   597  C CB  . PHE A 1 86  ? 4.941   -6.412  -0.367  1.00 14.33 ? 86  PHE A CB  1 
ATOM   598  C CG  . PHE A 1 86  ? 4.284   -5.159  -0.967  1.00 20.11 ? 86  PHE A CG  1 
ATOM   599  C CD1 . PHE A 1 86  ? 3.153   -4.569  -0.347  1.00 14.43 ? 86  PHE A CD1 1 
ATOM   600  C CD2 . PHE A 1 86  ? 4.810   -4.558  -2.207  1.00 22.86 ? 86  PHE A CD2 1 
ATOM   601  C CE1 . PHE A 1 86  ? 2.505   -3.469  -0.912  1.00 16.57 ? 86  PHE A CE1 1 
ATOM   602  C CE2 . PHE A 1 86  ? 4.184   -3.432  -2.786  1.00 19.56 ? 86  PHE A CE2 1 
ATOM   603  C CZ  . PHE A 1 86  ? 2.994   -2.853  -2.085  1.00 18.59 ? 86  PHE A CZ  1 
ATOM   604  N N   . LEU A 1 87  ? 2.468   -8.239  0.519   1.00 10.71 ? 87  LEU A N   1 
ATOM   605  C CA  . LEU A 1 87  ? 1.121   -8.538  0.812   1.00 9.20  ? 87  LEU A CA  1 
ATOM   606  C C   . LEU A 1 87  ? 0.549   -7.550  1.800   1.00 9.18  ? 87  LEU A C   1 
ATOM   607  O O   . LEU A 1 87  ? 1.244   -7.134  2.778   1.00 9.93  ? 87  LEU A O   1 
ATOM   608  C CB  . LEU A 1 87  ? 1.057   -9.928  1.434   1.00 9.19  ? 87  LEU A CB  1 
ATOM   609  C CG  . LEU A 1 87  ? 1.836   -11.036 0.697   1.00 11.48 ? 87  LEU A CG  1 
ATOM   610  C CD1 . LEU A 1 87  ? 1.997   -12.383 1.465   1.00 7.44  ? 87  LEU A CD1 1 
ATOM   611  C CD2 . LEU A 1 87  ? 1.074   -11.247 -0.621  1.00 14.64 ? 87  LEU A CD2 1 
ATOM   612  N N   . VAL A 1 88  ? -0.748  -7.265  1.622   1.00 6.65  ? 88  VAL A N   1 
ATOM   613  C CA  . VAL A 1 88  ? -1.458  -6.356  2.434   1.00 6.19  ? 88  VAL A CA  1 
ATOM   614  C C   . VAL A 1 88  ? -2.828  -7.001  2.765   1.00 8.06  ? 88  VAL A C   1 
ATOM   615  O O   . VAL A 1 88  ? -3.472  -7.689  1.905   1.00 8.99  ? 88  VAL A O   1 
ATOM   616  C CB  . VAL A 1 88  ? -1.638  -5.021  1.643   1.00 7.10  ? 88  VAL A CB  1 
ATOM   617  C CG1 . VAL A 1 88  ? -2.111  -3.998  2.534   1.00 5.59  ? 88  VAL A CG1 1 
ATOM   618  C CG2 . VAL A 1 88  ? -0.257  -4.467  0.937   1.00 3.00  ? 88  VAL A CG2 1 
ATOM   619  N N   . SER A 1 89  ? -3.316  -6.786  3.989   1.00 7.81  ? 89  SER A N   1 
ATOM   620  C CA  . SER A 1 89  ? -4.676  -7.275  4.394   1.00 9.43  ? 89  SER A CA  1 
ATOM   621  C C   . SER A 1 89  ? -5.243  -6.159  5.258   1.00 9.66  ? 89  SER A C   1 
ATOM   622  O O   . SER A 1 89  ? -4.441  -5.396  5.887   1.00 8.14  ? 89  SER A O   1 
ATOM   623  C CB  . SER A 1 89  ? -4.506  -8.499  5.317   1.00 10.38 ? 89  SER A CB  1 
ATOM   624  O OG  . SER A 1 89  ? -3.632  -8.083  6.399   1.00 12.19 ? 89  SER A OG  1 
ATOM   625  N N   . PRO A 1 90  ? -6.593  -6.047  5.337   1.00 9.81  ? 90  PRO A N   1 
ATOM   626  C CA  . PRO A 1 90  ? -7.235  -4.965  6.146   1.00 9.14  ? 90  PRO A CA  1 
ATOM   627  C C   . PRO A 1 90  ? -6.975  -5.039  7.618   1.00 11.00 ? 90  PRO A C   1 
ATOM   628  O O   . PRO A 1 90  ? -6.887  -3.990  8.223   1.00 11.48 ? 90  PRO A O   1 
ATOM   629  C CB  . PRO A 1 90  ? -8.707  -5.103  5.877   1.00 8.55  ? 90  PRO A CB  1 
ATOM   630  C CG  . PRO A 1 90  ? -8.889  -6.564  5.290   1.00 6.79  ? 90  PRO A CG  1 
ATOM   631  C CD  . PRO A 1 90  ? -7.569  -6.910  4.656   1.00 9.35  ? 90  PRO A CD  1 
ATOM   632  N N   . GLY A 1 91  ? -6.810  -6.251  8.177   1.00 12.41 ? 91  GLY A N   1 
ATOM   633  C CA  . GLY A 1 91  ? -6.485  -6.481  9.646   1.00 12.06 ? 91  GLY A CA  1 
ATOM   634  C C   . GLY A 1 91  ? -5.359  -7.476  9.672   1.00 12.91 ? 91  GLY A C   1 
ATOM   635  O O   . GLY A 1 91  ? -4.836  -7.920  8.610   1.00 12.29 ? 91  GLY A O   1 
ATOM   636  N N   . LEU A 1 92  ? -4.828  -7.669  10.852  1.00 13.37 ? 92  LEU A N   1 
ATOM   637  C CA  . LEU A 1 92  ? -3.671  -8.556  11.080  1.00 14.28 ? 92  LEU A CA  1 
ATOM   638  C C   . LEU A 1 92  ? -4.122  -10.060 11.018  1.00 13.80 ? 92  LEU A C   1 
ATOM   639  O O   . LEU A 1 92  ? -5.014  -10.513 11.780  1.00 13.51 ? 92  LEU A O   1 
ATOM   640  C CB  . LEU A 1 92  ? -3.179  -8.304  12.477  1.00 11.98 ? 92  LEU A CB  1 
ATOM   641  C CG  . LEU A 1 92  ? -2.180  -9.230  13.119  1.00 16.34 ? 92  LEU A CG  1 
ATOM   642  C CD1 . LEU A 1 92  ? -0.878  -9.217  12.258  1.00 16.48 ? 92  LEU A CD1 1 
ATOM   643  C CD2 . LEU A 1 92  ? -1.781  -8.643  14.513  1.00 18.49 ? 92  LEU A CD2 1 
ATOM   644  N N   . LEU A 1 93  ? -3.548  -10.821 10.090  1.00 13.17 ? 93  LEU A N   1 
ATOM   645  C CA  . LEU A 1 93  ? -3.731  -12.287 10.078  1.00 13.70 ? 93  LEU A CA  1 
ATOM   646  C C   . LEU A 1 93  ? -2.367  -12.938 10.404  1.00 14.42 ? 93  LEU A C   1 
ATOM   647  O O   . LEU A 1 93  ? -1.471  -12.837 9.610   1.00 15.70 ? 93  LEU A O   1 
ATOM   648  C CB  . LEU A 1 93  ? -4.302  -12.742 8.730   1.00 12.12 ? 93  LEU A CB  1 
ATOM   649  C CG  . LEU A 1 93  ? -5.688  -12.143 8.482   1.00 10.89 ? 93  LEU A CG  1 
ATOM   650  C CD1 . LEU A 1 93  ? -6.248  -12.522 7.111   1.00 6.05  ? 93  LEU A CD1 1 
ATOM   651  C CD2 . LEU A 1 93  ? -6.694  -12.555 9.625   1.00 6.58  ? 93  LEU A CD2 1 
ATOM   652  N N   . GLU A 1 94  ? -2.201  -13.513 11.602  1.00 16.54 ? 94  GLU A N   1 
ATOM   653  C CA  . GLU A 1 94  ? -1.006  -14.252 12.025  1.00 20.23 ? 94  GLU A CA  1 
ATOM   654  C C   . GLU A 1 94  ? -0.669  -15.334 11.007  1.00 17.06 ? 94  GLU A C   1 
ATOM   655  O O   . GLU A 1 94  ? 0.484   -15.544 10.707  1.00 16.21 ? 94  GLU A O   1 
ATOM   656  C CB  . GLU A 1 94  ? -1.255  -14.996 13.350  1.00 21.03 ? 94  GLU A CB  1 
ATOM   657  C CG  . GLU A 1 94  ? -0.897  -14.280 14.649  1.00 26.90 ? 94  GLU A CG  1 
ATOM   658  C CD  . GLU A 1 94  ? -0.428  -15.249 15.852  1.00 30.49 ? 94  GLU A CD  1 
ATOM   659  O OE1 . GLU A 1 94  ? -1.043  -15.017 16.933  1.00 35.26 ? 94  GLU A OE1 1 
ATOM   660  O OE2 . GLU A 1 94  ? 0.557   -16.152 15.703  1.00 38.37 ? 94  GLU A OE2 1 
ATOM   661  N N   . GLU A 1 95  ? -1.671  -16.017 10.472  1.00 15.94 ? 95  GLU A N   1 
ATOM   662  C CA  . GLU A 1 95  ? -1.350  -17.151 9.515   1.00 17.14 ? 95  GLU A CA  1 
ATOM   663  C C   . GLU A 1 95  ? -0.767  -16.621 8.155   1.00 15.38 ? 95  GLU A C   1 
ATOM   664  O O   . GLU A 1 95  ? 0.216   -17.215 7.610   1.00 15.44 ? 95  GLU A O   1 
ATOM   665  C CB  . GLU A 1 95  ? -2.541  -18.115 9.346   1.00 16.43 ? 95  GLU A CB  1 
ATOM   666  C CG  . GLU A 1 95  ? -3.065  -18.779 10.706  1.00 27.13 ? 95  GLU A CG  1 
ATOM   667  C CD  . GLU A 1 95  ? -1.929  -18.879 11.873  1.00 44.51 ? 95  GLU A CD  1 
ATOM   668  O OE1 . GLU A 1 95  ? -0.964  -19.715 11.748  1.00 49.40 ? 95  GLU A OE1 1 
ATOM   669  O OE2 . GLU A 1 95  ? -1.977  -18.114 12.922  1.00 46.34 ? 95  GLU A OE2 1 
ATOM   670  N N   . VAL A 1 96  ? -1.311  -15.486 7.679   1.00 11.37 ? 96  VAL A N   1 
ATOM   671  C CA  . VAL A 1 96  ? -0.736  -14.815 6.555   1.00 10.01 ? 96  VAL A CA  1 
ATOM   672  C C   . VAL A 1 96  ? 0.667   -14.375 6.946   1.00 10.42 ? 96  VAL A C   1 
ATOM   673  O O   . VAL A 1 96  ? 1.540   -14.463 6.076   1.00 9.25  ? 96  VAL A O   1 
ATOM   674  C CB  . VAL A 1 96  ? -1.558  -13.596 6.138   1.00 10.70 ? 96  VAL A CB  1 
ATOM   675  C CG1 . VAL A 1 96  ? -0.856  -12.888 5.058   1.00 7.16  ? 96  VAL A CG1 1 
ATOM   676  C CG2 . VAL A 1 96  ? -3.015  -13.991 5.710   1.00 7.36  ? 96  VAL A CG2 1 
ATOM   677  N N   . ALA A 1 97  ? 0.937   -13.926 8.205   1.00 9.29  ? 97  ALA A N   1 
ATOM   678  C CA  . ALA A 1 97  ? 2.324   -13.510 8.494   1.00 10.45 ? 97  ALA A CA  1 
ATOM   679  C C   . ALA A 1 97  ? 3.266   -14.705 8.470   1.00 13.21 ? 97  ALA A C   1 
ATOM   680  O O   . ALA A 1 97  ? 4.463   -14.535 8.082   1.00 18.61 ? 97  ALA A O   1 
ATOM   681  C CB  . ALA A 1 97  ? 2.474   -12.787 9.773   1.00 8.91  ? 97  ALA A CB  1 
ATOM   682  N N   . ALA A 1 98  ? 2.810   -15.883 8.925   1.00 12.48 ? 98  ALA A N   1 
ATOM   683  C CA  . ALA A 1 98  ? 3.580   -17.099 8.869   1.00 12.68 ? 98  ALA A CA  1 
ATOM   684  C C   . ALA A 1 98  ? 3.839   -17.399 7.378   1.00 15.41 ? 98  ALA A C   1 
ATOM   685  O O   . ALA A 1 98  ? 4.967   -17.772 7.059   1.00 15.11 ? 98  ALA A O   1 
ATOM   686  C CB  . ALA A 1 98  ? 2.806   -18.239 9.412   1.00 10.04 ? 98  ALA A CB  1 
ATOM   687  N N   . LEU A 1 99  ? 2.823   -17.322 6.470   1.00 15.76 ? 99  LEU A N   1 
ATOM   688  C CA  . LEU A 1 99  ? 3.128   -17.578 5.044   1.00 16.40 ? 99  LEU A CA  1 
ATOM   689  C C   . LEU A 1 99  ? 4.207   -16.608 4.522   1.00 18.58 ? 99  LEU A C   1 
ATOM   690  O O   . LEU A 1 99  ? 5.116   -17.070 3.682   1.00 19.63 ? 99  LEU A O   1 
ATOM   691  C CB  . LEU A 1 99  ? 1.932   -17.395 4.165   1.00 15.89 ? 99  LEU A CB  1 
ATOM   692  C CG  . LEU A 1 99  ? 2.013   -17.657 2.655   1.00 17.84 ? 99  LEU A CG  1 
ATOM   693  C CD1 . LEU A 1 99  ? 2.412   -16.427 1.907   1.00 20.98 ? 99  LEU A CD1 1 
ATOM   694  C CD2 . LEU A 1 99  ? 2.924   -18.878 2.228   1.00 18.86 ? 99  LEU A CD2 1 
ATOM   695  N N   . ALA A 1 100 ? 4.146   -15.315 4.993   1.00 15.29 ? 100 ALA A N   1 
ATOM   696  C CA  . ALA A 1 100 ? 4.998   -14.272 4.456   1.00 14.28 ? 100 ALA A CA  1 
ATOM   697  C C   . ALA A 1 100 ? 6.399   -14.435 4.951   1.00 15.48 ? 100 ALA A C   1 
ATOM   698  O O   . ALA A 1 100 ? 7.381   -14.326 4.171   1.00 14.75 ? 100 ALA A O   1 
ATOM   699  C CB  . ALA A 1 100 ? 4.469   -12.920 4.783   1.00 13.51 ? 100 ALA A CB  1 
ATOM   700  N N   . GLN A 1 101 ? 6.539   -14.692 6.248   1.00 16.18 ? 101 GLN A N   1 
ATOM   701  C CA  . GLN A 1 101 ? 7.871   -15.007 6.718   1.00 18.82 ? 101 GLN A CA  1 
ATOM   702  C C   . GLN A 1 101 ? 8.400   -16.276 6.069   1.00 17.57 ? 101 GLN A C   1 
ATOM   703  O O   . GLN A 1 101 ? 9.522   -16.229 5.598   1.00 20.85 ? 101 GLN A O   1 
ATOM   704  C CB  . GLN A 1 101 ? 8.051   -15.000 8.247   1.00 20.96 ? 101 GLN A CB  1 
ATOM   705  C CG  . GLN A 1 101 ? 9.273   -15.789 8.625   1.00 28.21 ? 101 GLN A CG  1 
ATOM   706  C CD  . GLN A 1 101 ? 9.055   -16.508 9.943   1.00 39.19 ? 101 GLN A CD  1 
ATOM   707  O OE1 . GLN A 1 101 ? 8.831   -15.861 10.991  1.00 43.67 ? 101 GLN A OE1 1 
ATOM   708  N NE2 . GLN A 1 101 ? 9.098   -17.851 9.911   1.00 37.18 ? 101 GLN A NE2 1 
ATOM   709  N N   . ALA A 1 102 ? 7.602   -17.339 5.889   1.00 15.91 ? 102 ALA A N   1 
ATOM   710  C CA  . ALA A 1 102 ? 8.060   -18.514 5.133   1.00 16.52 ? 102 ALA A CA  1 
ATOM   711  C C   . ALA A 1 102 ? 8.639   -18.231 3.732   1.00 18.19 ? 102 ALA A C   1 
ATOM   712  O O   . ALA A 1 102 ? 9.553   -18.961 3.247   1.00 18.26 ? 102 ALA A O   1 
ATOM   713  C CB  . ALA A 1 102 ? 6.985   -19.534 4.984   1.00 16.03 ? 102 ALA A CB  1 
ATOM   714  N N   . ARG A 1 103 ? 8.032   -17.266 3.036   1.00 18.05 ? 103 ARG A N   1 
ATOM   715  C CA  . ARG A 1 103 ? 8.411   -17.027 1.668   1.00 18.64 ? 103 ARG A CA  1 
ATOM   716  C C   . ARG A 1 103 ? 9.341   -15.837 1.636   1.00 19.01 ? 103 ARG A C   1 
ATOM   717  O O   . ARG A 1 103 ? 9.803   -15.416 0.545   1.00 18.76 ? 103 ARG A O   1 
ATOM   718  C CB  . ARG A 1 103 ? 7.223   -16.751 0.809   1.00 18.08 ? 103 ARG A CB  1 
ATOM   719  C CG  . ARG A 1 103 ? 6.022   -17.654 1.005   1.00 22.51 ? 103 ARG A CG  1 
ATOM   720  C CD  . ARG A 1 103 ? 6.162   -18.987 0.292   1.00 26.59 ? 103 ARG A CD  1 
ATOM   721  N NE  . ARG A 1 103 ? 7.057   -18.818 -0.830  1.00 34.03 ? 103 ARG A NE  1 
ATOM   722  C CZ  . ARG A 1 103 ? 6.667   -18.706 -2.111  1.00 33.27 ? 103 ARG A CZ  1 
ATOM   723  N NH1 . ARG A 1 103 ? 5.404   -18.852 -2.478  1.00 30.70 ? 103 ARG A NH1 1 
ATOM   724  N NH2 . ARG A 1 103 ? 7.574   -18.518 -3.034  1.00 29.02 ? 103 ARG A NH2 1 
ATOM   725  N N   . GLY A 1 104 ? 9.666   -15.314 2.825   1.00 18.29 ? 104 GLY A N   1 
ATOM   726  C CA  . GLY A 1 104 ? 10.563  -14.170 2.848   1.00 19.05 ? 104 GLY A CA  1 
ATOM   727  C C   . GLY A 1 104 ? 10.072  -12.970 2.033   1.00 20.08 ? 104 GLY A C   1 
ATOM   728  O O   . GLY A 1 104 ? 10.844  -12.360 1.273   1.00 21.85 ? 104 GLY A O   1 
ATOM   729  N N   . VAL A 1 105 ? 8.801   -12.576 2.201   1.00 18.02 ? 105 VAL A N   1 
ATOM   730  C CA  . VAL A 1 105 ? 8.317   -11.367 1.545   1.00 16.11 ? 105 VAL A CA  1 
ATOM   731  C C   . VAL A 1 105 ? 7.655   -10.473 2.600   1.00 14.31 ? 105 VAL A C   1 
ATOM   732  O O   . VAL A 1 105 ? 7.001   -10.978 3.489   1.00 14.52 ? 105 VAL A O   1 
ATOM   733  C CB  . VAL A 1 105 ? 7.344   -11.668 0.401   1.00 15.62 ? 105 VAL A CB  1 
ATOM   734  C CG1 . VAL A 1 105 ? 7.859   -12.814 -0.442  1.00 16.05 ? 105 VAL A CG1 1 
ATOM   735  C CG2 . VAL A 1 105 ? 5.971   -12.063 0.921   1.00 18.50 ? 105 VAL A CG2 1 
ATOM   736  N N   . PRO A 1 106 ? 7.692   -9.158  2.393   1.00 11.70 ? 106 PRO A N   1 
ATOM   737  C CA  . PRO A 1 106 ? 7.046   -8.216  3.273   1.00 11.18 ? 106 PRO A CA  1 
ATOM   738  C C   . PRO A 1 106 ? 5.545   -8.391  3.456   1.00 12.14 ? 106 PRO A C   1 
ATOM   739  O O   . PRO A 1 106 ? 4.799   -8.664  2.462   1.00 10.25 ? 106 PRO A O   1 
ATOM   740  C CB  . PRO A 1 106 ? 7.314   -6.830  2.578   1.00 11.93 ? 106 PRO A CB  1 
ATOM   741  C CG  . PRO A 1 106 ? 8.521   -7.056  1.614   1.00 9.14  ? 106 PRO A CG  1 
ATOM   742  C CD  . PRO A 1 106 ? 8.233   -8.513  1.175   1.00 10.16 ? 106 PRO A CD  1 
ATOM   743  N N   . TYR A 1 107 ? 5.057   -8.213  4.719   1.00 12.62 ? 107 TYR A N   1 
ATOM   744  C CA  . TYR A 1 107 ? 3.552   -8.299  4.928   1.00 12.51 ? 107 TYR A CA  1 
ATOM   745  C C   . TYR A 1 107 ? 3.162   -7.078  5.749   1.00 12.81 ? 107 TYR A C   1 
ATOM   746  O O   . TYR A 1 107 ? 3.729   -6.851  6.820   1.00 11.24 ? 107 TYR A O   1 
ATOM   747  C CB  . TYR A 1 107 ? 3.119   -9.588  5.614   1.00 10.59 ? 107 TYR A CB  1 
ATOM   748  C CG  . TYR A 1 107 ? 1.690   -9.648  6.216   1.00 11.88 ? 107 TYR A CG  1 
ATOM   749  C CD1 . TYR A 1 107 ? 0.549   -9.177  5.473   1.00 10.85 ? 107 TYR A CD1 1 
ATOM   750  C CD2 . TYR A 1 107 ? 1.469   -10.170 7.543   1.00 8.97  ? 107 TYR A CD2 1 
ATOM   751  C CE1 . TYR A 1 107 ? -0.708  -9.257  5.974   1.00 4.04  ? 107 TYR A CE1 1 
ATOM   752  C CE2 . TYR A 1 107 ? 0.199   -10.287 8.056   1.00 6.52  ? 107 TYR A CE2 1 
ATOM   753  C CZ  . TYR A 1 107 ? -0.886  -9.799  7.265   1.00 10.10 ? 107 TYR A CZ  1 
ATOM   754  O OH  . TYR A 1 107 ? -2.161  -9.867  7.708   1.00 10.65 ? 107 TYR A OH  1 
ATOM   755  N N   . LEU A 1 108 ? 2.182   -6.304  5.268   1.00 13.45 ? 108 LEU A N   1 
ATOM   756  C CA  . LEU A 1 108 ? 1.820   -5.062  5.968   1.00 12.54 ? 108 LEU A CA  1 
ATOM   757  C C   . LEU A 1 108 ? 0.441   -5.330  6.437   1.00 12.29 ? 108 LEU A C   1 
ATOM   758  O O   . LEU A 1 108 ? -0.553  -5.183  5.655   1.00 15.00 ? 108 LEU A O   1 
ATOM   759  C CB  . LEU A 1 108 ? 1.917   -3.820  5.058   1.00 11.03 ? 108 LEU A CB  1 
ATOM   760  C CG  . LEU A 1 108 ? 3.271   -3.644  4.374   1.00 14.51 ? 108 LEU A CG  1 
ATOM   761  C CD1 . LEU A 1 108 ? 3.159   -4.065  2.867   1.00 17.90 ? 108 LEU A CD1 1 
ATOM   762  C CD2 . LEU A 1 108 ? 3.764   -2.257  4.364   1.00 16.16 ? 108 LEU A CD2 1 
ATOM   763  N N   . PRO A 1 109 ? 0.344   -5.845  7.674   1.00 11.87 ? 109 PRO A N   1 
ATOM   764  C CA  . PRO A 1 109 ? -1.029  -6.054  8.213   1.00 9.82  ? 109 PRO A CA  1 
ATOM   765  C C   . PRO A 1 109 ? -1.629  -4.672  8.492   1.00 10.37 ? 109 PRO A C   1 
ATOM   766  O O   . PRO A 1 109 ? -0.869  -3.776  8.916   1.00 8.74  ? 109 PRO A O   1 
ATOM   767  C CB  . PRO A 1 109 ? -0.803  -6.701  9.578   1.00 7.19  ? 109 PRO A CB  1 
ATOM   768  C CG  . PRO A 1 109 ? 0.657   -6.487  9.899   1.00 10.21 ? 109 PRO A CG  1 
ATOM   769  C CD  . PRO A 1 109 ? 1.433   -6.139  8.648   1.00 11.56 ? 109 PRO A CD  1 
ATOM   770  N N   . GLY A 1 110 ? -2.966  -4.502  8.340   1.00 10.36 ? 110 GLY A N   1 
ATOM   771  C CA  . GLY A 1 110 ? -3.647  -3.277  8.773   1.00 9.43  ? 110 GLY A CA  1 
ATOM   772  C C   . GLY A 1 110 ? -3.757  -3.274  10.285  1.00 10.12 ? 110 GLY A C   1 
ATOM   773  O O   . GLY A 1 110 ? -3.983  -4.316  10.874  1.00 11.09 ? 110 GLY A O   1 
ATOM   774  N N   . VAL A 1 111 ? -3.521  -2.115  10.918  1.00 9.21  ? 111 VAL A N   1 
ATOM   775  C CA  . VAL A 1 111 ? -3.735  -1.929  12.343  1.00 7.20  ? 111 VAL A CA  1 
ATOM   776  C C   . VAL A 1 111 ? -4.408  -0.613  12.582  1.00 9.19  ? 111 VAL A C   1 
ATOM   777  O O   . VAL A 1 111 ? -4.488  0.233   11.675  1.00 7.99  ? 111 VAL A O   1 
ATOM   778  C CB  . VAL A 1 111 ? -2.474  -1.959  13.200  1.00 5.09  ? 111 VAL A CB  1 
ATOM   779  C CG1 . VAL A 1 111 ? -1.816  -3.293  13.165  1.00 3.97  ? 111 VAL A CG1 1 
ATOM   780  C CG2 . VAL A 1 111 ? -1.555  -0.803  12.910  1.00 7.12  ? 111 VAL A CG2 1 
ATOM   781  N N   . LEU A 1 112 ? -4.901  -0.460  13.810  1.00 10.38 ? 112 LEU A N   1 
ATOM   782  C CA  . LEU A 1 112 ? -5.533  0.797   14.279  1.00 11.01 ? 112 LEU A CA  1 
ATOM   783  C C   . LEU A 1 112 ? -5.186  1.233   15.668  1.00 10.62 ? 112 LEU A C   1 
ATOM   784  O O   . LEU A 1 112 ? -4.811  2.375   15.844  1.00 11.51 ? 112 LEU A O   1 
ATOM   785  C CB  . LEU A 1 112 ? -7.054  0.662   14.240  1.00 12.17 ? 112 LEU A CB  1 
ATOM   786  C CG  . LEU A 1 112 ? -7.642  0.755   12.822  1.00 12.61 ? 112 LEU A CG  1 
ATOM   787  C CD1 . LEU A 1 112 ? -9.141  0.694   13.227  1.00 11.02 ? 112 LEU A CD1 1 
ATOM   788  C CD2 . LEU A 1 112 ? -7.337  2.162   12.191  1.00 11.96 ? 112 LEU A CD2 1 
ATOM   789  N N   . THR A 1 113 ? -5.268  0.306   16.641  1.00 11.20 ? 113 THR A N   1 
ATOM   790  C CA  . THR A 1 113 ? -5.065  0.584   18.056  1.00 10.32 ? 113 THR A CA  1 
ATOM   791  C C   . THR A 1 113 ? -3.656  0.344   18.493  1.00 10.42 ? 113 THR A C   1 
ATOM   792  O O   . THR A 1 113 ? -2.970  -0.504  17.917  1.00 11.10 ? 113 THR A O   1 
ATOM   793  C CB  . THR A 1 113 ? -6.081  -0.212  18.994  1.00 12.01 ? 113 THR A CB  1 
ATOM   794  O OG1 . THR A 1 113 ? -5.615  -1.565  19.207  1.00 13.11 ? 113 THR A OG1 1 
ATOM   795  C CG2 . THR A 1 113 ? -7.584  -0.162  18.437  1.00 4.85  ? 113 THR A CG2 1 
ATOM   796  N N   . PRO A 1 114 ? -3.215  1.076   19.547  1.00 9.66  ? 114 PRO A N   1 
ATOM   797  C CA  . PRO A 1 114 ? -1.906  0.794   20.126  1.00 8.33  ? 114 PRO A CA  1 
ATOM   798  C C   . PRO A 1 114 ? -1.675  -0.708  20.390  1.00 9.79  ? 114 PRO A C   1 
ATOM   799  O O   . PRO A 1 114 ? -0.618  -1.242  19.982  1.00 11.59 ? 114 PRO A O   1 
ATOM   800  C CB  . PRO A 1 114 ? -1.943  1.545   21.414  1.00 7.94  ? 114 PRO A CB  1 
ATOM   801  C CG  . PRO A 1 114 ? -2.847  2.769   21.088  1.00 7.29  ? 114 PRO A CG  1 
ATOM   802  C CD  . PRO A 1 114 ? -3.914  2.212   20.204  1.00 8.17  ? 114 PRO A CD  1 
ATOM   803  N N   . THR A 1 115 ? -2.610  -1.393  21.054  1.00 9.97  ? 115 THR A N   1 
ATOM   804  C CA  . THR A 1 115 ? -2.547  -2.826  21.314  1.00 9.01  ? 115 THR A CA  1 
ATOM   805  C C   . THR A 1 115 ? -2.299  -3.609  20.005  1.00 10.65 ? 115 THR A C   1 
ATOM   806  O O   . THR A 1 115 ? -1.405  -4.437  19.934  1.00 12.27 ? 115 THR A O   1 
ATOM   807  C CB  . THR A 1 115 ? -3.860  -3.311  21.952  1.00 8.58  ? 115 THR A CB  1 
ATOM   808  O OG1 . THR A 1 115 ? -4.088  -2.555  23.177  1.00 13.27 ? 115 THR A OG1 1 
ATOM   809  C CG2 . THR A 1 115 ? -3.761  -4.814  22.366  1.00 2.00  ? 115 THR A CG2 1 
ATOM   810  N N   . GLU A 1 116 ? -3.029  -3.279  18.937  1.00 9.55  ? 116 GLU A N   1 
ATOM   811  C CA  . GLU A 1 116 ? -2.828  -3.939  17.649  1.00 6.87  ? 116 GLU A CA  1 
ATOM   812  C C   . GLU A 1 116 ? -1.428  -3.737  17.165  1.00 6.92  ? 116 GLU A C   1 
ATOM   813  O O   . GLU A 1 116 ? -0.829  -4.670  16.638  1.00 7.05  ? 116 GLU A O   1 
ATOM   814  C CB  . GLU A 1 116 ? -3.812  -3.446  16.621  1.00 4.17  ? 116 GLU A CB  1 
ATOM   815  C CG  . GLU A 1 116 ? -5.210  -4.044  17.033  1.00 2.54  ? 116 GLU A CG  1 
ATOM   816  C CD  . GLU A 1 116 ? -6.353  -3.567  16.073  1.00 6.69  ? 116 GLU A CD  1 
ATOM   817  O OE1 . GLU A 1 116 ? -6.211  -2.580  15.263  1.00 8.86  ? 116 GLU A OE1 1 
ATOM   818  O OE2 . GLU A 1 116 ? -7.398  -4.225  16.070  1.00 5.55  ? 116 GLU A OE2 1 
ATOM   819  N N   . VAL A 1 117 ? -0.920  -2.527  17.344  1.00 7.20  ? 117 VAL A N   1 
ATOM   820  C CA  . VAL A 1 117 ? 0.473   -2.180  17.009  1.00 6.83  ? 117 VAL A CA  1 
ATOM   821  C C   . VAL A 1 117 ? 1.456   -3.086  17.745  1.00 7.89  ? 117 VAL A C   1 
ATOM   822  O O   . VAL A 1 117 ? 2.304   -3.672  17.001  1.00 9.17  ? 117 VAL A O   1 
ATOM   823  C CB  . VAL A 1 117 ? 0.824   -0.615  17.202  1.00 7.17  ? 117 VAL A CB  1 
ATOM   824  C CG1 . VAL A 1 117 ? 2.392   -0.292  17.029  1.00 2.96  ? 117 VAL A CG1 1 
ATOM   825  C CG2 . VAL A 1 117 ? -0.064  0.207   16.354  1.00 2.05  ? 117 VAL A CG2 1 
ATOM   826  N N   . GLU A 1 118 ? 1.333   -3.270  19.085  1.00 6.38  ? 118 GLU A N   1 
ATOM   827  C CA  . GLU A 1 118 ? 2.232   -4.154  19.799  1.00 8.24  ? 118 GLU A CA  1 
ATOM   828  C C   . GLU A 1 118 ? 2.161   -5.579  19.243  1.00 10.62 ? 118 GLU A C   1 
ATOM   829  O O   . GLU A 1 118 ? 3.225   -6.275  19.099  1.00 12.03 ? 118 GLU A O   1 
ATOM   830  C CB  . GLU A 1 118 ? 1.958   -4.166  21.323  1.00 7.62  ? 118 GLU A CB  1 
ATOM   831  C CG  . GLU A 1 118 ? 2.069   -2.727  21.948  1.00 12.23 ? 118 GLU A CG  1 
ATOM   832  C CD  . GLU A 1 118 ? 3.534   -2.284  22.179  1.00 20.81 ? 118 GLU A CD  1 
ATOM   833  O OE1 . GLU A 1 118 ? 4.481   -2.900  21.585  1.00 21.22 ? 118 GLU A OE1 1 
ATOM   834  O OE2 . GLU A 1 118 ? 3.757   -1.377  23.040  1.00 23.98 ? 118 GLU A OE2 1 
ATOM   835  N N   . ARG A 1 119 ? 0.937   -6.047  18.922  1.00 9.61  ? 119 ARG A N   1 
ATOM   836  C CA  . ARG A 1 119 ? 0.729   -7.426  18.611  1.00 9.92  ? 119 ARG A CA  1 
ATOM   837  C C   . ARG A 1 119 ? 1.552   -7.586  17.311  1.00 11.84 ? 119 ARG A C   1 
ATOM   838  O O   . ARG A 1 119 ? 2.447   -8.433  17.248  1.00 15.50 ? 119 ARG A O   1 
ATOM   839  C CB  . ARG A 1 119 ? -0.756  -7.627  18.335  1.00 10.79 ? 119 ARG A CB  1 
ATOM   840  C CG  . ARG A 1 119 ? -1.484  -8.835  18.886  1.00 12.57 ? 119 ARG A CG  1 
ATOM   841  C CD  . ARG A 1 119 ? -1.335  -9.979  17.913  1.00 21.12 ? 119 ARG A CD  1 
ATOM   842  N NE  . ARG A 1 119 ? -2.704  -10.127 17.414  1.00 30.14 ? 119 ARG A NE  1 
ATOM   843  C CZ  . ARG A 1 119 ? -3.298  -11.140 16.752  1.00 28.45 ? 119 ARG A CZ  1 
ATOM   844  N NH1 . ARG A 1 119 ? -2.706  -12.281 16.369  1.00 26.34 ? 119 ARG A NH1 1 
ATOM   845  N NH2 . ARG A 1 119 ? -4.580  -10.948 16.459  1.00 30.79 ? 119 ARG A NH2 1 
ATOM   846  N N   . ALA A 1 120 ? 1.301   -6.777  16.287  1.00 9.79  ? 120 ALA A N   1 
ATOM   847  C CA  . ALA A 1 120 ? 2.086   -6.817  15.041  1.00 11.28 ? 120 ALA A CA  1 
ATOM   848  C C   . ALA A 1 120 ? 3.593   -6.798  15.290  1.00 12.61 ? 120 ALA A C   1 
ATOM   849  O O   . ALA A 1 120 ? 4.353   -7.599  14.660  1.00 10.53 ? 120 ALA A O   1 
ATOM   850  C CB  . ALA A 1 120 ? 1.717   -5.627  14.044  1.00 8.98  ? 120 ALA A CB  1 
ATOM   851  N N   . LEU A 1 121 ? 4.012   -5.857  16.167  1.00 12.94 ? 121 LEU A N   1 
ATOM   852  C CA  . LEU A 1 121 ? 5.415   -5.685  16.446  1.00 15.91 ? 121 LEU A CA  1 
ATOM   853  C C   . LEU A 1 121 ? 5.976   -7.011  16.939  1.00 17.61 ? 121 LEU A C   1 
ATOM   854  O O   . LEU A 1 121 ? 7.080   -7.472  16.504  1.00 19.06 ? 121 LEU A O   1 
ATOM   855  C CB  . LEU A 1 121 ? 5.634   -4.643  17.554  1.00 15.80 ? 121 LEU A CB  1 
ATOM   856  C CG  . LEU A 1 121 ? 6.113   -3.258  17.036  1.00 17.32 ? 121 LEU A CG  1 
ATOM   857  C CD1 . LEU A 1 121 ? 6.208   -2.230  18.204  1.00 11.85 ? 121 LEU A CD1 1 
ATOM   858  C CD2 . LEU A 1 121 ? 7.444   -3.361  16.321  1.00 11.98 ? 121 LEU A CD2 1 
ATOM   859  N N   . ALA A 1 122 ? 5.194   -7.646  17.827  1.00 16.35 ? 122 ALA A N   1 
ATOM   860  C CA  . ALA A 1 122 ? 5.569   -8.934  18.385  1.00 15.92 ? 122 ALA A CA  1 
ATOM   861  C C   . ALA A 1 122 ? 5.807   -10.026 17.296  1.00 14.72 ? 122 ALA A C   1 
ATOM   862  O O   . ALA A 1 122 ? 6.461   -10.967 17.578  1.00 16.04 ? 122 ALA A O   1 
ATOM   863  C CB  . ALA A 1 122 ? 4.515   -9.390  19.511  1.00 15.67 ? 122 ALA A CB  1 
ATOM   864  N N   . LEU A 1 123 ? 5.233   -9.920  16.113  1.00 12.01 ? 123 LEU A N   1 
ATOM   865  C CA  . LEU A 1 123 ? 5.508   -10.801 15.035  1.00 10.94 ? 123 LEU A CA  1 
ATOM   866  C C   . LEU A 1 123 ? 6.661   -10.319 14.187  1.00 11.64 ? 123 LEU A C   1 
ATOM   867  O O   . LEU A 1 123 ? 6.878   -10.919 13.127  1.00 13.52 ? 123 LEU A O   1 
ATOM   868  C CB  . LEU A 1 123 ? 4.263   -10.975 14.119  1.00 9.49  ? 123 LEU A CB  1 
ATOM   869  C CG  . LEU A 1 123 ? 3.107   -11.525 14.969  1.00 13.17 ? 123 LEU A CG  1 
ATOM   870  C CD1 . LEU A 1 123 ? 1.722   -11.460 14.296  1.00 4.89  ? 123 LEU A CD1 1 
ATOM   871  C CD2 . LEU A 1 123 ? 3.389   -12.995 15.443  1.00 11.02 ? 123 LEU A CD2 1 
ATOM   872  N N   . GLY A 1 124 ? 7.436   -9.321  14.624  1.00 11.19 ? 124 GLY A N   1 
ATOM   873  C CA  . GLY A 1 124 ? 8.562   -8.760  13.832  1.00 11.10 ? 124 GLY A CA  1 
ATOM   874  C C   . GLY A 1 124 ? 8.140   -7.859  12.666  1.00 13.53 ? 124 GLY A C   1 
ATOM   875  O O   . GLY A 1 124 ? 8.979   -7.554  11.809  1.00 14.78 ? 124 GLY A O   1 
ATOM   876  N N   . LEU A 1 125 ? 6.841   -7.456  12.605  1.00 13.70 ? 125 LEU A N   1 
ATOM   877  C CA  . LEU A 1 125 ? 6.288   -6.520  11.569  1.00 14.07 ? 125 LEU A CA  1 
ATOM   878  C C   . LEU A 1 125 ? 6.359   -5.051  11.958  1.00 15.25 ? 125 LEU A C   1 
ATOM   879  O O   . LEU A 1 125 ? 5.588   -4.614  12.852  1.00 19.01 ? 125 LEU A O   1 
ATOM   880  C CB  . LEU A 1 125 ? 4.811   -6.881  11.236  1.00 12.92 ? 125 LEU A CB  1 
ATOM   881  C CG  . LEU A 1 125 ? 4.692   -8.379  10.822  1.00 13.98 ? 125 LEU A CG  1 
ATOM   882  C CD1 . LEU A 1 125 ? 3.241   -8.869  10.816  1.00 13.84 ? 125 LEU A CD1 1 
ATOM   883  C CD2 . LEU A 1 125 ? 5.398   -8.702  9.512   1.00 6.56  ? 125 LEU A CD2 1 
ATOM   884  N N   . SER A 1 126 ? 7.210   -4.241  11.330  1.00 14.65 ? 126 SER A N   1 
ATOM   885  C CA  . SER A 1 126 ? 7.278   -2.792  11.727  1.00 13.20 ? 126 SER A CA  1 
ATOM   886  C C   . SER A 1 126 ? 6.912   -1.768  10.653  1.00 13.68 ? 126 SER A C   1 
ATOM   887  O O   . SER A 1 126 ? 7.126   -0.514  10.824  1.00 14.59 ? 126 SER A O   1 
ATOM   888  C CB  . SER A 1 126 ? 8.603   -2.440  12.372  1.00 13.21 ? 126 SER A CB  1 
ATOM   889  O OG  . SER A 1 126 ? 9.631   -2.798  11.493  1.00 18.39 ? 126 SER A OG  1 
ATOM   890  N N   . ALA A 1 127 ? 6.328   -2.295  9.565   1.00 13.08 ? 127 ALA A N   1 
ATOM   891  C CA  . ALA A 1 127 ? 5.779   -1.536  8.509   1.00 12.74 ? 127 ALA A CA  1 
ATOM   892  C C   . ALA A 1 127 ? 4.284   -1.944  8.460   1.00 12.93 ? 127 ALA A C   1 
ATOM   893  O O   . ALA A 1 127 ? 3.927   -3.003  7.930   1.00 13.77 ? 127 ALA A O   1 
ATOM   894  C CB  . ALA A 1 127 ? 6.559   -1.840  7.168   1.00 9.93  ? 127 ALA A CB  1 
ATOM   895  N N   . LEU A 1 128 ? 3.420   -1.093  8.994   1.00 13.52 ? 128 LEU A N   1 
ATOM   896  C CA  . LEU A 1 128 ? 1.982   -1.459  9.179   1.00 13.91 ? 128 LEU A CA  1 
ATOM   897  C C   . LEU A 1 128 ? 0.964   -0.621  8.389   1.00 14.53 ? 128 LEU A C   1 
ATOM   898  O O   . LEU A 1 128 ? 1.098   0.566   8.239   1.00 15.18 ? 128 LEU A O   1 
ATOM   899  C CB  . LEU A 1 128 ? 1.610   -1.512  10.677  1.00 10.24 ? 128 LEU A CB  1 
ATOM   900  C CG  . LEU A 1 128 ? 2.697   -2.105  11.580  1.00 13.48 ? 128 LEU A CG  1 
ATOM   901  C CD1 . LEU A 1 128 ? 2.496   -1.919  13.131  1.00 12.95 ? 128 LEU A CD1 1 
ATOM   902  C CD2 . LEU A 1 128 ? 3.116   -3.584  11.213  1.00 7.24  ? 128 LEU A CD2 1 
ATOM   903  N N   . LYS A 1 129 ? -0.045  -1.270  7.827   1.00 15.70 ? 129 LYS A N   1 
ATOM   904  C CA  . LYS A 1 129 ? -1.161  -0.523  7.267   1.00 15.27 ? 129 LYS A CA  1 
ATOM   905  C C   . LYS A 1 129 ? -1.955  0.208   8.425   1.00 14.14 ? 129 LYS A C   1 
ATOM   906  O O   . LYS A 1 129 ? -2.056  -0.310  9.532   1.00 12.95 ? 129 LYS A O   1 
ATOM   907  C CB  . LYS A 1 129 ? -2.051  -1.486  6.451   1.00 14.73 ? 129 LYS A CB  1 
ATOM   908  C CG  . LYS A 1 129 ? -3.174  -0.816  5.699   1.00 18.84 ? 129 LYS A CG  1 
ATOM   909  C CD  . LYS A 1 129 ? -3.759  -1.766  4.682   1.00 23.43 ? 129 LYS A CD  1 
ATOM   910  C CE  . LYS A 1 129 ? -5.235  -1.481  4.541   1.00 26.86 ? 129 LYS A CE  1 
ATOM   911  N NZ  . LYS A 1 129 ? -5.518  -1.478  3.106   1.00 38.28 ? 129 LYS A NZ  1 
ATOM   912  N N   . PHE A 1 130 ? -2.449  1.431   8.190   1.00 13.47 ? 130 PHE A N   1 
ATOM   913  C CA  . PHE A 1 130 ? -3.327  2.055   9.119   1.00 11.87 ? 130 PHE A CA  1 
ATOM   914  C C   . PHE A 1 130 ? -4.663  2.219   8.404   1.00 13.37 ? 130 PHE A C   1 
ATOM   915  O O   . PHE A 1 130 ? -4.760  3.024   7.454   1.00 15.04 ? 130 PHE A O   1 
ATOM   916  C CB  . PHE A 1 130 ? -2.755  3.342   9.619   1.00 9.28  ? 130 PHE A CB  1 
ATOM   917  C CG  . PHE A 1 130 ? -3.623  3.980   10.668  1.00 8.79  ? 130 PHE A CG  1 
ATOM   918  C CD1 . PHE A 1 130 ? -3.524  3.587   11.991  1.00 10.43 ? 130 PHE A CD1 1 
ATOM   919  C CD2 . PHE A 1 130 ? -4.556  4.966   10.333  1.00 9.42  ? 130 PHE A CD2 1 
ATOM   920  C CE1 . PHE A 1 130 ? -4.359  4.112   13.020  1.00 7.37  ? 130 PHE A CE1 1 
ATOM   921  C CE2 . PHE A 1 130 ? -5.383  5.524   11.312  1.00 11.69 ? 130 PHE A CE2 1 
ATOM   922  C CZ  . PHE A 1 130 ? -5.275  5.091   12.699  1.00 7.68  ? 130 PHE A CZ  1 
ATOM   923  N N   . PHE A 1 131 ? -5.673  1.427   8.786   1.00 13.38 ? 131 PHE A N   1 
ATOM   924  C CA  . PHE A 1 131 ? -6.878  1.330   7.965   1.00 15.41 ? 131 PHE A CA  1 
ATOM   925  C C   . PHE A 1 131 ? -8.098  1.018   8.881   1.00 17.90 ? 131 PHE A C   1 
ATOM   926  O O   . PHE A 1 131 ? -8.031  0.108   9.683   1.00 20.24 ? 131 PHE A O   1 
ATOM   927  C CB  . PHE A 1 131 ? -6.688  0.297   6.774   1.00 15.37 ? 131 PHE A CB  1 
ATOM   928  C CG  . PHE A 1 131 ? -8.005  -0.132  6.099   1.00 14.62 ? 131 PHE A CG  1 
ATOM   929  C CD1 . PHE A 1 131 ? -8.529  0.621   5.050   1.00 10.90 ? 131 PHE A CD1 1 
ATOM   930  C CD2 . PHE A 1 131 ? -8.722  -1.240  6.570   1.00 13.56 ? 131 PHE A CD2 1 
ATOM   931  C CE1 . PHE A 1 131 ? -9.751  0.329   4.494   1.00 13.70 ? 131 PHE A CE1 1 
ATOM   932  C CE2 . PHE A 1 131 ? -9.947  -1.618  6.023   1.00 18.34 ? 131 PHE A CE2 1 
ATOM   933  C CZ  . PHE A 1 131 ? -10.512 -0.817  4.962   1.00 18.20 ? 131 PHE A CZ  1 
ATOM   934  N N   . PRO A 1 132 ? -9.244  1.720   8.721   1.00 19.67 ? 132 PRO A N   1 
ATOM   935  C CA  . PRO A 1 132 ? -9.430  2.797   7.661   1.00 20.03 ? 132 PRO A CA  1 
ATOM   936  C C   . PRO A 1 132 ? -8.939  4.151   8.159   1.00 19.90 ? 132 PRO A C   1 
ATOM   937  O O   . PRO A 1 132 ? -9.399  4.680   9.255   1.00 19.91 ? 132 PRO A O   1 
ATOM   938  C CB  . PRO A 1 132 ? -10.965 2.787   7.388   1.00 18.67 ? 132 PRO A CB  1 
ATOM   939  C CG  . PRO A 1 132 ? -11.527 2.468   8.710   1.00 20.61 ? 132 PRO A CG  1 
ATOM   940  C CD  . PRO A 1 132 ? -10.506 1.445   9.432   1.00 18.43 ? 132 PRO A CD  1 
ATOM   941  N N   . ALA A 1 133 ? -8.012  4.716   7.391   1.00 18.00 ? 133 ALA A N   1 
ATOM   942  C CA  . ALA A 1 133 ? -7.349  5.876   7.917   1.00 16.85 ? 133 ALA A CA  1 
ATOM   943  C C   . ALA A 1 133 ? -8.316  7.102   8.186   1.00 16.94 ? 133 ALA A C   1 
ATOM   944  O O   . ALA A 1 133 ? -8.271  7.747   9.253   1.00 16.65 ? 133 ALA A O   1 
ATOM   945  C CB  . ALA A 1 133 ? -6.181  6.205   7.064   1.00 15.57 ? 133 ALA A CB  1 
ATOM   946  N N   . GLU A 1 134 ? -9.178  7.451   7.237   1.00 17.45 ? 134 GLU A N   1 
ATOM   947  C CA  . GLU A 1 134 ? -9.816  8.785   7.347   1.00 16.99 ? 134 GLU A CA  1 
ATOM   948  C C   . GLU A 1 134 ? -10.814 8.710   8.438   1.00 16.44 ? 134 GLU A C   1 
ATOM   949  O O   . GLU A 1 134 ? -10.714 9.515   9.283   1.00 16.89 ? 134 GLU A O   1 
ATOM   950  C CB  . GLU A 1 134 ? -10.385 9.391   6.006   1.00 17.25 ? 134 GLU A CB  1 
ATOM   951  C CG  . GLU A 1 134 ? -9.244  9.958   5.134   1.00 22.30 ? 134 GLU A CG  1 
ATOM   952  C CD  . GLU A 1 134 ? -8.247  10.968  5.905   1.00 28.88 ? 134 GLU A CD  1 
ATOM   953  O OE1 . GLU A 1 134 ? -8.764  12.060  6.197   1.00 39.87 ? 134 GLU A OE1 1 
ATOM   954  O OE2 . GLU A 1 134 ? -7.032  10.746  6.218   1.00 12.72 ? 134 GLU A OE2 1 
ATOM   955  N N   . PRO A 1 135 ? -11.739 7.696   8.460   1.00 16.08 ? 135 PRO A N   1 
ATOM   956  C CA  . PRO A 1 135 ? -12.719 7.693   9.561   1.00 16.80 ? 135 PRO A CA  1 
ATOM   957  C C   . PRO A 1 135 ? -12.021 7.744   10.957  1.00 20.63 ? 135 PRO A C   1 
ATOM   958  O O   . PRO A 1 135 ? -12.583 8.299   11.935  1.00 21.07 ? 135 PRO A O   1 
ATOM   959  C CB  . PRO A 1 135 ? -13.385 6.357   9.440   1.00 15.13 ? 135 PRO A CB  1 
ATOM   960  C CG  . PRO A 1 135 ? -13.182 5.972   7.959   1.00 15.75 ? 135 PRO A CG  1 
ATOM   961  C CD  . PRO A 1 135 ? -11.904 6.563   7.523   1.00 13.90 ? 135 PRO A CD  1 
ATOM   962  N N   . PHE A 1 136 ? -10.794 7.185   11.048  1.00 22.59 ? 136 PHE A N   1 
ATOM   963  C CA  . PHE A 1 136 ? -10.140 7.024   12.335  1.00 22.66 ? 136 PHE A CA  1 
ATOM   964  C C   . PHE A 1 136 ? -9.170  8.153   12.573  1.00 24.71 ? 136 PHE A C   1 
ATOM   965  O O   . PHE A 1 136 ? -8.439  8.171   13.591  1.00 25.71 ? 136 PHE A O   1 
ATOM   966  C CB  . PHE A 1 136 ? -9.521  5.667   12.426  1.00 22.11 ? 136 PHE A CB  1 
ATOM   967  C CG  . PHE A 1 136 ? -10.510 4.615   12.736  1.00 21.51 ? 136 PHE A CG  1 
ATOM   968  C CD1 . PHE A 1 136 ? -11.043 4.499   14.005  1.00 27.74 ? 136 PHE A CD1 1 
ATOM   969  C CD2 . PHE A 1 136 ? -10.965 3.777   11.787  1.00 23.98 ? 136 PHE A CD2 1 
ATOM   970  C CE1 . PHE A 1 136 ? -12.026 3.506   14.345  1.00 25.26 ? 136 PHE A CE1 1 
ATOM   971  C CE2 . PHE A 1 136 ? -11.953 2.718   12.113  1.00 26.94 ? 136 PHE A CE2 1 
ATOM   972  C CZ  . PHE A 1 136 ? -12.458 2.593   13.411  1.00 21.90 ? 136 PHE A CZ  1 
ATOM   973  N N   . GLN A 1 137 ? -9.194  9.164   11.694  1.00 24.25 ? 137 GLN A N   1 
ATOM   974  C CA  . GLN A 1 137 ? -8.403  10.348  12.023  1.00 24.66 ? 137 GLN A CA  1 
ATOM   975  C C   . GLN A 1 137 ? -6.925  10.013  11.836  1.00 21.65 ? 137 GLN A C   1 
ATOM   976  O O   . GLN A 1 137 ? -6.103  10.292  12.669  1.00 19.80 ? 137 GLN A O   1 
ATOM   977  C CB  . GLN A 1 137 ? -8.668  10.765  13.488  1.00 24.49 ? 137 GLN A CB  1 
ATOM   978  C CG  . GLN A 1 137 ? -10.144 11.057  13.823  1.00 33.24 ? 137 GLN A CG  1 
ATOM   979  C CD  . GLN A 1 137 ? -10.576 12.537  13.490  1.00 42.85 ? 137 GLN A CD  1 
ATOM   980  O OE1 . GLN A 1 137 ? -11.170 12.782  12.414  1.00 45.62 ? 137 GLN A OE1 1 
ATOM   981  N NE2 . GLN A 1 137 ? -10.276 13.515  14.416  1.00 43.46 ? 137 GLN A NE2 1 
ATOM   982  N N   . GLY A 1 138 ? -6.623  9.370   10.739  1.00 20.68 ? 138 GLY A N   1 
ATOM   983  C CA  . GLY A 1 138 ? -5.218  8.995   10.441  1.00 19.52 ? 138 GLY A CA  1 
ATOM   984  C C   . GLY A 1 138 ? -4.138  9.934   10.844  1.00 17.48 ? 138 GLY A C   1 
ATOM   985  O O   . GLY A 1 138 ? -3.266  9.557   11.578  1.00 18.46 ? 138 GLY A O   1 
ATOM   986  N N   . VAL A 1 139 ? -4.160  11.162  10.378  1.00 17.46 ? 139 VAL A N   1 
ATOM   987  C CA  . VAL A 1 139 ? -3.056  12.089  10.668  1.00 18.01 ? 139 VAL A CA  1 
ATOM   988  C C   . VAL A 1 139 ? -2.834  12.206  12.194  1.00 18.66 ? 139 VAL A C   1 
ATOM   989  O O   . VAL A 1 139 ? -1.738  12.095  12.655  1.00 20.65 ? 139 VAL A O   1 
ATOM   990  C CB  . VAL A 1 139 ? -3.375  13.463  9.999   1.00 18.56 ? 139 VAL A CB  1 
ATOM   991  C CG1 . VAL A 1 139 ? -2.669  14.598  10.708  1.00 18.00 ? 139 VAL A CG1 1 
ATOM   992  C CG2 . VAL A 1 139 ? -3.104  13.431  8.417   1.00 15.14 ? 139 VAL A CG2 1 
ATOM   993  N N   . ARG A 1 140 ? -3.883  12.405  12.989  1.00 18.52 ? 140 ARG A N   1 
ATOM   994  C CA  . ARG A 1 140 ? -3.749  12.781  14.412  1.00 18.86 ? 140 ARG A CA  1 
ATOM   995  C C   . ARG A 1 140 ? -3.309  11.518  15.169  1.00 19.01 ? 140 ARG A C   1 
ATOM   996  O O   . ARG A 1 140 ? -2.498  11.582  16.169  1.00 18.80 ? 140 ARG A O   1 
ATOM   997  C CB  . ARG A 1 140 ? -5.079  13.295  14.991  1.00 18.44 ? 140 ARG A CB  1 
ATOM   998  C CG  . ARG A 1 140 ? -5.458  14.814  14.588  1.00 23.59 ? 140 ARG A CG  1 
ATOM   999  C CD  . ARG A 1 140 ? -6.798  15.340  15.128  1.00 21.63 ? 140 ARG A CD  1 
ATOM   1000 N NE  . ARG A 1 140 ? -6.875  15.347  16.620  1.00 34.06 ? 140 ARG A NE  1 
ATOM   1001 C CZ  . ARG A 1 140 ? -8.040  15.346  17.349  1.00 38.73 ? 140 ARG A CZ  1 
ATOM   1002 N NH1 . ARG A 1 140 ? -9.227  15.336  16.688  1.00 41.23 ? 140 ARG A NH1 1 
ATOM   1003 N NH2 . ARG A 1 140 ? -8.061  15.354  18.717  1.00 28.37 ? 140 ARG A NH2 1 
ATOM   1004 N N   . VAL A 1 141 ? -3.823  10.354  14.688  1.00 15.75 ? 141 VAL A N   1 
ATOM   1005 C CA  . VAL A 1 141 ? -3.452  9.085   15.277  1.00 12.05 ? 141 VAL A CA  1 
ATOM   1006 C C   . VAL A 1 141 ? -1.956  8.743   14.979  1.00 12.46 ? 141 VAL A C   1 
ATOM   1007 O O   . VAL A 1 141 ? -1.166  8.462   15.909  1.00 10.59 ? 141 VAL A O   1 
ATOM   1008 C CB  . VAL A 1 141 ? -4.408  7.963   14.920  1.00 12.41 ? 141 VAL A CB  1 
ATOM   1009 C CG1 . VAL A 1 141 ? -3.993  6.737   15.717  1.00 7.24  ? 141 VAL A CG1 1 
ATOM   1010 C CG2 . VAL A 1 141 ? -5.878  8.369   15.264  1.00 6.68  ? 141 VAL A CG2 1 
ATOM   1011 N N   . LEU A 1 142 ? -1.566  8.832   13.707  1.00 11.03 ? 142 LEU A N   1 
ATOM   1012 C CA  . LEU A 1 142 ? -0.210  8.603   13.408  1.00 12.29 ? 142 LEU A CA  1 
ATOM   1013 C C   . LEU A 1 142 ? 0.676   9.661   14.093  1.00 13.90 ? 142 LEU A C   1 
ATOM   1014 O O   . LEU A 1 142 ? 1.862   9.349   14.384  1.00 14.28 ? 142 LEU A O   1 
ATOM   1015 C CB  . LEU A 1 142 ? 0.083   8.397   11.904  1.00 12.25 ? 142 LEU A CB  1 
ATOM   1016 C CG  . LEU A 1 142 ? -0.846  7.399   11.247  1.00 11.90 ? 142 LEU A CG  1 
ATOM   1017 C CD1 . LEU A 1 142 ? -0.428  7.432   9.823   1.00 10.18 ? 142 LEU A CD1 1 
ATOM   1018 C CD2 . LEU A 1 142 ? -0.665  6.043   11.898  1.00 13.27 ? 142 LEU A CD2 1 
ATOM   1019 N N   . ARG A 1 143 ? 0.147   10.830  14.464  1.00 15.25 ? 143 ARG A N   1 
ATOM   1020 C CA  . ARG A 1 143 ? 1.047   11.728  15.175  1.00 16.63 ? 143 ARG A CA  1 
ATOM   1021 C C   . ARG A 1 143 ? 1.357   11.224  16.583  1.00 14.30 ? 143 ARG A C   1 
ATOM   1022 O O   . ARG A 1 143 ? 2.522   11.264  17.039  1.00 13.32 ? 143 ARG A O   1 
ATOM   1023 C CB  . ARG A 1 143 ? 0.520   13.170  15.157  1.00 17.51 ? 143 ARG A CB  1 
ATOM   1024 C CG  . ARG A 1 143 ? 1.448   14.264  15.910  1.00 21.74 ? 143 ARG A CG  1 
ATOM   1025 C CD  . ARG A 1 143 ? 1.223   15.710  15.377  1.00 25.88 ? 143 ARG A CD  1 
ATOM   1026 N NE  . ARG A 1 143 ? -0.204  15.949  14.868  1.00 41.37 ? 143 ARG A NE  1 
ATOM   1027 C CZ  . ARG A 1 143 ? -0.604  15.905  13.572  1.00 42.64 ? 143 ARG A CZ  1 
ATOM   1028 N NH1 . ARG A 1 143 ? 0.261   15.606  12.606  1.00 45.82 ? 143 ARG A NH1 1 
ATOM   1029 N NH2 . ARG A 1 143 ? -1.872  16.157  13.235  1.00 45.10 ? 143 ARG A NH2 1 
ATOM   1030 N N   . ALA A 1 144 ? 0.324   10.727  17.287  1.00 13.96 ? 144 ALA A N   1 
ATOM   1031 C CA  . ALA A 1 144 ? 0.503   10.093  18.634  1.00 12.67 ? 144 ALA A CA  1 
ATOM   1032 C C   . ALA A 1 144 ? 1.430   8.819   18.553  1.00 14.57 ? 144 ALA A C   1 
ATOM   1033 O O   . ALA A 1 144 ? 2.177   8.511   19.494  1.00 14.82 ? 144 ALA A O   1 
ATOM   1034 C CB  . ALA A 1 144 ? -0.857  9.751   19.184  1.00 10.00 ? 144 ALA A CB  1 
ATOM   1035 N N   . TYR A 1 145 ? 1.389   8.064   17.435  1.00 13.43 ? 145 TYR A N   1 
ATOM   1036 C CA  . TYR A 1 145 ? 2.185   6.868   17.354  1.00 12.56 ? 145 TYR A CA  1 
ATOM   1037 C C   . TYR A 1 145 ? 3.638   7.196   17.059  1.00 15.62 ? 145 TYR A C   1 
ATOM   1038 O O   . TYR A 1 145 ? 4.558   6.395   17.453  1.00 18.67 ? 145 TYR A O   1 
ATOM   1039 C CB  . TYR A 1 145 ? 1.669   5.989   16.253  1.00 10.22 ? 145 TYR A CB  1 
ATOM   1040 C CG  . TYR A 1 145 ? 0.331   5.406   16.592  1.00 9.55  ? 145 TYR A CG  1 
ATOM   1041 C CD1 . TYR A 1 145 ? -0.295  5.673   17.837  1.00 9.70  ? 145 TYR A CD1 1 
ATOM   1042 C CD2 . TYR A 1 145 ? -0.321  4.566   15.729  1.00 7.43  ? 145 TYR A CD2 1 
ATOM   1043 C CE1 . TYR A 1 145 ? -1.525  5.136   18.159  1.00 2.54  ? 145 TYR A CE1 1 
ATOM   1044 C CE2 . TYR A 1 145 ? -1.537  3.943   16.119  1.00 6.52  ? 145 TYR A CE2 1 
ATOM   1045 C CZ  . TYR A 1 145 ? -2.091  4.284   17.335  1.00 4.59  ? 145 TYR A CZ  1 
ATOM   1046 O OH  . TYR A 1 145 ? -3.294  3.743   17.696  1.00 7.04  ? 145 TYR A OH  1 
ATOM   1047 N N   . ALA A 1 146 ? 3.888   8.324   16.379  1.00 15.07 ? 146 ALA A N   1 
ATOM   1048 C CA  . ALA A 1 146 ? 5.276   8.804   16.124  1.00 16.11 ? 146 ALA A CA  1 
ATOM   1049 C C   . ALA A 1 146 ? 6.148   8.868   17.417  1.00 18.76 ? 146 ALA A C   1 
ATOM   1050 O O   . ALA A 1 146 ? 7.256   8.346   17.420  1.00 21.65 ? 146 ALA A O   1 
ATOM   1051 C CB  . ALA A 1 146 ? 5.278   10.175  15.377  1.00 12.91 ? 146 ALA A CB  1 
ATOM   1052 N N   . GLU A 1 147 ? 5.616   9.411   18.512  1.00 20.07 ? 147 GLU A N   1 
ATOM   1053 C CA  . GLU A 1 147 ? 6.242   9.448   19.806  1.00 24.75 ? 147 GLU A CA  1 
ATOM   1054 C C   . GLU A 1 147 ? 6.395   8.076   20.532  1.00 23.17 ? 147 GLU A C   1 
ATOM   1055 O O   . GLU A 1 147 ? 7.483   7.758   21.048  1.00 23.19 ? 147 GLU A O   1 
ATOM   1056 C CB  . GLU A 1 147 ? 5.427   10.387  20.722  1.00 25.21 ? 147 GLU A CB  1 
ATOM   1057 C CG  . GLU A 1 147 ? 5.163   11.918  20.287  1.00 31.99 ? 147 GLU A CG  1 
ATOM   1058 C CD  . GLU A 1 147 ? 3.987   12.596  21.202  1.00 35.42 ? 147 GLU A CD  1 
ATOM   1059 O OE1 . GLU A 1 147 ? 3.865   12.192  22.406  1.00 44.54 ? 147 GLU A OE1 1 
ATOM   1060 O OE2 . GLU A 1 147 ? 3.174   13.486  20.733  1.00 44.36 ? 147 GLU A OE2 1 
ATOM   1061 N N   . VAL A 1 148 ? 5.306   7.285   20.631  1.00 22.10 ? 148 VAL A N   1 
ATOM   1062 C CA  . VAL A 1 148 ? 5.320   6.096   21.468  1.00 19.73 ? 148 VAL A CA  1 
ATOM   1063 C C   . VAL A 1 148 ? 5.646   4.831   20.707  1.00 20.83 ? 148 VAL A C   1 
ATOM   1064 O O   . VAL A 1 148 ? 6.030   3.816   21.350  1.00 20.32 ? 148 VAL A O   1 
ATOM   1065 C CB  . VAL A 1 148 ? 4.074   5.953   22.275  1.00 20.25 ? 148 VAL A CB  1 
ATOM   1066 C CG1 . VAL A 1 148 ? 3.836   7.236   23.001  1.00 20.67 ? 148 VAL A CG1 1 
ATOM   1067 C CG2 . VAL A 1 148 ? 2.839   5.677   21.419  1.00 20.03 ? 148 VAL A CG2 1 
ATOM   1068 N N   . PHE A 1 149 ? 5.473   4.868   19.355  1.00 18.81 ? 149 PHE A N   1 
ATOM   1069 C CA  . PHE A 1 149 ? 6.012   3.786   18.518  1.00 17.45 ? 149 PHE A CA  1 
ATOM   1070 C C   . PHE A 1 149 ? 7.068   4.241   17.540  1.00 15.51 ? 149 PHE A C   1 
ATOM   1071 O O   . PHE A 1 149 ? 6.911   4.031   16.388  1.00 16.59 ? 149 PHE A O   1 
ATOM   1072 C CB  . PHE A 1 149 ? 4.890   3.027   17.799  1.00 16.18 ? 149 PHE A CB  1 
ATOM   1073 C CG  . PHE A 1 149 ? 3.801   2.491   18.767  1.00 15.02 ? 149 PHE A CG  1 
ATOM   1074 C CD1 . PHE A 1 149 ? 4.150   1.562   19.771  1.00 7.87  ? 149 PHE A CD1 1 
ATOM   1075 C CD2 . PHE A 1 149 ? 2.449   2.907   18.635  1.00 4.42  ? 149 PHE A CD2 1 
ATOM   1076 C CE1 . PHE A 1 149 ? 3.244   1.083   20.611  1.00 7.27  ? 149 PHE A CE1 1 
ATOM   1077 C CE2 . PHE A 1 149 ? 1.528   2.408   19.401  1.00 8.37  ? 149 PHE A CE2 1 
ATOM   1078 C CZ  . PHE A 1 149 ? 1.912   1.476   20.446  1.00 12.08 ? 149 PHE A CZ  1 
ATOM   1079 N N   . PRO A 1 150 ? 8.194   4.779   18.019  1.00 15.65 ? 150 PRO A N   1 
ATOM   1080 C CA  . PRO A 1 150 ? 9.188   5.467   17.135  1.00 15.30 ? 150 PRO A CA  1 
ATOM   1081 C C   . PRO A 1 150 ? 9.816   4.624   16.115  1.00 15.13 ? 150 PRO A C   1 
ATOM   1082 O O   . PRO A 1 150 ? 10.404  5.175   15.182  1.00 16.95 ? 150 PRO A O   1 
ATOM   1083 C CB  . PRO A 1 150 ? 10.246  6.002   18.086  1.00 15.19 ? 150 PRO A CB  1 
ATOM   1084 C CG  . PRO A 1 150 ? 10.004  5.302   19.388  1.00 17.03 ? 150 PRO A CG  1 
ATOM   1085 C CD  . PRO A 1 150 ? 8.570   4.802   19.441  1.00 13.72 ? 150 PRO A CD  1 
ATOM   1086 N N   . GLU A 1 151 ? 9.652   3.319   16.272  1.00 15.38 ? 151 GLU A N   1 
ATOM   1087 C CA  . GLU A 1 151 ? 10.146  2.232   15.365  1.00 15.95 ? 151 GLU A CA  1 
ATOM   1088 C C   . GLU A 1 151 ? 9.245   1.698   14.303  1.00 15.73 ? 151 GLU A C   1 
ATOM   1089 O O   . GLU A 1 151 ? 9.675   0.788   13.539  1.00 13.91 ? 151 GLU A O   1 
ATOM   1090 C CB  . GLU A 1 151 ? 10.764  0.946   16.046  1.00 15.54 ? 151 GLU A CB  1 
ATOM   1091 C CG  . GLU A 1 151 ? 10.555  0.518   17.532  1.00 22.96 ? 151 GLU A CG  1 
ATOM   1092 C CD  . GLU A 1 151 ? 9.184   0.907   18.294  1.00 21.45 ? 151 GLU A CD  1 
ATOM   1093 O OE1 . GLU A 1 151 ? 8.486   0.060   18.812  1.00 12.31 ? 151 GLU A OE1 1 
ATOM   1094 O OE2 . GLU A 1 151 ? 8.889   2.092   18.514  1.00 28.94 ? 151 GLU A OE2 1 
ATOM   1095 N N   . VAL A 1 152 ? 8.003   2.199   14.261  1.00 15.88 ? 152 VAL A N   1 
ATOM   1096 C CA  . VAL A 1 152 ? 7.026   1.716   13.281  1.00 14.72 ? 152 VAL A CA  1 
ATOM   1097 C C   . VAL A 1 152 ? 6.891   2.729   12.116  1.00 14.55 ? 152 VAL A C   1 
ATOM   1098 O O   . VAL A 1 152 ? 6.874   3.919   12.348  1.00 14.99 ? 152 VAL A O   1 
ATOM   1099 C CB  . VAL A 1 152 ? 5.657   1.355   14.012  1.00 14.64 ? 152 VAL A CB  1 
ATOM   1100 C CG1 . VAL A 1 152 ? 4.580   0.784   13.021  1.00 15.54 ? 152 VAL A CG1 1 
ATOM   1101 C CG2 . VAL A 1 152 ? 5.887   0.293   14.972  1.00 8.62  ? 152 VAL A CG2 1 
ATOM   1102 N N   . ARG A 1 153 ? 6.833   2.262   10.892  1.00 13.75 ? 153 ARG A N   1 
ATOM   1103 C CA  . ARG A 1 153 ? 6.500   3.092   9.737   1.00 15.24 ? 153 ARG A CA  1 
ATOM   1104 C C   . ARG A 1 153 ? 5.031   2.655   9.398   1.00 15.83 ? 153 ARG A C   1 
ATOM   1105 O O   . ARG A 1 153 ? 4.708   1.442   9.506   1.00 16.96 ? 153 ARG A O   1 
ATOM   1106 C CB  . ARG A 1 153 ? 7.296   2.612   8.519   1.00 16.65 ? 153 ARG A CB  1 
ATOM   1107 C CG  . ARG A 1 153 ? 8.765   2.687   8.618   1.00 22.29 ? 153 ARG A CG  1 
ATOM   1108 C CD  . ARG A 1 153 ? 9.388   2.380   7.322   1.00 26.38 ? 153 ARG A CD  1 
ATOM   1109 N NE  . ARG A 1 153 ? 9.495   0.957   6.960   1.00 26.96 ? 153 ARG A NE  1 
ATOM   1110 C CZ  . ARG A 1 153 ? 10.153  0.576   5.858   1.00 26.43 ? 153 ARG A CZ  1 
ATOM   1111 N NH1 . ARG A 1 153 ? 10.733  1.506   5.067   1.00 27.17 ? 153 ARG A NH1 1 
ATOM   1112 N NH2 . ARG A 1 153 ? 10.275  -0.693  5.547   1.00 22.97 ? 153 ARG A NH2 1 
ATOM   1113 N N   . PHE A 1 154 ? 4.213   3.562   8.865   1.00 13.14 ? 154 PHE A N   1 
ATOM   1114 C CA  . PHE A 1 154 ? 2.863   3.277   8.584   1.00 12.63 ? 154 PHE A CA  1 
ATOM   1115 C C   . PHE A 1 154 ? 2.521   3.577   7.124   1.00 13.83 ? 154 PHE A C   1 
ATOM   1116 O O   . PHE A 1 154 ? 3.003   4.535   6.493   1.00 13.80 ? 154 PHE A O   1 
ATOM   1117 C CB  . PHE A 1 154 ? 1.945   4.137   9.507   1.00 13.02 ? 154 PHE A CB  1 
ATOM   1118 C CG  . PHE A 1 154 ? 1.935   3.696   10.954  1.00 14.34 ? 154 PHE A CG  1 
ATOM   1119 C CD1 . PHE A 1 154 ? 1.105   2.618   11.380  1.00 9.08  ? 154 PHE A CD1 1 
ATOM   1120 C CD2 . PHE A 1 154 ? 2.785   4.289   11.898  1.00 13.03 ? 154 PHE A CD2 1 
ATOM   1121 C CE1 . PHE A 1 154 ? 1.092   2.247   12.719  1.00 7.45  ? 154 PHE A CE1 1 
ATOM   1122 C CE2 . PHE A 1 154 ? 2.818   3.791   13.237  1.00 10.08 ? 154 PHE A CE2 1 
ATOM   1123 C CZ  . PHE A 1 154 ? 1.979   2.832   13.643  1.00 5.16  ? 154 PHE A CZ  1 
ATOM   1124 N N   . LEU A 1 155 ? 1.657   2.720   6.609   1.00 14.43 ? 155 LEU A N   1 
ATOM   1125 C CA  . LEU A 1 155 ? 0.995   2.891   5.362   1.00 15.59 ? 155 LEU A CA  1 
ATOM   1126 C C   . LEU A 1 155 ? -0.596  3.187   5.559   1.00 14.83 ? 155 LEU A C   1 
ATOM   1127 O O   . LEU A 1 155 ? -1.452  2.276   5.450   1.00 12.23 ? 155 LEU A O   1 
ATOM   1128 C CB  . LEU A 1 155 ? 1.229   1.630   4.565   1.00 16.49 ? 155 LEU A CB  1 
ATOM   1129 C CG  . LEU A 1 155 ? 1.083   1.619   3.033   1.00 21.23 ? 155 LEU A CG  1 
ATOM   1130 C CD1 . LEU A 1 155 ? 0.280   0.336   2.712   1.00 30.06 ? 155 LEU A CD1 1 
ATOM   1131 C CD2 . LEU A 1 155 ? 0.322   2.782   2.481   1.00 21.78 ? 155 LEU A CD2 1 
ATOM   1132 N N   . PRO A 1 156 ? -0.942  4.475   5.776   1.00 11.85 ? 156 PRO A N   1 
ATOM   1133 C CA  . PRO A 1 156 ? -2.297  4.847   5.796   1.00 12.54 ? 156 PRO A CA  1 
ATOM   1134 C C   . PRO A 1 156 ? -3.026  4.736   4.489   1.00 12.94 ? 156 PRO A C   1 
ATOM   1135 O O   . PRO A 1 156 ? -2.504  5.183   3.489   1.00 14.00 ? 156 PRO A O   1 
ATOM   1136 C CB  . PRO A 1 156 ? -2.286  6.299   6.250   1.00 13.04 ? 156 PRO A CB  1 
ATOM   1137 C CG  . PRO A 1 156 ? -0.844  6.779   6.026   1.00 12.62 ? 156 PRO A CG  1 
ATOM   1138 C CD  . PRO A 1 156 ? 0.008   5.588   5.985   1.00 11.80 ? 156 PRO A CD  1 
ATOM   1139 N N   . THR A 1 157 ? -4.258  4.220   4.539   1.00 13.21 ? 157 THR A N   1 
ATOM   1140 C CA  . THR A 1 157 ? -5.130  3.960   3.390   1.00 14.20 ? 157 THR A CA  1 
ATOM   1141 C C   . THR A 1 157 ? -6.547  4.008   3.945   1.00 14.67 ? 157 THR A C   1 
ATOM   1142 O O   . THR A 1 157 ? -6.743  3.743   5.128   1.00 14.16 ? 157 THR A O   1 
ATOM   1143 C CB  . THR A 1 157 ? -4.959  2.508   2.866   1.00 14.30 ? 157 THR A CB  1 
ATOM   1144 O OG1 . THR A 1 157 ? -3.573  2.255   2.525   1.00 10.92 ? 157 THR A OG1 1 
ATOM   1145 C CG2 . THR A 1 157 ? -5.861  2.287   1.659   1.00 17.64 ? 157 THR A CG2 1 
ATOM   1146 N N   . GLY A 1 158 ? -7.531  4.287   3.082   1.00 15.86 ? 158 GLY A N   1 
ATOM   1147 C CA  . GLY A 1 158 ? -8.894  4.328   3.496   1.00 16.97 ? 158 GLY A CA  1 
ATOM   1148 C C   . GLY A 1 158 ? -9.488  5.709   3.593   1.00 20.06 ? 158 GLY A C   1 
ATOM   1149 O O   . GLY A 1 158 ? -9.423  6.377   4.708   1.00 23.19 ? 158 GLY A O   1 
ATOM   1150 N N   . GLY A 1 159 ? -10.126 6.138   2.481   1.00 19.77 ? 159 GLY A N   1 
ATOM   1151 C CA  . GLY A 1 159 ? -10.912 7.336   2.404   1.00 18.96 ? 159 GLY A CA  1 
ATOM   1152 C C   . GLY A 1 159 ? -10.009 8.610   2.413   1.00 21.71 ? 159 GLY A C   1 
ATOM   1153 O O   . GLY A 1 159 ? -10.516 9.682   2.757   1.00 20.55 ? 159 GLY A O   1 
ATOM   1154 N N   . ILE A 1 160 ? -8.696  8.507   2.108   1.00 22.74 ? 160 ILE A N   1 
ATOM   1155 C CA  . ILE A 1 160 ? -7.802  9.649   2.115   1.00 24.96 ? 160 ILE A CA  1 
ATOM   1156 C C   . ILE A 1 160 ? -8.001  10.371  0.807   1.00 28.91 ? 160 ILE A C   1 
ATOM   1157 O O   . ILE A 1 160 ? -8.050  9.762   -0.287  1.00 30.60 ? 160 ILE A O   1 
ATOM   1158 C CB  . ILE A 1 160 ? -6.327  9.243   2.252   1.00 25.79 ? 160 ILE A CB  1 
ATOM   1159 C CG1 . ILE A 1 160 ? -6.064  8.615   3.633   1.00 27.35 ? 160 ILE A CG1 1 
ATOM   1160 C CG2 . ILE A 1 160 ? -5.410  10.454  2.171   1.00 22.93 ? 160 ILE A CG2 1 
ATOM   1161 C CD1 . ILE A 1 160 ? -5.201  7.398   3.584   1.00 22.96 ? 160 ILE A CD1 1 
ATOM   1162 N N   . LYS A 1 161 ? -8.171  11.679  0.918   1.00 32.68 ? 161 LYS A N   1 
ATOM   1163 C CA  . LYS A 1 161 ? -8.337  12.566  -0.260  1.00 35.76 ? 161 LYS A CA  1 
ATOM   1164 C C   . LYS A 1 161 ? -7.078  13.455  -0.450  1.00 35.26 ? 161 LYS A C   1 
ATOM   1165 O O   . LYS A 1 161 ? -6.209  13.603  0.466   1.00 36.21 ? 161 LYS A O   1 
ATOM   1166 C CB  . LYS A 1 161 ? -9.591  13.463  -0.100  1.00 36.75 ? 161 LYS A CB  1 
ATOM   1167 C CG  . LYS A 1 161 ? -10.736 12.880  0.809   1.00 43.65 ? 161 LYS A CG  1 
ATOM   1168 C CD  . LYS A 1 161 ? -12.124 12.875  0.145   1.00 48.47 ? 161 LYS A CD  1 
ATOM   1169 C CE  . LYS A 1 161 ? -13.146 13.471  1.130   1.00 51.23 ? 161 LYS A CE  1 
ATOM   1170 N NZ  . LYS A 1 161 ? -14.251 14.256  0.413   1.00 53.70 ? 161 LYS A NZ  1 
ATOM   1171 N N   . GLU A 1 162 ? -6.993  14.061  -1.613  1.00 33.60 ? 162 GLU A N   1 
ATOM   1172 C CA  . GLU A 1 162 ? -5.891  14.909  -1.895  1.00 32.27 ? 162 GLU A CA  1 
ATOM   1173 C C   . GLU A 1 162 ? -5.528  15.958  -0.777  1.00 30.28 ? 162 GLU A C   1 
ATOM   1174 O O   . GLU A 1 162 ? -4.354  16.163  -0.407  1.00 28.62 ? 162 GLU A O   1 
ATOM   1175 C CB  . GLU A 1 162 ? -6.167  15.548  -3.212  1.00 32.27 ? 162 GLU A CB  1 
ATOM   1176 C CG  . GLU A 1 162 ? -4.824  15.889  -3.845  1.00 41.24 ? 162 GLU A CG  1 
ATOM   1177 C CD  . GLU A 1 162 ? -4.948  16.564  -5.246  1.00 53.44 ? 162 GLU A CD  1 
ATOM   1178 O OE1 . GLU A 1 162 ? -5.989  16.352  -5.953  1.00 57.36 ? 162 GLU A OE1 1 
ATOM   1179 O OE2 . GLU A 1 162 ? -4.000  17.299  -5.636  1.00 55.11 ? 162 GLU A OE2 1 
ATOM   1180 N N   . GLU A 1 163 ? -6.559  16.571  -0.209  1.00 27.20 ? 163 GLU A N   1 
ATOM   1181 C CA  . GLU A 1 163 ? -6.374  17.686  0.636   1.00 23.78 ? 163 GLU A CA  1 
ATOM   1182 C C   . GLU A 1 163 ? -5.769  17.294  1.953   1.00 22.87 ? 163 GLU A C   1 
ATOM   1183 O O   . GLU A 1 163 ? -5.335  18.154  2.780   1.00 21.72 ? 163 GLU A O   1 
ATOM   1184 C CB  . GLU A 1 163 ? -7.732  18.388  0.823   1.00 22.84 ? 163 GLU A CB  1 
ATOM   1185 C CG  . GLU A 1 163 ? -8.918  17.596  1.383   1.00 22.54 ? 163 GLU A CG  1 
ATOM   1186 C CD  . GLU A 1 163 ? -9.826  17.078  0.265   1.00 32.10 ? 163 GLU A CD  1 
ATOM   1187 O OE1 . GLU A 1 163 ? -11.078 17.160  0.440   1.00 27.20 ? 163 GLU A OE1 1 
ATOM   1188 O OE2 . GLU A 1 163 ? -9.285  16.593  -0.821  1.00 39.63 ? 163 GLU A OE2 1 
ATOM   1189 N N   . HIS A 1 164 ? -5.857  15.994  2.234   1.00 23.47 ? 164 HIS A N   1 
ATOM   1190 C CA  . HIS A 1 164 ? -5.220  15.377  3.455   1.00 23.84 ? 164 HIS A CA  1 
ATOM   1191 C C   . HIS A 1 164 ? -3.627  15.257  3.400   1.00 20.36 ? 164 HIS A C   1 
ATOM   1192 O O   . HIS A 1 164 ? -2.925  15.300  4.389   1.00 16.88 ? 164 HIS A O   1 
ATOM   1193 C CB  . HIS A 1 164 ? -5.840  13.988  3.627   1.00 25.09 ? 164 HIS A CB  1 
ATOM   1194 C CG  . HIS A 1 164 ? -7.333  13.986  3.775   1.00 33.87 ? 164 HIS A CG  1 
ATOM   1195 N ND1 . HIS A 1 164 ? -7.994  14.716  4.742   1.00 40.16 ? 164 HIS A ND1 1 
ATOM   1196 C CD2 . HIS A 1 164 ? -8.298  13.286  3.106   1.00 39.41 ? 164 HIS A CD2 1 
ATOM   1197 C CE1 . HIS A 1 164 ? -9.305  14.534  4.611   1.00 42.52 ? 164 HIS A CE1 1 
ATOM   1198 N NE2 . HIS A 1 164 ? -9.515  13.658  3.635   1.00 41.96 ? 164 HIS A NE2 1 
ATOM   1199 N N   . LEU A 1 165 ? -3.111  15.012  2.209   1.00 19.38 ? 165 LEU A N   1 
ATOM   1200 C CA  . LEU A 1 165 ? -1.716  14.924  1.962   1.00 20.98 ? 165 LEU A CA  1 
ATOM   1201 C C   . LEU A 1 165 ? -0.747  15.864  2.685   1.00 22.27 ? 165 LEU A C   1 
ATOM   1202 O O   . LEU A 1 165 ? 0.208   15.381  3.325   1.00 23.52 ? 165 LEU A O   1 
ATOM   1203 C CB  . LEU A 1 165 ? -1.466  14.932  0.434   1.00 22.06 ? 165 LEU A CB  1 
ATOM   1204 C CG  . LEU A 1 165 ? -2.418  13.975  -0.269  1.00 22.44 ? 165 LEU A CG  1 
ATOM   1205 C CD1 . LEU A 1 165 ? -1.759  13.769  -1.633  1.00 18.45 ? 165 LEU A CD1 1 
ATOM   1206 C CD2 . LEU A 1 165 ? -2.425  12.714  0.629   1.00 20.43 ? 165 LEU A CD2 1 
ATOM   1207 N N   . PRO A 1 166 ? -0.947  17.202  2.638   1.00 22.76 ? 166 PRO A N   1 
ATOM   1208 C CA  . PRO A 1 166 ? 0.133   17.996  3.295   1.00 22.24 ? 166 PRO A CA  1 
ATOM   1209 C C   . PRO A 1 166 ? 0.226   17.711  4.767   1.00 23.66 ? 166 PRO A C   1 
ATOM   1210 O O   . PRO A 1 166 ? 1.298   17.795  5.307   1.00 27.37 ? 166 PRO A O   1 
ATOM   1211 C CB  . PRO A 1 166 ? -0.328  19.465  3.134   1.00 22.11 ? 166 PRO A CB  1 
ATOM   1212 C CG  . PRO A 1 166 ? -1.418  19.448  2.056   1.00 21.77 ? 166 PRO A CG  1 
ATOM   1213 C CD  . PRO A 1 166 ? -2.044  18.051  2.111   1.00 23.31 ? 166 PRO A CD  1 
ATOM   1214 N N   . HIS A 1 167 ? -0.880  17.405  5.438   1.00 23.36 ? 167 HIS A N   1 
ATOM   1215 C CA  . HIS A 1 167 ? -0.835  16.953  6.820   1.00 25.18 ? 167 HIS A CA  1 
ATOM   1216 C C   . HIS A 1 167 ? -0.055  15.621  7.041   1.00 23.51 ? 167 HIS A C   1 
ATOM   1217 O O   . HIS A 1 167 ? 0.755   15.452  8.000   1.00 19.54 ? 167 HIS A O   1 
ATOM   1218 C CB  . HIS A 1 167 ? -2.223  16.753  7.334   1.00 26.56 ? 167 HIS A CB  1 
ATOM   1219 C CG  . HIS A 1 167 ? -3.054  17.978  7.309   1.00 36.12 ? 167 HIS A CG  1 
ATOM   1220 N ND1 . HIS A 1 167 ? -4.404  17.954  7.595   1.00 47.23 ? 167 HIS A ND1 1 
ATOM   1221 C CD2 . HIS A 1 167 ? -2.730  19.279  7.094   1.00 44.46 ? 167 HIS A CD2 1 
ATOM   1222 C CE1 . HIS A 1 167 ? -4.885  19.185  7.510   1.00 51.51 ? 167 HIS A CE1 1 
ATOM   1223 N NE2 . HIS A 1 167 ? -3.892  20.008  7.190   1.00 49.07 ? 167 HIS A NE2 1 
ATOM   1224 N N   . TYR A 1 168 ? -0.338  14.676  6.157   1.00 22.73 ? 168 TYR A N   1 
ATOM   1225 C CA  . TYR A 1 168 ? 0.409   13.392  6.248   1.00 23.24 ? 168 TYR A CA  1 
ATOM   1226 C C   . TYR A 1 168 ? 1.935   13.650  5.987   1.00 23.33 ? 168 TYR A C   1 
ATOM   1227 O O   . TYR A 1 168 ? 2.803   13.099  6.687   1.00 23.14 ? 168 TYR A O   1 
ATOM   1228 C CB  . TYR A 1 168 ? -0.180  12.293  5.327   1.00 20.12 ? 168 TYR A CB  1 
ATOM   1229 C CG  . TYR A 1 168 ? -1.419  11.695  5.830   1.00 16.74 ? 168 TYR A CG  1 
ATOM   1230 C CD1 . TYR A 1 168 ? -2.621  11.976  5.265   1.00 16.17 ? 168 TYR A CD1 1 
ATOM   1231 C CD2 . TYR A 1 168 ? -1.386  10.770  6.871   1.00 19.41 ? 168 TYR A CD2 1 
ATOM   1232 C CE1 . TYR A 1 168 ? -3.842  11.371  5.800   1.00 19.62 ? 168 TYR A CE1 1 
ATOM   1233 C CE2 . TYR A 1 168 ? -2.530  10.141  7.367   1.00 13.60 ? 168 TYR A CE2 1 
ATOM   1234 C CZ  . TYR A 1 168 ? -3.742  10.452  6.836   1.00 18.34 ? 168 TYR A CZ  1 
ATOM   1235 O OH  . TYR A 1 168 ? -4.844  9.838   7.347   1.00 20.12 ? 168 TYR A OH  1 
ATOM   1236 N N   . ALA A 1 169 ? 2.242   14.560  5.060   1.00 23.64 ? 169 ALA A N   1 
ATOM   1237 C CA  . ALA A 1 169 ? 3.645   14.733  4.669   1.00 23.07 ? 169 ALA A CA  1 
ATOM   1238 C C   . ALA A 1 169 ? 4.512   15.213  5.815   1.00 21.39 ? 169 ALA A C   1 
ATOM   1239 O O   . ALA A 1 169 ? 5.655   14.856  5.820   1.00 23.25 ? 169 ALA A O   1 
ATOM   1240 C CB  . ALA A 1 169 ? 3.769   15.685  3.455   1.00 23.37 ? 169 ALA A CB  1 
ATOM   1241 N N   . ALA A 1 170 ? 4.003   16.022  6.743   1.00 19.48 ? 170 ALA A N   1 
ATOM   1242 C CA  . ALA A 1 170 ? 4.772   16.423  7.914   1.00 19.41 ? 170 ALA A CA  1 
ATOM   1243 C C   . ALA A 1 170 ? 5.057   15.305  8.940   1.00 21.65 ? 170 ALA A C   1 
ATOM   1244 O O   . ALA A 1 170 ? 5.708   15.587  9.936   1.00 23.36 ? 170 ALA A O   1 
ATOM   1245 C CB  . ALA A 1 170 ? 4.038   17.531  8.681   1.00 19.61 ? 170 ALA A CB  1 
ATOM   1246 N N   . LEU A 1 171 ? 4.496   14.093  8.828   1.00 21.07 ? 171 LEU A N   1 
ATOM   1247 C CA  . LEU A 1 171 ? 4.698   13.118  9.895   1.00 20.36 ? 171 LEU A CA  1 
ATOM   1248 C C   . LEU A 1 171 ? 6.056   12.473  9.686   1.00 18.94 ? 171 LEU A C   1 
ATOM   1249 O O   . LEU A 1 171 ? 6.468   12.277  8.550   1.00 18.86 ? 171 LEU A O   1 
ATOM   1250 C CB  . LEU A 1 171 ? 3.646   11.995  9.842   1.00 21.26 ? 171 LEU A CB  1 
ATOM   1251 C CG  . LEU A 1 171 ? 2.254   12.426  10.296  1.00 24.36 ? 171 LEU A CG  1 
ATOM   1252 C CD1 . LEU A 1 171 ? 1.273   11.476  9.614   1.00 23.57 ? 171 LEU A CD1 1 
ATOM   1253 C CD2 . LEU A 1 171 ? 2.106   12.588  11.872  1.00 21.91 ? 171 LEU A CD2 1 
ATOM   1254 N N   . PRO A 1 172 ? 6.747   12.097  10.762  1.00 16.38 ? 172 PRO A N   1 
ATOM   1255 C CA  . PRO A 1 172 ? 8.007   11.403  10.506  1.00 16.91 ? 172 PRO A CA  1 
ATOM   1256 C C   . PRO A 1 172 ? 7.936   9.844   10.364  1.00 15.96 ? 172 PRO A C   1 
ATOM   1257 O O   . PRO A 1 172 ? 8.930   9.229   10.033  1.00 15.92 ? 172 PRO A O   1 
ATOM   1258 C CB  . PRO A 1 172 ? 8.825   11.775  11.750  1.00 15.95 ? 172 PRO A CB  1 
ATOM   1259 C CG  . PRO A 1 172 ? 7.816   11.860  12.856  1.00 14.13 ? 172 PRO A CG  1 
ATOM   1260 C CD  . PRO A 1 172 ? 6.548   12.328  12.191  1.00 17.17 ? 172 PRO A CD  1 
ATOM   1261 N N   . ASN A 1 173 ? 6.784   9.201   10.591  1.00 15.76 ? 173 ASN A N   1 
ATOM   1262 C CA  . ASN A 1 173 ? 6.724   7.732   10.661  1.00 12.62 ? 173 ASN A CA  1 
ATOM   1263 C C   . ASN A 1 173 ? 5.870   7.272   9.484   1.00 13.75 ? 173 ASN A C   1 
ATOM   1264 O O   . ASN A 1 173 ? 5.151   6.268   9.576   1.00 14.64 ? 173 ASN A O   1 
ATOM   1265 C CB  . ASN A 1 173 ? 6.135   7.439   12.034  1.00 12.09 ? 173 ASN A CB  1 
ATOM   1266 C CG  . ASN A 1 173 ? 4.743   8.102   12.219  1.00 12.19 ? 173 ASN A CG  1 
ATOM   1267 O OD1 . ASN A 1 173 ? 4.412   9.012   11.475  1.00 12.76 ? 173 ASN A OD1 1 
ATOM   1268 N ND2 . ASN A 1 173 ? 3.924   7.623   13.142  1.00 9.23  ? 173 ASN A ND2 1 
ATOM   1269 N N   . LEU A 1 174 ? 5.988   7.943   8.321   1.00 14.41 ? 174 LEU A N   1 
ATOM   1270 C CA  . LEU A 1 174 ? 5.181   7.636   7.178   1.00 15.97 ? 174 LEU A CA  1 
ATOM   1271 C C   . LEU A 1 174 ? 5.888   6.906   6.029   1.00 18.28 ? 174 LEU A C   1 
ATOM   1272 O O   . LEU A 1 174 ? 6.774   7.444   5.341   1.00 21.97 ? 174 LEU A O   1 
ATOM   1273 C CB  . LEU A 1 174 ? 4.548   8.889   6.661   1.00 15.75 ? 174 LEU A CB  1 
ATOM   1274 C CG  . LEU A 1 174 ? 3.564   8.694   5.471   1.00 18.81 ? 174 LEU A CG  1 
ATOM   1275 C CD1 . LEU A 1 174 ? 2.112   8.402   5.912   1.00 19.58 ? 174 LEU A CD1 1 
ATOM   1276 C CD2 . LEU A 1 174 ? 3.491   9.894   4.401   1.00 17.54 ? 174 LEU A CD2 1 
ATOM   1277 N N   . LEU A 1 175 ? 5.471   5.675   5.768   1.00 18.07 ? 175 LEU A N   1 
ATOM   1278 C CA  . LEU A 1 175 ? 6.042   4.866   4.730   1.00 15.71 ? 175 LEU A CA  1 
ATOM   1279 C C   . LEU A 1 175 ? 5.466   5.310   3.355   1.00 16.91 ? 175 LEU A C   1 
ATOM   1280 O O   . LEU A 1 175 ? 6.227   5.490   2.325   1.00 16.79 ? 175 LEU A O   1 
ATOM   1281 C CB  . LEU A 1 175 ? 5.665   3.388   5.005   1.00 15.96 ? 175 LEU A CB  1 
ATOM   1282 C CG  . LEU A 1 175 ? 6.027   2.486   3.788   1.00 16.36 ? 175 LEU A CG  1 
ATOM   1283 C CD1 . LEU A 1 175 ? 7.497   2.646   3.451   1.00 17.89 ? 175 LEU A CD1 1 
ATOM   1284 C CD2 . LEU A 1 175 ? 5.825   1.058   4.054   1.00 17.75 ? 175 LEU A CD2 1 
ATOM   1285 N N   . ALA A 1 176 ? 4.129   5.447   3.274   1.00 14.10 ? 176 ALA A N   1 
ATOM   1286 C CA  . ALA A 1 176 ? 3.514   5.906   2.015   1.00 13.89 ? 176 ALA A CA  1 
ATOM   1287 C C   . ALA A 1 176 ? 2.055   6.094   2.340   1.00 15.58 ? 176 ALA A C   1 
ATOM   1288 O O   . ALA A 1 176 ? 1.578   5.581   3.370   1.00 18.87 ? 176 ALA A O   1 
ATOM   1289 C CB  . ALA A 1 176 ? 3.635   4.883   0.910   1.00 9.55  ? 176 ALA A CB  1 
ATOM   1290 N N   . VAL A 1 177 ? 1.320   6.765   1.471   1.00 14.65 ? 177 VAL A N   1 
ATOM   1291 C CA  . VAL A 1 177 ? -0.091  6.930   1.711   1.00 13.80 ? 177 VAL A CA  1 
ATOM   1292 C C   . VAL A 1 177 ? -0.733  6.128   0.607   1.00 13.17 ? 177 VAL A C   1 
ATOM   1293 O O   . VAL A 1 177 ? -0.325  6.238   -0.513  1.00 10.71 ? 177 VAL A O   1 
ATOM   1294 C CB  . VAL A 1 177 ? -0.529  8.401   1.547   1.00 12.19 ? 177 VAL A CB  1 
ATOM   1295 C CG1 . VAL A 1 177 ? -1.934  8.448   1.130   1.00 11.66 ? 177 VAL A CG1 1 
ATOM   1296 C CG2 . VAL A 1 177 ? -0.335  9.135   2.853   1.00 14.60 ? 177 VAL A CG2 1 
ATOM   1297 N N   . GLY A 1 178 ? -1.727  5.324   0.944   1.00 14.10 ? 178 GLY A N   1 
ATOM   1298 C CA  . GLY A 1 178 ? -2.390  4.529   -0.035  1.00 15.73 ? 178 GLY A CA  1 
ATOM   1299 C C   . GLY A 1 178 ? -3.725  5.104   -0.428  1.00 18.03 ? 178 GLY A C   1 
ATOM   1300 O O   . GLY A 1 178 ? -4.472  5.647   0.414   1.00 15.67 ? 178 GLY A O   1 
ATOM   1301 N N   . GLY A 1 179 ? -4.082  4.893   -1.697  1.00 21.33 ? 179 GLY A N   1 
ATOM   1302 C CA  . GLY A 1 179 ? -5.462  5.092   -2.059  1.00 24.99 ? 179 GLY A CA  1 
ATOM   1303 C C   . GLY A 1 179 ? -5.815  4.708   -3.458  1.00 28.23 ? 179 GLY A C   1 
ATOM   1304 O O   . GLY A 1 179 ? -4.943  4.584   -4.338  1.00 28.68 ? 179 GLY A O   1 
ATOM   1305 N N   . SER A 1 180 ? -7.120  4.588   -3.676  1.00 30.70 ? 180 SER A N   1 
ATOM   1306 C CA  . SER A 1 180 ? -7.620  4.330   -5.035  1.00 34.18 ? 180 SER A CA  1 
ATOM   1307 C C   . SER A 1 180 ? -8.056  5.574   -5.781  1.00 35.23 ? 180 SER A C   1 
ATOM   1308 O O   . SER A 1 180 ? -8.332  5.504   -6.999  1.00 35.41 ? 180 SER A O   1 
ATOM   1309 C CB  . SER A 1 180 ? -8.817  3.442   -4.938  1.00 33.90 ? 180 SER A CB  1 
ATOM   1310 O OG  . SER A 1 180 ? -9.576  3.981   -3.877  1.00 37.60 ? 180 SER A OG  1 
ATOM   1311 N N   . TRP A 1 181 ? -8.098  6.690   -5.044  1.00 36.46 ? 181 TRP A N   1 
ATOM   1312 C CA  . TRP A 1 181 ? -8.676  7.916   -5.576  1.00 38.35 ? 181 TRP A CA  1 
ATOM   1313 C C   . TRP A 1 181 ? -7.843  8.360   -6.795  1.00 38.87 ? 181 TRP A C   1 
ATOM   1314 O O   . TRP A 1 181 ? -8.424  8.793   -7.823  1.00 39.82 ? 181 TRP A O   1 
ATOM   1315 C CB  . TRP A 1 181 ? -8.769  9.006   -4.487  1.00 37.57 ? 181 TRP A CB  1 
ATOM   1316 C CG  . TRP A 1 181 ? -7.541  9.835   -4.419  1.00 36.96 ? 181 TRP A CG  1 
ATOM   1317 C CD1 . TRP A 1 181 ? -7.252  10.913  -5.173  1.00 37.73 ? 181 TRP A CD1 1 
ATOM   1318 C CD2 . TRP A 1 181 ? -6.396  9.609   -3.585  1.00 37.77 ? 181 TRP A CD2 1 
ATOM   1319 N NE1 . TRP A 1 181 ? -6.019  11.426  -4.823  1.00 38.14 ? 181 TRP A NE1 1 
ATOM   1320 C CE2 . TRP A 1 181 ? -5.466  10.616  -3.870  1.00 34.48 ? 181 TRP A CE2 1 
ATOM   1321 C CE3 . TRP A 1 181 ? -6.068  8.630   -2.623  1.00 42.40 ? 181 TRP A CE3 1 
ATOM   1322 C CZ2 . TRP A 1 181 ? -4.235  10.688  -3.264  1.00 36.16 ? 181 TRP A CZ2 1 
ATOM   1323 C CZ3 . TRP A 1 181 ? -4.825  8.708   -2.011  1.00 40.62 ? 181 TRP A CZ3 1 
ATOM   1324 C CH2 . TRP A 1 181 ? -3.918  9.738   -2.345  1.00 37.75 ? 181 TRP A CH2 1 
ATOM   1325 N N   . LEU A 1 182 ? -6.502  8.231   -6.647  1.00 39.59 ? 182 LEU A N   1 
ATOM   1326 C CA  . LEU A 1 182 ? -5.432  8.359   -7.700  1.00 38.98 ? 182 LEU A CA  1 
ATOM   1327 C C   . LEU A 1 182 ? -5.703  7.763   -9.057  1.00 39.66 ? 182 LEU A C   1 
ATOM   1328 O O   . LEU A 1 182 ? -5.002  8.078   -9.976  1.00 41.84 ? 182 LEU A O   1 
ATOM   1329 C CB  . LEU A 1 182 ? -4.142  7.628   -7.280  1.00 38.21 ? 182 LEU A CB  1 
ATOM   1330 C CG  . LEU A 1 182 ? -3.003  8.290   -6.538  1.00 35.20 ? 182 LEU A CG  1 
ATOM   1331 C CD1 . LEU A 1 182 ? -3.274  9.734   -6.677  1.00 37.52 ? 182 LEU A CD1 1 
ATOM   1332 C CD2 . LEU A 1 182 ? -3.058  7.954   -5.147  1.00 32.67 ? 182 LEU A CD2 1 
ATOM   1333 N N   . LEU A 1 183 ? -6.666  6.885   -9.195  1.00 40.24 ? 183 LEU A N   1 
ATOM   1334 C CA  . LEU A 1 183 ? -6.629  6.016   -10.319 1.00 42.72 ? 183 LEU A CA  1 
ATOM   1335 C C   . LEU A 1 183 ? -7.901  6.082   -11.125 1.00 45.00 ? 183 LEU A C   1 
ATOM   1336 O O   . LEU A 1 183 ? -8.087  5.351   -12.093 1.00 44.72 ? 183 LEU A O   1 
ATOM   1337 C CB  . LEU A 1 183 ? -6.367  4.570   -9.823  1.00 43.27 ? 183 LEU A CB  1 
ATOM   1338 C CG  . LEU A 1 183 ? -4.969  4.021   -9.399  1.00 39.66 ? 183 LEU A CG  1 
ATOM   1339 C CD1 . LEU A 1 183 ? -4.925  2.569   -9.671  1.00 36.67 ? 183 LEU A CD1 1 
ATOM   1340 C CD2 . LEU A 1 183 ? -3.801  4.662   -10.120 1.00 38.84 ? 183 LEU A CD2 1 
ATOM   1341 N N   . GLN A 1 184 ? -8.774  6.994   -10.716 1.00 48.29 ? 184 GLN A N   1 
ATOM   1342 C CA  . GLN A 1 184 ? -10.072 7.235   -11.378 1.00 50.16 ? 184 GLN A CA  1 
ATOM   1343 C C   . GLN A 1 184 ? -9.821  8.229   -12.492 1.00 50.31 ? 184 GLN A C   1 
ATOM   1344 O O   . GLN A 1 184 ? -8.987  9.165   -12.330 1.00 48.80 ? 184 GLN A O   1 
ATOM   1345 C CB  . GLN A 1 184 ? -11.107 7.770   -10.368 1.00 50.94 ? 184 GLN A CB  1 
ATOM   1346 C CG  . GLN A 1 184 ? -10.961 7.192   -8.891  1.00 52.38 ? 184 GLN A CG  1 
ATOM   1347 C CD  . GLN A 1 184 ? -11.299 5.694   -8.732  1.00 54.11 ? 184 GLN A CD  1 
ATOM   1348 O OE1 . GLN A 1 184 ? -11.036 5.129   -7.678  1.00 56.30 ? 184 GLN A OE1 1 
ATOM   1349 N NE2 . GLN A 1 184 ? -11.863 5.054   -9.779  1.00 55.50 ? 184 GLN A NE2 1 
ATOM   1350 N N   . GLY A 1 185 ? -10.516 7.985   -13.610 1.00 50.69 ? 185 GLY A N   1 
ATOM   1351 C CA  . GLY A 1 185 ? -10.264 8.684   -14.878 1.00 51.63 ? 185 GLY A CA  1 
ATOM   1352 C C   . GLY A 1 185 ? -9.612  7.986   -16.085 1.00 51.86 ? 185 GLY A C   1 
ATOM   1353 O O   . GLY A 1 185 ? -9.911  6.872   -16.471 1.00 51.45 ? 185 GLY A O   1 
ATOM   1354 N N   . ASN A 1 186 ? -8.726  8.712   -16.723 1.00 52.65 ? 186 ASN A N   1 
ATOM   1355 C CA  . ASN A 1 186 ? -8.167  8.313   -18.002 1.00 52.24 ? 186 ASN A CA  1 
ATOM   1356 C C   . ASN A 1 186 ? -6.670  8.554   -17.788 1.00 50.59 ? 186 ASN A C   1 
ATOM   1357 O O   . ASN A 1 186 ? -6.290  9.222   -16.827 1.00 51.20 ? 186 ASN A O   1 
ATOM   1358 C CB  . ASN A 1 186 ? -8.747  9.222   -19.134 1.00 52.31 ? 186 ASN A CB  1 
ATOM   1359 C CG  . ASN A 1 186 ? -7.707  10.193  -19.655 1.00 54.57 ? 186 ASN A CG  1 
ATOM   1360 O OD1 . ASN A 1 186 ? -7.255  11.114  -18.938 1.00 53.60 ? 186 ASN A OD1 1 
ATOM   1361 N ND2 . ASN A 1 186 ? -7.223  9.925   -20.873 1.00 58.03 ? 186 ASN A ND2 1 
ATOM   1362 N N   . LEU A 1 187 ? -5.825  8.043   -18.656 1.00 49.43 ? 187 LEU A N   1 
ATOM   1363 C CA  . LEU A 1 187 ? -4.359  8.153   -18.468 1.00 50.75 ? 187 LEU A CA  1 
ATOM   1364 C C   . LEU A 1 187 ? -3.708  9.579   -18.231 1.00 50.89 ? 187 LEU A C   1 
ATOM   1365 O O   . LEU A 1 187 ? -2.725  9.735   -17.454 1.00 49.98 ? 187 LEU A O   1 
ATOM   1366 C CB  . LEU A 1 187 ? -3.647  7.445   -19.629 1.00 51.15 ? 187 LEU A CB  1 
ATOM   1367 C CG  . LEU A 1 187 ? -3.488  5.943   -19.377 1.00 52.46 ? 187 LEU A CG  1 
ATOM   1368 C CD1 . LEU A 1 187 ? -3.733  5.148   -20.649 1.00 53.06 ? 187 LEU A CD1 1 
ATOM   1369 C CD2 . LEU A 1 187 ? -2.102  5.653   -18.742 1.00 54.47 ? 187 LEU A CD2 1 
ATOM   1370 N N   . GLU A 1 188 ? -4.224  10.590  -18.947 1.00 50.39 ? 188 GLU A N   1 
ATOM   1371 C CA  . GLU A 1 188 ? -3.803  11.930  -18.672 1.00 49.56 ? 188 GLU A CA  1 
ATOM   1372 C C   . GLU A 1 188 ? -4.387  12.427  -17.310 1.00 48.55 ? 188 GLU A C   1 
ATOM   1373 O O   . GLU A 1 188 ? -3.652  13.092  -16.572 1.00 47.48 ? 188 GLU A O   1 
ATOM   1374 C CB  . GLU A 1 188 ? -4.109  12.843  -19.858 1.00 50.51 ? 188 GLU A CB  1 
ATOM   1375 C CG  . GLU A 1 188 ? -5.575  13.349  -19.958 1.00 55.01 ? 188 GLU A CG  1 
ATOM   1376 C CD  . GLU A 1 188 ? -5.688  14.816  -20.490 1.00 59.31 ? 188 GLU A CD  1 
ATOM   1377 O OE1 . GLU A 1 188 ? -4.995  15.210  -21.457 1.00 54.68 ? 188 GLU A OE1 1 
ATOM   1378 O OE2 . GLU A 1 188 ? -6.493  15.588  -19.913 1.00 64.89 ? 188 GLU A OE2 1 
ATOM   1379 N N   . ALA A 1 189 ? -5.666  12.073  -17.008 1.00 47.54 ? 189 ALA A N   1 
ATOM   1380 C CA  . ALA A 1 189 ? -6.368  12.216  -15.649 1.00 46.61 ? 189 ALA A CA  1 
ATOM   1381 C C   . ALA A 1 189 ? -5.554  11.666  -14.432 1.00 45.35 ? 189 ALA A C   1 
ATOM   1382 O O   . ALA A 1 189 ? -4.997  12.453  -13.588 1.00 44.69 ? 189 ALA A O   1 
ATOM   1383 C CB  . ALA A 1 189 ? -7.802  11.545  -15.670 1.00 44.90 ? 189 ALA A CB  1 
ATOM   1384 N N   . VAL A 1 190 ? -5.464  10.325  -14.382 1.00 43.08 ? 190 VAL A N   1 
ATOM   1385 C CA  . VAL A 1 190 ? -4.608  9.633   -13.407 1.00 42.30 ? 190 VAL A CA  1 
ATOM   1386 C C   . VAL A 1 190 ? -3.144  10.246  -13.214 1.00 41.12 ? 190 VAL A C   1 
ATOM   1387 O O   . VAL A 1 190 ? -2.693  10.532  -12.071 1.00 39.62 ? 190 VAL A O   1 
ATOM   1388 C CB  . VAL A 1 190 ? -4.589  8.089   -13.693 1.00 41.74 ? 190 VAL A CB  1 
ATOM   1389 C CG1 . VAL A 1 190 ? -3.840  7.361   -12.625 1.00 39.99 ? 190 VAL A CG1 1 
ATOM   1390 C CG2 . VAL A 1 190 ? -6.000  7.546   -13.807 1.00 42.37 ? 190 VAL A CG2 1 
ATOM   1391 N N   . ARG A 1 191 ? -2.432  10.429  -14.332 1.00 40.49 ? 191 ARG A N   1 
ATOM   1392 C CA  . ARG A 1 191 ? -1.135  11.088  -14.332 1.00 40.55 ? 191 ARG A CA  1 
ATOM   1393 C C   . ARG A 1 191 ? -1.138  12.351  -13.500 1.00 40.91 ? 191 ARG A C   1 
ATOM   1394 O O   . ARG A 1 191 ? -0.249  12.535  -12.681 1.00 41.21 ? 191 ARG A O   1 
ATOM   1395 C CB  . ARG A 1 191 ? -0.699  11.482  -15.722 1.00 40.12 ? 191 ARG A CB  1 
ATOM   1396 C CG  . ARG A 1 191 ? 0.689   12.167  -15.601 1.00 40.71 ? 191 ARG A CG  1 
ATOM   1397 C CD  . ARG A 1 191 ? 1.338   12.528  -16.969 1.00 45.76 ? 191 ARG A CD  1 
ATOM   1398 N NE  . ARG A 1 191 ? 1.511   11.406  -17.934 1.00 42.04 ? 191 ARG A NE  1 
ATOM   1399 C CZ  . ARG A 1 191 ? 2.635   10.713  -18.115 1.00 41.64 ? 191 ARG A CZ  1 
ATOM   1400 N NH1 . ARG A 1 191 ? 3.742   10.978  -17.428 1.00 41.44 ? 191 ARG A NH1 1 
ATOM   1401 N NH2 . ARG A 1 191 ? 2.658   9.733   -19.006 1.00 45.47 ? 191 ARG A NH2 1 
ATOM   1402 N N   . ALA A 1 192 ? -2.162  13.199  -13.738 1.00 41.12 ? 192 ALA A N   1 
ATOM   1403 C CA  . ALA A 1 192 ? -2.358  14.474  -13.057 1.00 41.05 ? 192 ALA A CA  1 
ATOM   1404 C C   . ALA A 1 192 ? -2.529  14.284  -11.563 1.00 39.80 ? 192 ALA A C   1 
ATOM   1405 O O   . ALA A 1 192 ? -1.760  14.845  -10.757 1.00 39.51 ? 192 ALA A O   1 
ATOM   1406 C CB  . ALA A 1 192 ? -3.564  15.292  -13.666 1.00 41.70 ? 192 ALA A CB  1 
ATOM   1407 N N   . LYS A 1 193 ? -3.505  13.472  -11.209 1.00 37.96 ? 193 LYS A N   1 
ATOM   1408 C CA  . LYS A 1 193 ? -3.682  13.120  -9.809  1.00 38.00 ? 193 LYS A CA  1 
ATOM   1409 C C   . LYS A 1 193 ? -2.378  12.579  -9.173  1.00 37.50 ? 193 LYS A C   1 
ATOM   1410 O O   . LYS A 1 193 ? -1.964  13.014  -8.089  1.00 38.26 ? 193 LYS A O   1 
ATOM   1411 C CB  . LYS A 1 193 ? -4.832  12.144  -9.719  1.00 39.93 ? 193 LYS A CB  1 
ATOM   1412 C CG  . LYS A 1 193 ? -6.158  12.713  -10.396 1.00 40.50 ? 193 LYS A CG  1 
ATOM   1413 C CD  . LYS A 1 193 ? -7.234  11.674  -10.407 1.00 45.83 ? 193 LYS A CD  1 
ATOM   1414 C CE  . LYS A 1 193 ? -8.603  12.281  -10.059 1.00 49.32 ? 193 LYS A CE  1 
ATOM   1415 N NZ  . LYS A 1 193 ? -9.467  12.164  -11.301 1.00 48.95 ? 193 LYS A NZ  1 
ATOM   1416 N N   . VAL A 1 194 ? -1.655  11.705  -9.867  1.00 35.63 ? 194 VAL A N   1 
ATOM   1417 C CA  . VAL A 1 194 ? -0.429  11.170  -9.294  1.00 33.24 ? 194 VAL A CA  1 
ATOM   1418 C C   . VAL A 1 194 ? 0.606   12.263  -9.092  1.00 33.28 ? 194 VAL A C   1 
ATOM   1419 O O   . VAL A 1 194 ? 1.315   12.351  -7.997  1.00 30.76 ? 194 VAL A O   1 
ATOM   1420 C CB  . VAL A 1 194 ? 0.212   9.980   -10.230 1.00 34.11 ? 194 VAL A CB  1 
ATOM   1421 C CG1 . VAL A 1 194 ? 1.670   9.648   -9.820  1.00 31.02 ? 194 VAL A CG1 1 
ATOM   1422 C CG2 . VAL A 1 194 ? -0.624  8.739   -10.225 1.00 26.24 ? 194 VAL A CG2 1 
ATOM   1423 N N   . ARG A 1 195 ? 0.727   13.093  -10.162 1.00 32.58 ? 195 ARG A N   1 
ATOM   1424 C CA  . ARG A 1 195 ? 1.746   14.139  -10.138 1.00 32.64 ? 195 ARG A CA  1 
ATOM   1425 C C   . ARG A 1 195 ? 1.512   15.125  -8.950  1.00 30.01 ? 195 ARG A C   1 
ATOM   1426 O O   . ARG A 1 195 ? 2.439   15.429  -8.192  1.00 27.61 ? 195 ARG A O   1 
ATOM   1427 C CB  . ARG A 1 195 ? 1.816   14.837  -11.468 1.00 33.47 ? 195 ARG A CB  1 
ATOM   1428 C CG  . ARG A 1 195 ? 2.905   15.973  -11.504 1.00 34.88 ? 195 ARG A CG  1 
ATOM   1429 C CD  . ARG A 1 195 ? 2.793   16.734  -12.859 1.00 38.53 ? 195 ARG A CD  1 
ATOM   1430 N NE  . ARG A 1 195 ? 3.077   15.862  -14.034 1.00 49.45 ? 195 ARG A NE  1 
ATOM   1431 C CZ  . ARG A 1 195 ? 3.115   16.213  -15.336 1.00 47.98 ? 195 ARG A CZ  1 
ATOM   1432 N NH1 . ARG A 1 195 ? 2.906   17.461  -15.744 1.00 48.72 ? 195 ARG A NH1 1 
ATOM   1433 N NH2 . ARG A 1 195 ? 3.398   15.286  -16.242 1.00 49.03 ? 195 ARG A NH2 1 
ATOM   1434 N N   . ALA A 1 196 ? 0.244   15.563  -8.850  1.00 27.82 ? 196 ALA A N   1 
ATOM   1435 C CA  . ALA A 1 196 ? -0.385  16.316  -7.716  1.00 27.18 ? 196 ALA A CA  1 
ATOM   1436 C C   . ALA A 1 196 ? -0.214  15.722  -6.311  1.00 27.24 ? 196 ALA A C   1 
ATOM   1437 O O   . ALA A 1 196 ? 0.382   16.394  -5.429  1.00 26.33 ? 196 ALA A O   1 
ATOM   1438 C CB  . ALA A 1 196 ? -1.926  16.562  -7.981  1.00 25.06 ? 196 ALA A CB  1 
ATOM   1439 N N   . ALA A 1 197 ? -0.731  14.495  -6.075  1.00 27.38 ? 197 ALA A N   1 
ATOM   1440 C CA  . ALA A 1 197 ? -0.433  13.821  -4.754  1.00 28.89 ? 197 ALA A CA  1 
ATOM   1441 C C   . ALA A 1 197 ? 1.094   13.674  -4.482  1.00 29.01 ? 197 ALA A C   1 
ATOM   1442 O O   . ALA A 1 197 ? 1.605   13.921  -3.357  1.00 31.17 ? 197 ALA A O   1 
ATOM   1443 C CB  . ALA A 1 197 ? -1.163  12.501  -4.629  1.00 29.06 ? 197 ALA A CB  1 
ATOM   1444 N N   . LYS A 1 198 ? 1.854   13.401  -5.540  1.00 29.25 ? 198 LYS A N   1 
ATOM   1445 C CA  . LYS A 1 198 ? 3.308   13.277  -5.384  1.00 28.67 ? 198 LYS A CA  1 
ATOM   1446 C C   . LYS A 1 198 ? 3.889   14.566  -4.886  1.00 27.51 ? 198 LYS A C   1 
ATOM   1447 O O   . LYS A 1 198 ? 4.812   14.525  -4.079  1.00 28.02 ? 198 LYS A O   1 
ATOM   1448 C CB  . LYS A 1 198 ? 3.950   12.830  -6.714  1.00 30.84 ? 198 LYS A CB  1 
ATOM   1449 C CG  . LYS A 1 198 ? 5.076   11.813  -6.540  1.00 32.22 ? 198 LYS A CG  1 
ATOM   1450 C CD  . LYS A 1 198 ? 5.882   12.038  -5.206  1.00 37.69 ? 198 LYS A CD  1 
ATOM   1451 C CE  . LYS A 1 198 ? 7.112   11.134  -5.149  1.00 38.35 ? 198 LYS A CE  1 
ATOM   1452 N NZ  . LYS A 1 198 ? 7.876   11.485  -6.400  1.00 42.23 ? 198 LYS A NZ  1 
ATOM   1453 N N   . ALA A 1 199 ? 3.334   15.694  -5.347  1.00 25.97 ? 199 ALA A N   1 
ATOM   1454 C CA  . ALA A 1 199 ? 3.852   17.004  -5.019  1.00 28.19 ? 199 ALA A CA  1 
ATOM   1455 C C   . ALA A 1 199 ? 3.309   17.432  -3.615  1.00 30.40 ? 199 ALA A C   1 
ATOM   1456 O O   . ALA A 1 199 ? 4.022   18.147  -2.807  1.00 28.63 ? 199 ALA A O   1 
ATOM   1457 C CB  . ALA A 1 199 ? 3.406   17.987  -6.040  1.00 27.71 ? 199 ALA A CB  1 
ATOM   1458 N N   . LEU A 1 200 ? 2.046   17.037  -3.311  1.00 30.13 ? 200 LEU A N   1 
ATOM   1459 C CA  . LEU A 1 200 ? 1.489   17.492  -2.036  1.00 30.42 ? 200 LEU A CA  1 
ATOM   1460 C C   . LEU A 1 200 ? 2.250   16.835  -0.910  1.00 32.90 ? 200 LEU A C   1 
ATOM   1461 O O   . LEU A 1 200 ? 2.353   17.399  0.194   1.00 32.16 ? 200 LEU A O   1 
ATOM   1462 C CB  . LEU A 1 200 ? 0.000   17.241  -1.919  1.00 30.22 ? 200 LEU A CB  1 
ATOM   1463 C CG  . LEU A 1 200 ? -0.946  18.143  -2.746  1.00 27.78 ? 200 LEU A CG  1 
ATOM   1464 C CD1 . LEU A 1 200 ? -2.271  17.528  -2.825  1.00 21.40 ? 200 LEU A CD1 1 
ATOM   1465 C CD2 . LEU A 1 200 ? -0.987  19.581  -2.133  1.00 22.02 ? 200 LEU A CD2 1 
ATOM   1466 N N   . LEU A 1 201 ? 2.848   15.668  -1.214  1.00 34.94 ? 201 LEU A N   1 
ATOM   1467 C CA  . LEU A 1 201 ? 3.769   15.077  -0.267  1.00 37.54 ? 201 LEU A CA  1 
ATOM   1468 C C   . LEU A 1 201 ? 5.201   15.542  -0.535  1.00 40.14 ? 201 LEU A C   1 
ATOM   1469 O O   . LEU A 1 201 ? 5.586   15.673  -1.737  1.00 41.54 ? 201 LEU A O   1 
ATOM   1470 C CB  . LEU A 1 201 ? 3.627   13.567  -0.343  1.00 36.86 ? 201 LEU A CB  1 
ATOM   1471 C CG  . LEU A 1 201 ? 2.279   13.081  0.196   1.00 32.44 ? 201 LEU A CG  1 
ATOM   1472 C CD1 . LEU A 1 201 ? 2.030   11.769  -0.421  1.00 26.06 ? 201 LEU A CD1 1 
ATOM   1473 C CD2 . LEU A 1 201 ? 2.270   13.041  1.747   1.00 25.97 ? 201 LEU A CD2 1 
ATOM   1474 N N   . SER A 1 202 ? 5.979   15.784  0.540   1.00 42.70 ? 202 SER A N   1 
ATOM   1475 C CA  . SER A 1 202 ? 7.285   16.570  0.459   1.00 45.00 ? 202 SER A CA  1 
ATOM   1476 C C   . SER A 1 202 ? 7.225   17.857  -0.366  1.00 45.62 ? 202 SER A C   1 
ATOM   1477 O O   . SER A 1 202 ? 7.382   17.782  -1.535  1.00 43.67 ? 202 SER A O   1 
ATOM   1478 C CB  . SER A 1 202 ? 8.443   15.730  -0.074  1.00 45.43 ? 202 SER A CB  1 
ATOM   1479 N N   . PRO A 1 203 ? 7.007   19.004  0.292   1.00 48.39 ? 203 PRO A N   1 
ATOM   1480 C CA  . PRO A 1 203 ? 6.883   20.344  -0.290  1.00 50.03 ? 203 PRO A CA  1 
ATOM   1481 C C   . PRO A 1 203 ? 8.117   21.255  -0.026  1.00 50.69 ? 203 PRO A C   1 
ATOM   1482 O O   . PRO A 1 203 ? 9.292   20.900  -0.310  1.00 52.35 ? 203 PRO A O   1 
ATOM   1483 C CB  . PRO A 1 203 ? 5.611   21.000  0.291   1.00 49.92 ? 203 PRO A CB  1 
HETATM 1484 O O   . HOH B 2 .   ? -5.876  -4.629  2.510   1.00 2.00  ? 208 HOH A O   1 
HETATM 1485 O O   . HOH B 2 .   ? 5.209   5.463   14.394  1.00 12.24 ? 209 HOH A O   1 
HETATM 1486 O O   . HOH B 2 .   ? -6.770  -2.265  10.706  1.00 12.33 ? 210 HOH A O   1 
HETATM 1487 O O   . HOH B 2 .   ? 5.739   -12.057 8.098   1.00 6.72  ? 211 HOH A O   1 
HETATM 1488 O O   . HOH B 2 .   ? 7.668   10.080  7.341   1.00 22.24 ? 212 HOH A O   1 
HETATM 1489 O O   . HOH B 2 .   ? -7.105  5.825   0.844   1.00 12.98 ? 213 HOH A O   1 
HETATM 1490 O O   . HOH B 2 .   ? -4.575  -16.037 10.341  1.00 23.76 ? 214 HOH A O   1 
HETATM 1491 O O   . HOH B 2 .   ? -8.781  -6.534  -8.680  1.00 23.66 ? 215 HOH A O   1 
HETATM 1492 O O   . HOH B 2 .   ? 2.103   -10.845 18.384  1.00 24.16 ? 216 HOH A O   1 
HETATM 1493 O O   . HOH B 2 .   ? 8.122   -5.231  8.968   1.00 23.69 ? 217 HOH A O   1 
HETATM 1494 O O   . HOH B 2 .   ? -9.989  -10.989 -0.667  1.00 29.85 ? 218 HOH A O   1 
HETATM 1495 O O   . HOH B 2 .   ? 0.306   13.935  19.385  1.00 11.96 ? 219 HOH A O   1 
HETATM 1496 O O   . HOH B 2 .   ? 1.738   -0.871  24.563  1.00 19.02 ? 220 HOH A O   1 
HETATM 1497 O O   . HOH B 2 .   ? 5.430   -5.815  20.948  1.00 12.07 ? 221 HOH A O   1 
HETATM 1498 O O   . HOH B 2 .   ? 8.877   6.302   22.878  1.00 22.85 ? 222 HOH A O   1 
HETATM 1499 O O   . HOH B 2 .   ? 0.989   16.838  10.578  1.00 21.02 ? 223 HOH A O   1 
HETATM 1500 O O   . HOH B 2 .   ? -8.368  3.509   -0.955  1.00 20.49 ? 224 HOH A O   1 
HETATM 1501 O O   . HOH B 2 .   ? -7.143  -3.583  13.016  1.00 6.48  ? 225 HOH A O   1 
HETATM 1502 O O   . HOH B 2 .   ? -2.614  13.744  18.049  1.00 23.58 ? 226 HOH A O   1 
HETATM 1503 O O   . HOH B 2 .   ? -11.246 -13.927 1.139   1.00 29.33 ? 227 HOH A O   1 
HETATM 1504 O O   . HOH B 2 .   ? 11.940  -18.329 2.205   1.00 27.12 ? 228 HOH A O   1 
HETATM 1505 O O   . HOH B 2 .   ? -1.760  -17.446 -9.101  1.00 20.41 ? 229 HOH A O   1 
HETATM 1506 O O   . HOH B 2 .   ? -8.520  6.354   -1.509  1.00 18.55 ? 230 HOH A O   1 
HETATM 1507 O O   . HOH B 2 .   ? -3.171  -0.558  1.524   1.00 23.34 ? 231 HOH A O   1 
HETATM 1508 O O   . HOH B 2 .   ? -9.732  11.755  9.046   1.00 12.17 ? 232 HOH A O   1 
HETATM 1509 O O   . HOH B 2 .   ? 1.682   -10.057 21.022  1.00 29.19 ? 233 HOH A O   1 
HETATM 1510 O O   . HOH B 2 .   ? -0.302  -12.618 18.014  1.00 29.75 ? 234 HOH A O   1 
HETATM 1511 O O   . HOH B 2 .   ? 6.914   -10.770 6.565   1.00 17.28 ? 235 HOH A O   1 
HETATM 1512 O O   . HOH B 2 .   ? 3.128   -15.384 12.455  1.00 23.47 ? 236 HOH A O   1 
HETATM 1513 O O   . HOH B 2 .   ? 10.086  -1.681  8.745   1.00 17.73 ? 237 HOH A O   1 
HETATM 1514 O O   . HOH B 2 .   ? -0.710  -10.952 22.029  1.00 31.63 ? 238 HOH A O   1 
HETATM 1515 O O   . HOH B 2 .   ? 4.362   -7.549  -17.245 1.00 27.98 ? 239 HOH A O   1 
HETATM 1516 O O   . HOH B 2 .   ? 3.509   15.490  13.638  1.00 32.04 ? 240 HOH A O   1 
HETATM 1517 O O   . HOH B 2 .   ? -4.919  13.365  -6.455  1.00 30.86 ? 241 HOH A O   1 
HETATM 1518 O O   . HOH B 2 .   ? -12.294 -10.071 0.588   1.00 30.72 ? 242 HOH A O   1 
HETATM 1519 O O   . HOH B 2 .   ? 6.144   -12.223 10.637  1.00 28.54 ? 243 HOH A O   1 
HETATM 1520 O O   . HOH B 2 .   ? 2.023   -7.972  22.153  1.00 11.83 ? 244 HOH A O   1 
HETATM 1521 O O   . HOH B 2 .   ? 10.832  2.481   20.931  1.00 18.11 ? 245 HOH A O   1 
HETATM 1522 O O   . HOH B 2 .   ? 0.777   11.223  22.182  1.00 28.60 ? 246 HOH A O   1 
HETATM 1523 O O   . HOH B 2 .   ? 1.089   -24.037 -3.839  1.00 33.88 ? 247 HOH A O   1 
HETATM 1524 O O   . HOH B 2 .   ? 5.106   -6.240  -19.517 1.00 34.24 ? 248 HOH A O   1 
HETATM 1525 O O   . HOH B 2 .   ? -14.232 -1.997  -3.553  1.00 36.84 ? 249 HOH A O   1 
HETATM 1526 O O   . HOH B 2 .   ? 6.698   -12.920 -11.243 1.00 10.38 ? 250 HOH A O   1 
HETATM 1527 O O   . HOH B 2 .   ? 7.523   -8.247  6.582   1.00 34.84 ? 251 HOH A O   1 
HETATM 1528 O O   . HOH B 2 .   ? -10.629 -14.225 5.984   1.00 25.71 ? 252 HOH A O   1 
HETATM 1529 O O   . HOH B 2 .   ? 8.377   7.918   2.367   1.00 36.40 ? 253 HOH A O   1 
HETATM 1530 O O   . HOH B 2 .   ? -10.049 0.087   -5.266  1.00 27.26 ? 254 HOH A O   1 
HETATM 1531 O O   . HOH B 2 .   ? 0.381   5.716   -20.959 1.00 22.18 ? 255 HOH A O   1 
HETATM 1532 O O   . HOH B 2 .   ? 9.905   7.166   8.394   1.00 30.97 ? 256 HOH A O   1 
HETATM 1533 O O   . HOH B 2 .   ? 7.851   -15.596 -4.413  1.00 30.49 ? 257 HOH A O   1 
HETATM 1534 O O   . HOH B 2 .   ? 4.667   -7.820  22.807  1.00 23.01 ? 258 HOH A O   1 
HETATM 1535 O O   . HOH B 2 .   ? -7.879  -5.754  17.909  1.00 14.40 ? 259 HOH A O   1 
HETATM 1536 O O   . HOH B 2 .   ? -4.247  -13.295 13.595  1.00 23.92 ? 260 HOH A O   1 
HETATM 1537 O O   . HOH B 2 .   ? -12.269 14.481  4.072   1.00 32.49 ? 261 HOH A O   1 
HETATM 1538 O O   . HOH B 2 .   ? 0.371   -18.012 -11.218 1.00 26.07 ? 262 HOH A O   1 
HETATM 1539 O O   . HOH B 2 .   ? 9.098   -6.283  -13.122 1.00 40.34 ? 263 HOH A O   1 
HETATM 1540 O O   . HOH B 2 .   ? 6.764   -6.267  -7.809  1.00 28.54 ? 264 HOH A O   1 
HETATM 1541 O O   . HOH B 2 .   ? 11.597  11.950  9.792   1.00 32.56 ? 265 HOH A O   1 
HETATM 1542 O O   . HOH B 2 .   ? -1.498  12.485  -20.608 1.00 40.56 ? 266 HOH A O   1 
HETATM 1543 O O   . HOH B 2 .   ? 21.146  -2.049  6.293   1.00 29.94 ? 267 HOH A O   1 
HETATM 1544 O O   . HOH B 2 .   ? -13.420 17.032  -0.371  1.00 47.56 ? 268 HOH A O   1 
HETATM 1545 O O   . HOH B 2 .   ? 10.531  -19.388 9.681   1.00 29.20 ? 269 HOH A O   1 
# 
loop_
_pdbx_poly_seq_scheme.asym_id 
_pdbx_poly_seq_scheme.entity_id 
_pdbx_poly_seq_scheme.seq_id 
_pdbx_poly_seq_scheme.mon_id 
_pdbx_poly_seq_scheme.ndb_seq_num 
_pdbx_poly_seq_scheme.pdb_seq_num 
_pdbx_poly_seq_scheme.auth_seq_num 
_pdbx_poly_seq_scheme.pdb_mon_id 
_pdbx_poly_seq_scheme.auth_mon_id 
_pdbx_poly_seq_scheme.pdb_strand_id 
_pdbx_poly_seq_scheme.pdb_ins_code 
_pdbx_poly_seq_scheme.hetero 
A 1 1   MET 1   1   ?   ?   ?   A . n 
A 1 2   GLU 2   2   ?   ?   ?   A . n 
A 1 3   GLY 3   3   ?   ?   ?   A . n 
A 1 4   MET 4   4   4   MET MET A . n 
A 1 5   ASP 5   5   5   ASP ASP A . n 
A 1 6   PRO 6   6   6   PRO PRO A . n 
A 1 7   LEU 7   7   7   LEU LEU A . n 
A 1 8   ALA 8   8   8   ALA ALA A . n 
A 1 9   VAL 9   9   9   VAL VAL A . n 
A 1 10  LEU 10  10  10  LEU LEU A . n 
A 1 11  ALA 11  11  11  ALA ALA A . n 
A 1 12  GLU 12  12  12  GLU GLU A . n 
A 1 13  SER 13  13  13  SER SER A . n 
A 1 14  ARG 14  14  14  ARG ARG A . n 
A 1 15  LEU 15  15  15  LEU LEU A . n 
A 1 16  LEU 16  16  16  LEU LEU A . n 
A 1 17  PRO 17  17  17  PRO PRO A . n 
A 1 18  LEU 18  18  18  LEU LEU A . n 
A 1 19  LEU 19  19  19  LEU LEU A . n 
A 1 20  THR 20  20  20  THR THR A . n 
A 1 21  VAL 21  21  21  VAL VAL A . n 
A 1 22  ARG 22  22  22  ARG ARG A . n 
A 1 23  GLY 23  23  23  GLY GLY A . n 
A 1 24  GLY 24  24  24  GLY GLY A . n 
A 1 25  GLU 25  25  25  GLU GLU A . n 
A 1 26  ASP 26  26  26  ASP ASP A . n 
A 1 27  LEU 27  27  27  LEU LEU A . n 
A 1 28  LEU 28  28  28  LEU LEU A . n 
A 1 29  GLY 29  29  29  GLY GLY A . n 
A 1 30  LEU 30  30  30  LEU LEU A . n 
A 1 31  ALA 31  31  31  ALA ALA A . n 
A 1 32  ARG 32  32  32  ARG ARG A . n 
A 1 33  VAL 33  33  33  VAL VAL A . n 
A 1 34  LEU 34  34  34  LEU LEU A . n 
A 1 35  GLU 35  35  35  GLU GLU A . n 
A 1 36  GLU 36  36  36  GLU GLU A . n 
A 1 37  GLU 37  37  37  GLU GLU A . n 
A 1 38  GLY 38  38  38  GLY GLY A . n 
A 1 39  VAL 39  39  39  VAL VAL A . n 
A 1 40  GLY 40  40  40  GLY GLY A . n 
A 1 41  ALA 41  41  41  ALA ALA A . n 
A 1 42  LEU 42  42  42  LEU LEU A . n 
A 1 43  GLU 43  43  43  GLU GLU A . n 
A 1 44  ILE 44  44  44  ILE ILE A . n 
A 1 45  THR 45  45  45  THR THR A . n 
A 1 46  LEU 46  46  46  LEU LEU A . n 
A 1 47  ARG 47  47  47  ARG ARG A . n 
A 1 48  THR 48  48  48  THR THR A . n 
A 1 49  GLU 49  49  49  GLU GLU A . n 
A 1 50  LYS 50  50  50  LYS LYS A . n 
A 1 51  GLY 51  51  51  GLY GLY A . n 
A 1 52  LEU 52  52  52  LEU LEU A . n 
A 1 53  GLU 53  53  53  GLU GLU A . n 
A 1 54  ALA 54  54  54  ALA ALA A . n 
A 1 55  LEU 55  55  55  LEU LEU A . n 
A 1 56  LYS 56  56  56  LYS LYS A . n 
A 1 57  ALA 57  57  57  ALA ALA A . n 
A 1 58  LEU 58  58  58  LEU LEU A . n 
A 1 59  ARG 59  59  59  ARG ARG A . n 
A 1 60  LYS 60  60  60  LYS LYS A . n 
A 1 61  SER 61  61  61  SER SER A . n 
A 1 62  GLY 62  62  62  GLY GLY A . n 
A 1 63  LEU 63  63  63  LEU LEU A . n 
A 1 64  LEU 64  64  64  LEU LEU A . n 
A 1 65  LEU 65  65  65  LEU LEU A . n 
A 1 66  GLY 66  66  66  GLY GLY A . n 
A 1 67  ALA 67  67  67  ALA ALA A . n 
A 1 68  GLY 68  68  68  GLY GLY A . n 
A 1 69  THR 69  69  69  THR THR A . n 
A 1 70  VAL 70  70  70  VAL VAL A . n 
A 1 71  ARG 71  71  71  ARG ARG A . n 
A 1 72  SER 72  72  72  SER SER A . n 
A 1 73  PRO 73  73  73  PRO PRO A . n 
A 1 74  LYS 74  74  74  LYS LYS A . n 
A 1 75  GLU 75  75  75  GLU GLU A . n 
A 1 76  ALA 76  76  76  ALA ALA A . n 
A 1 77  GLU 77  77  77  GLU GLU A . n 
A 1 78  ALA 78  78  78  ALA ALA A . n 
A 1 79  ALA 79  79  79  ALA ALA A . n 
A 1 80  LEU 80  80  80  LEU LEU A . n 
A 1 81  GLU 81  81  81  GLU GLU A . n 
A 1 82  ALA 82  82  82  ALA ALA A . n 
A 1 83  GLY 83  83  83  GLY GLY A . n 
A 1 84  ALA 84  84  84  ALA ALA A . n 
A 1 85  ALA 85  85  85  ALA ALA A . n 
A 1 86  PHE 86  86  86  PHE PHE A . n 
A 1 87  LEU 87  87  87  LEU LEU A . n 
A 1 88  VAL 88  88  88  VAL VAL A . n 
A 1 89  SER 89  89  89  SER SER A . n 
A 1 90  PRO 90  90  90  PRO PRO A . n 
A 1 91  GLY 91  91  91  GLY GLY A . n 
A 1 92  LEU 92  92  92  LEU LEU A . n 
A 1 93  LEU 93  93  93  LEU LEU A . n 
A 1 94  GLU 94  94  94  GLU GLU A . n 
A 1 95  GLU 95  95  95  GLU GLU A . n 
A 1 96  VAL 96  96  96  VAL VAL A . n 
A 1 97  ALA 97  97  97  ALA ALA A . n 
A 1 98  ALA 98  98  98  ALA ALA A . n 
A 1 99  LEU 99  99  99  LEU LEU A . n 
A 1 100 ALA 100 100 100 ALA ALA A . n 
A 1 101 GLN 101 101 101 GLN GLN A . n 
A 1 102 ALA 102 102 102 ALA ALA A . n 
A 1 103 ARG 103 103 103 ARG ARG A . n 
A 1 104 GLY 104 104 104 GLY GLY A . n 
A 1 105 VAL 105 105 105 VAL VAL A . n 
A 1 106 PRO 106 106 106 PRO PRO A . n 
A 1 107 TYR 107 107 107 TYR TYR A . n 
A 1 108 LEU 108 108 108 LEU LEU A . n 
A 1 109 PRO 109 109 109 PRO PRO A . n 
A 1 110 GLY 110 110 110 GLY GLY A . n 
A 1 111 VAL 111 111 111 VAL VAL A . n 
A 1 112 LEU 112 112 112 LEU LEU A . n 
A 1 113 THR 113 113 113 THR THR A . n 
A 1 114 PRO 114 114 114 PRO PRO A . n 
A 1 115 THR 115 115 115 THR THR A . n 
A 1 116 GLU 116 116 116 GLU GLU A . n 
A 1 117 VAL 117 117 117 VAL VAL A . n 
A 1 118 GLU 118 118 118 GLU GLU A . n 
A 1 119 ARG 119 119 119 ARG ARG A . n 
A 1 120 ALA 120 120 120 ALA ALA A . n 
A 1 121 LEU 121 121 121 LEU LEU A . n 
A 1 122 ALA 122 122 122 ALA ALA A . n 
A 1 123 LEU 123 123 123 LEU LEU A . n 
A 1 124 GLY 124 124 124 GLY GLY A . n 
A 1 125 LEU 125 125 125 LEU LEU A . n 
A 1 126 SER 126 126 126 SER SER A . n 
A 1 127 ALA 127 127 127 ALA ALA A . n 
A 1 128 LEU 128 128 128 LEU LEU A . n 
A 1 129 LYS 129 129 129 LYS LYS A . n 
A 1 130 PHE 130 130 130 PHE PHE A . n 
A 1 131 PHE 131 131 131 PHE PHE A . n 
A 1 132 PRO 132 132 132 PRO PRO A . n 
A 1 133 ALA 133 133 133 ALA ALA A . n 
A 1 134 GLU 134 134 134 GLU GLU A . n 
A 1 135 PRO 135 135 135 PRO PRO A . n 
A 1 136 PHE 136 136 136 PHE PHE A . n 
A 1 137 GLN 137 137 137 GLN GLN A . n 
A 1 138 GLY 138 138 138 GLY GLY A . n 
A 1 139 VAL 139 139 139 VAL VAL A . n 
A 1 140 ARG 140 140 140 ARG ARG A . n 
A 1 141 VAL 141 141 141 VAL VAL A . n 
A 1 142 LEU 142 142 142 LEU LEU A . n 
A 1 143 ARG 143 143 143 ARG ARG A . n 
A 1 144 ALA 144 144 144 ALA ALA A . n 
A 1 145 TYR 145 145 145 TYR TYR A . n 
A 1 146 ALA 146 146 146 ALA ALA A . n 
A 1 147 GLU 147 147 147 GLU GLU A . n 
A 1 148 VAL 148 148 148 VAL VAL A . n 
A 1 149 PHE 149 149 149 PHE PHE A . n 
A 1 150 PRO 150 150 150 PRO PRO A . n 
A 1 151 GLU 151 151 151 GLU GLU A . n 
A 1 152 VAL 152 152 152 VAL VAL A . n 
A 1 153 ARG 153 153 153 ARG ARG A . n 
A 1 154 PHE 154 154 154 PHE PHE A . n 
A 1 155 LEU 155 155 155 LEU LEU A . n 
A 1 156 PRO 156 156 156 PRO PRO A . n 
A 1 157 THR 157 157 157 THR THR A . n 
A 1 158 GLY 158 158 158 GLY GLY A . n 
A 1 159 GLY 159 159 159 GLY GLY A . n 
A 1 160 ILE 160 160 160 ILE ILE A . n 
A 1 161 LYS 161 161 161 LYS LYS A . n 
A 1 162 GLU 162 162 162 GLU GLU A . n 
A 1 163 GLU 163 163 163 GLU GLU A . n 
A 1 164 HIS 164 164 164 HIS HIS A . n 
A 1 165 LEU 165 165 165 LEU LEU A . n 
A 1 166 PRO 166 166 166 PRO PRO A . n 
A 1 167 HIS 167 167 167 HIS HIS A . n 
A 1 168 TYR 168 168 168 TYR TYR A . n 
A 1 169 ALA 169 169 169 ALA ALA A . n 
A 1 170 ALA 170 170 170 ALA ALA A . n 
A 1 171 LEU 171 171 171 LEU LEU A . n 
A 1 172 PRO 172 172 172 PRO PRO A . n 
A 1 173 ASN 173 173 173 ASN ASN A . n 
A 1 174 LEU 174 174 174 LEU LEU A . n 
A 1 175 LEU 175 175 175 LEU LEU A . n 
A 1 176 ALA 176 176 176 ALA ALA A . n 
A 1 177 VAL 177 177 177 VAL VAL A . n 
A 1 178 GLY 178 178 178 GLY GLY A . n 
A 1 179 GLY 179 179 179 GLY GLY A . n 
A 1 180 SER 180 180 180 SER SER A . n 
A 1 181 TRP 181 181 181 TRP TRP A . n 
A 1 182 LEU 182 182 182 LEU LEU A . n 
A 1 183 LEU 183 183 183 LEU LEU A . n 
A 1 184 GLN 184 184 184 GLN GLN A . n 
A 1 185 GLY 185 185 185 GLY GLY A . n 
A 1 186 ASN 186 186 186 ASN ASN A . n 
A 1 187 LEU 187 187 187 LEU LEU A . n 
A 1 188 GLU 188 188 188 GLU GLU A . n 
A 1 189 ALA 189 189 189 ALA ALA A . n 
A 1 190 VAL 190 190 190 VAL VAL A . n 
A 1 191 ARG 191 191 191 ARG ARG A . n 
A 1 192 ALA 192 192 192 ALA ALA A . n 
A 1 193 LYS 193 193 193 LYS LYS A . n 
A 1 194 VAL 194 194 194 VAL VAL A . n 
A 1 195 ARG 195 195 195 ARG ARG A . n 
A 1 196 ALA 196 196 196 ALA ALA A . n 
A 1 197 ALA 197 197 197 ALA ALA A . n 
A 1 198 LYS 198 198 198 LYS LYS A . n 
A 1 199 ALA 199 199 199 ALA ALA A . n 
A 1 200 LEU 200 200 200 LEU LEU A . n 
A 1 201 LEU 201 201 201 LEU LEU A . n 
A 1 202 SER 202 202 202 SER ALA A . n 
A 1 203 PRO 203 203 203 PRO ALA A . n 
A 1 204 GLN 204 204 ?   ?   ?   A . n 
A 1 205 ALA 205 205 ?   ?   ?   A . n 
A 1 206 PRO 206 206 ?   ?   ?   A . n 
A 1 207 GLY 207 207 ?   ?   ?   A . n 
# 
_pdbx_SG_project.id                    1 
_pdbx_SG_project.project_name          'NPPSFA, National Project on Protein Structural and Functional Analyses' 
_pdbx_SG_project.full_name_of_center   'RIKEN Structural Genomics/Proteomics Initiative' 
_pdbx_SG_project.initial_of_center     RSGI 
# 
loop_
_pdbx_nonpoly_scheme.asym_id 
_pdbx_nonpoly_scheme.entity_id 
_pdbx_nonpoly_scheme.mon_id 
_pdbx_nonpoly_scheme.ndb_seq_num 
_pdbx_nonpoly_scheme.pdb_seq_num 
_pdbx_nonpoly_scheme.auth_seq_num 
_pdbx_nonpoly_scheme.pdb_mon_id 
_pdbx_nonpoly_scheme.auth_mon_id 
_pdbx_nonpoly_scheme.pdb_strand_id 
_pdbx_nonpoly_scheme.pdb_ins_code 
B 2 HOH 1  208 1  HOH HOH A . 
B 2 HOH 2  209 2  HOH HOH A . 
B 2 HOH 3  210 3  HOH HOH A . 
B 2 HOH 4  211 4  HOH HOH A . 
B 2 HOH 5  212 5  HOH HOH A . 
B 2 HOH 6  213 6  HOH HOH A . 
B 2 HOH 7  214 7  HOH HOH A . 
B 2 HOH 8  215 8  HOH HOH A . 
B 2 HOH 9  216 9  HOH HOH A . 
B 2 HOH 10 217 10 HOH HOH A . 
B 2 HOH 11 218 11 HOH HOH A . 
B 2 HOH 12 219 12 HOH HOH A . 
B 2 HOH 13 220 13 HOH HOH A . 
B 2 HOH 14 221 14 HOH HOH A . 
B 2 HOH 15 222 15 HOH HOH A . 
B 2 HOH 16 223 16 HOH HOH A . 
B 2 HOH 17 224 17 HOH HOH A . 
B 2 HOH 18 225 18 HOH HOH A . 
B 2 HOH 19 226 19 HOH HOH A . 
B 2 HOH 20 227 20 HOH HOH A . 
B 2 HOH 21 228 21 HOH HOH A . 
B 2 HOH 22 229 22 HOH HOH A . 
B 2 HOH 23 230 23 HOH HOH A . 
B 2 HOH 24 231 24 HOH HOH A . 
B 2 HOH 25 232 25 HOH HOH A . 
B 2 HOH 26 233 26 HOH HOH A . 
B 2 HOH 27 234 27 HOH HOH A . 
B 2 HOH 28 235 28 HOH HOH A . 
B 2 HOH 29 236 29 HOH HOH A . 
B 2 HOH 30 237 30 HOH HOH A . 
B 2 HOH 31 238 31 HOH HOH A . 
B 2 HOH 32 239 32 HOH HOH A . 
B 2 HOH 33 240 33 HOH HOH A . 
B 2 HOH 34 241 34 HOH HOH A . 
B 2 HOH 35 242 35 HOH HOH A . 
B 2 HOH 36 243 36 HOH HOH A . 
B 2 HOH 37 244 37 HOH HOH A . 
B 2 HOH 38 245 38 HOH HOH A . 
B 2 HOH 39 246 39 HOH HOH A . 
B 2 HOH 40 247 40 HOH HOH A . 
B 2 HOH 41 248 41 HOH HOH A . 
B 2 HOH 42 249 42 HOH HOH A . 
B 2 HOH 43 250 43 HOH HOH A . 
B 2 HOH 44 251 44 HOH HOH A . 
B 2 HOH 45 252 45 HOH HOH A . 
B 2 HOH 46 253 46 HOH HOH A . 
B 2 HOH 47 254 47 HOH HOH A . 
B 2 HOH 48 255 48 HOH HOH A . 
B 2 HOH 49 256 49 HOH HOH A . 
B 2 HOH 50 257 50 HOH HOH A . 
B 2 HOH 51 258 51 HOH HOH A . 
B 2 HOH 52 259 52 HOH HOH A . 
B 2 HOH 53 260 53 HOH HOH A . 
B 2 HOH 54 261 54 HOH HOH A . 
B 2 HOH 55 262 55 HOH HOH A . 
B 2 HOH 56 263 56 HOH HOH A . 
B 2 HOH 57 264 57 HOH HOH A . 
B 2 HOH 58 265 59 HOH HOH A . 
B 2 HOH 59 266 60 HOH HOH A . 
B 2 HOH 60 267 61 HOH HOH A . 
B 2 HOH 61 268 63 HOH HOH A . 
B 2 HOH 62 269 65 HOH HOH A . 
# 
_pdbx_struct_assembly.id                   1 
_pdbx_struct_assembly.details              author_defined_assembly 
_pdbx_struct_assembly.method_details       ? 
_pdbx_struct_assembly.oligomeric_details   trimeric 
_pdbx_struct_assembly.oligomeric_count     3 
# 
_pdbx_struct_assembly_gen.assembly_id       1 
_pdbx_struct_assembly_gen.oper_expression   1,2,3 
_pdbx_struct_assembly_gen.asym_id_list      A,B 
# 
loop_
_pdbx_struct_oper_list.id 
_pdbx_struct_oper_list.type 
_pdbx_struct_oper_list.name 
_pdbx_struct_oper_list.symmetry_operation 
_pdbx_struct_oper_list.matrix[1][1] 
_pdbx_struct_oper_list.matrix[1][2] 
_pdbx_struct_oper_list.matrix[1][3] 
_pdbx_struct_oper_list.vector[1] 
_pdbx_struct_oper_list.matrix[2][1] 
_pdbx_struct_oper_list.matrix[2][2] 
_pdbx_struct_oper_list.matrix[2][3] 
_pdbx_struct_oper_list.vector[2] 
_pdbx_struct_oper_list.matrix[3][1] 
_pdbx_struct_oper_list.matrix[3][2] 
_pdbx_struct_oper_list.matrix[3][3] 
_pdbx_struct_oper_list.vector[3] 
1 'identity operation'         1_555 x,y,z         1.0000000000  0.0000000000  0.0000000000  0.0000000000   0.0000000000  1.0000000000 0.0000000000  0.0000000000  0.0000000000  0.0000000000  1.0000000000  0.0000000000  
2 'crystal symmetry operation' 2_685 -y+1,x-y+3,z  -0.3615615589 -0.2006542401 0.9105004751  -29.5745115930 -0.6367853105 0.7664564036 -0.0839586188 -4.8113754972 -0.6810122667 -0.6101495368 -0.4048948447 18.1240790509 
3 'crystal symmetry operation' 3_365 -x+y-2,-x+1,z -0.3615615589 -0.6367853105 -0.6810122667 -1.4140996002  -0.2006542401 0.7664564036 -0.6101495368 8.8118568470  0.9105004751  -0.0839586188 -0.4048948447 33.8619965873 
# 
loop_
_pdbx_audit_revision_history.ordinal 
_pdbx_audit_revision_history.data_content_type 
_pdbx_audit_revision_history.major_revision 
_pdbx_audit_revision_history.minor_revision 
_pdbx_audit_revision_history.revision_date 
1 'Structure model' 1 0 2007-10-23 
2 'Structure model' 1 1 2011-07-13 
3 'Structure model' 1 2 2023-10-25 
# 
_pdbx_audit_revision_details.ordinal             1 
_pdbx_audit_revision_details.revision_ordinal    1 
_pdbx_audit_revision_details.data_content_type   'Structure model' 
_pdbx_audit_revision_details.provider            repository 
_pdbx_audit_revision_details.type                'Initial release' 
_pdbx_audit_revision_details.description         ? 
_pdbx_audit_revision_details.details             ? 
# 
loop_
_pdbx_audit_revision_group.ordinal 
_pdbx_audit_revision_group.revision_ordinal 
_pdbx_audit_revision_group.data_content_type 
_pdbx_audit_revision_group.group 
1 2 'Structure model' 'Source and taxonomy'       
2 2 'Structure model' 'Version format compliance' 
3 3 'Structure model' 'Data collection'           
4 3 'Structure model' 'Database references'       
5 3 'Structure model' 'Refinement description'    
# 
loop_
_pdbx_audit_revision_category.ordinal 
_pdbx_audit_revision_category.revision_ordinal 
_pdbx_audit_revision_category.data_content_type 
_pdbx_audit_revision_category.category 
1 3 'Structure model' chem_comp_atom                
2 3 'Structure model' chem_comp_bond                
3 3 'Structure model' database_2                    
4 3 'Structure model' pdbx_initial_refinement_model 
# 
loop_
_pdbx_audit_revision_item.ordinal 
_pdbx_audit_revision_item.revision_ordinal 
_pdbx_audit_revision_item.data_content_type 
_pdbx_audit_revision_item.item 
1 3 'Structure model' '_database_2.pdbx_DOI'                
2 3 'Structure model' '_database_2.pdbx_database_accession' 
# 
loop_
_software.name 
_software.classification 
_software.version 
_software.citation_id 
_software.pdbx_ordinal 
REFMAC       refinement        5.2.0019 ? 1 
CrystalClear 'data collection' .        ? 2 
HKL-2000     'data reduction'  .        ? 3 
HKL-2000     'data scaling'    .        ? 4 
CNS          phasing           .        ? 5 
# 
_pdbx_validate_close_contact.id               1 
_pdbx_validate_close_contact.PDB_model_num    1 
_pdbx_validate_close_contact.auth_atom_id_1   NE2 
_pdbx_validate_close_contact.auth_asym_id_1   A 
_pdbx_validate_close_contact.auth_comp_id_1   GLN 
_pdbx_validate_close_contact.auth_seq_id_1    101 
_pdbx_validate_close_contact.PDB_ins_code_1   ? 
_pdbx_validate_close_contact.label_alt_id_1   ? 
_pdbx_validate_close_contact.auth_atom_id_2   O 
_pdbx_validate_close_contact.auth_asym_id_2   A 
_pdbx_validate_close_contact.auth_comp_id_2   HOH 
_pdbx_validate_close_contact.auth_seq_id_2    269 
_pdbx_validate_close_contact.PDB_ins_code_2   ? 
_pdbx_validate_close_contact.label_alt_id_2   ? 
_pdbx_validate_close_contact.dist             2.11 
# 
loop_
_pdbx_validate_rmsd_bond.id 
_pdbx_validate_rmsd_bond.PDB_model_num 
_pdbx_validate_rmsd_bond.auth_atom_id_1 
_pdbx_validate_rmsd_bond.auth_asym_id_1 
_pdbx_validate_rmsd_bond.auth_comp_id_1 
_pdbx_validate_rmsd_bond.auth_seq_id_1 
_pdbx_validate_rmsd_bond.PDB_ins_code_1 
_pdbx_validate_rmsd_bond.label_alt_id_1 
_pdbx_validate_rmsd_bond.auth_atom_id_2 
_pdbx_validate_rmsd_bond.auth_asym_id_2 
_pdbx_validate_rmsd_bond.auth_comp_id_2 
_pdbx_validate_rmsd_bond.auth_seq_id_2 
_pdbx_validate_rmsd_bond.PDB_ins_code_2 
_pdbx_validate_rmsd_bond.label_alt_id_2 
_pdbx_validate_rmsd_bond.bond_value 
_pdbx_validate_rmsd_bond.bond_target_value 
_pdbx_validate_rmsd_bond.bond_deviation 
_pdbx_validate_rmsd_bond.bond_standard_deviation 
_pdbx_validate_rmsd_bond.linker_flag 
1 1 CA A ALA 78  ? ? CB  A ALA 78  ? ? 1.696 1.520 0.176 0.021 N 
2 1 CG A PHE 86  ? ? CD2 A PHE 86  ? ? 1.475 1.383 0.092 0.015 N 
3 1 CZ A PHE 86  ? ? CE2 A PHE 86  ? ? 1.497 1.369 0.128 0.019 N 
4 1 CG A GLU 94  ? ? CD  A GLU 94  ? ? 1.615 1.515 0.100 0.015 N 
5 1 CD A GLU 94  ? ? OE2 A GLU 94  ? ? 1.345 1.252 0.093 0.011 N 
6 1 CG A GLU 95  ? ? CD  A GLU 95  ? ? 1.632 1.515 0.117 0.015 N 
7 1 CG A GLU 134 ? ? CD  A GLU 134 ? ? 1.615 1.515 0.100 0.015 N 
8 1 CG A GLU 147 ? ? CD  A GLU 147 ? ? 1.637 1.515 0.122 0.015 N 
9 1 CG A GLU 151 ? ? CD  A GLU 151 ? ? 1.615 1.515 0.100 0.015 N 
# 
loop_
_pdbx_validate_rmsd_angle.id 
_pdbx_validate_rmsd_angle.PDB_model_num 
_pdbx_validate_rmsd_angle.auth_atom_id_1 
_pdbx_validate_rmsd_angle.auth_asym_id_1 
_pdbx_validate_rmsd_angle.auth_comp_id_1 
_pdbx_validate_rmsd_angle.auth_seq_id_1 
_pdbx_validate_rmsd_angle.PDB_ins_code_1 
_pdbx_validate_rmsd_angle.label_alt_id_1 
_pdbx_validate_rmsd_angle.auth_atom_id_2 
_pdbx_validate_rmsd_angle.auth_asym_id_2 
_pdbx_validate_rmsd_angle.auth_comp_id_2 
_pdbx_validate_rmsd_angle.auth_seq_id_2 
_pdbx_validate_rmsd_angle.PDB_ins_code_2 
_pdbx_validate_rmsd_angle.label_alt_id_2 
_pdbx_validate_rmsd_angle.auth_atom_id_3 
_pdbx_validate_rmsd_angle.auth_asym_id_3 
_pdbx_validate_rmsd_angle.auth_comp_id_3 
_pdbx_validate_rmsd_angle.auth_seq_id_3 
_pdbx_validate_rmsd_angle.PDB_ins_code_3 
_pdbx_validate_rmsd_angle.label_alt_id_3 
_pdbx_validate_rmsd_angle.angle_value 
_pdbx_validate_rmsd_angle.angle_target_value 
_pdbx_validate_rmsd_angle.angle_deviation 
_pdbx_validate_rmsd_angle.angle_standard_deviation 
_pdbx_validate_rmsd_angle.linker_flag 
1 1 NE A ARG 59  ? ? CZ A ARG 59  ? ? NH2 A ARG 59  ? ? 123.41 120.30 3.11   0.50 N 
2 1 CB A LEU 112 ? ? CG A LEU 112 ? ? CD1 A LEU 112 ? ? 97.24  111.00 -13.76 1.70 N 
3 1 NE A ARG 119 ? ? CZ A ARG 119 ? ? NH1 A ARG 119 ? ? 125.75 120.30 5.45   0.50 N 
4 1 NE A ARG 119 ? ? CZ A ARG 119 ? ? NH2 A ARG 119 ? ? 115.14 120.30 -5.16  0.50 N 
# 
loop_
_pdbx_validate_torsion.id 
_pdbx_validate_torsion.PDB_model_num 
_pdbx_validate_torsion.auth_comp_id 
_pdbx_validate_torsion.auth_asym_id 
_pdbx_validate_torsion.auth_seq_id 
_pdbx_validate_torsion.PDB_ins_code 
_pdbx_validate_torsion.label_alt_id 
_pdbx_validate_torsion.phi 
_pdbx_validate_torsion.psi 
1 1 LEU A 46  ? ? -93.58  32.95  
2 1 ARG A 59  ? ? -38.79  -39.41 
3 1 LEU A 112 ? ? -138.44 -48.34 
4 1 GLN A 137 ? ? 72.95   45.33  
5 1 PHE A 149 ? ? -117.07 61.37  
6 1 LEU A 182 ? ? -40.57  -16.98 
7 1 ALA A 189 ? ? -49.01  -71.40 
8 1 SER A 202 ? ? 45.19   95.62  
# 
loop_
_pdbx_unobs_or_zero_occ_atoms.id 
_pdbx_unobs_or_zero_occ_atoms.PDB_model_num 
_pdbx_unobs_or_zero_occ_atoms.polymer_flag 
_pdbx_unobs_or_zero_occ_atoms.occupancy_flag 
_pdbx_unobs_or_zero_occ_atoms.auth_asym_id 
_pdbx_unobs_or_zero_occ_atoms.auth_comp_id 
_pdbx_unobs_or_zero_occ_atoms.auth_seq_id 
_pdbx_unobs_or_zero_occ_atoms.PDB_ins_code 
_pdbx_unobs_or_zero_occ_atoms.auth_atom_id 
_pdbx_unobs_or_zero_occ_atoms.label_alt_id 
_pdbx_unobs_or_zero_occ_atoms.label_asym_id 
_pdbx_unobs_or_zero_occ_atoms.label_comp_id 
_pdbx_unobs_or_zero_occ_atoms.label_seq_id 
_pdbx_unobs_or_zero_occ_atoms.label_atom_id 
1 1 Y 1 A SER 202 ? OG ? A SER 202 OG 
2 1 Y 1 A PRO 203 ? CG ? A PRO 203 CG 
3 1 Y 1 A PRO 203 ? CD ? A PRO 203 CD 
# 
loop_
_pdbx_unobs_or_zero_occ_residues.id 
_pdbx_unobs_or_zero_occ_residues.PDB_model_num 
_pdbx_unobs_or_zero_occ_residues.polymer_flag 
_pdbx_unobs_or_zero_occ_residues.occupancy_flag 
_pdbx_unobs_or_zero_occ_residues.auth_asym_id 
_pdbx_unobs_or_zero_occ_residues.auth_comp_id 
_pdbx_unobs_or_zero_occ_residues.auth_seq_id 
_pdbx_unobs_or_zero_occ_residues.PDB_ins_code 
_pdbx_unobs_or_zero_occ_residues.label_asym_id 
_pdbx_unobs_or_zero_occ_residues.label_comp_id 
_pdbx_unobs_or_zero_occ_residues.label_seq_id 
1 1 Y 1 A MET 1   ? A MET 1   
2 1 Y 1 A GLU 2   ? A GLU 2   
3 1 Y 1 A GLY 3   ? A GLY 3   
4 1 Y 1 A GLN 204 ? A GLN 204 
5 1 Y 1 A ALA 205 ? A ALA 205 
6 1 Y 1 A PRO 206 ? A PRO 206 
7 1 Y 1 A GLY 207 ? A GLY 207 
# 
loop_
_chem_comp_atom.comp_id 
_chem_comp_atom.atom_id 
_chem_comp_atom.type_symbol 
_chem_comp_atom.pdbx_aromatic_flag 
_chem_comp_atom.pdbx_stereo_config 
_chem_comp_atom.pdbx_ordinal 
ALA N    N N N 1   
ALA CA   C N S 2   
ALA C    C N N 3   
ALA O    O N N 4   
ALA CB   C N N 5   
ALA OXT  O N N 6   
ALA H    H N N 7   
ALA H2   H N N 8   
ALA HA   H N N 9   
ALA HB1  H N N 10  
ALA HB2  H N N 11  
ALA HB3  H N N 12  
ALA HXT  H N N 13  
ARG N    N N N 14  
ARG CA   C N S 15  
ARG C    C N N 16  
ARG O    O N N 17  
ARG CB   C N N 18  
ARG CG   C N N 19  
ARG CD   C N N 20  
ARG NE   N N N 21  
ARG CZ   C N N 22  
ARG NH1  N N N 23  
ARG NH2  N N N 24  
ARG OXT  O N N 25  
ARG H    H N N 26  
ARG H2   H N N 27  
ARG HA   H N N 28  
ARG HB2  H N N 29  
ARG HB3  H N N 30  
ARG HG2  H N N 31  
ARG HG3  H N N 32  
ARG HD2  H N N 33  
ARG HD3  H N N 34  
ARG HE   H N N 35  
ARG HH11 H N N 36  
ARG HH12 H N N 37  
ARG HH21 H N N 38  
ARG HH22 H N N 39  
ARG HXT  H N N 40  
ASN N    N N N 41  
ASN CA   C N S 42  
ASN C    C N N 43  
ASN O    O N N 44  
ASN CB   C N N 45  
ASN CG   C N N 46  
ASN OD1  O N N 47  
ASN ND2  N N N 48  
ASN OXT  O N N 49  
ASN H    H N N 50  
ASN H2   H N N 51  
ASN HA   H N N 52  
ASN HB2  H N N 53  
ASN HB3  H N N 54  
ASN HD21 H N N 55  
ASN HD22 H N N 56  
ASN HXT  H N N 57  
ASP N    N N N 58  
ASP CA   C N S 59  
ASP C    C N N 60  
ASP O    O N N 61  
ASP CB   C N N 62  
ASP CG   C N N 63  
ASP OD1  O N N 64  
ASP OD2  O N N 65  
ASP OXT  O N N 66  
ASP H    H N N 67  
ASP H2   H N N 68  
ASP HA   H N N 69  
ASP HB2  H N N 70  
ASP HB3  H N N 71  
ASP HD2  H N N 72  
ASP HXT  H N N 73  
GLN N    N N N 74  
GLN CA   C N S 75  
GLN C    C N N 76  
GLN O    O N N 77  
GLN CB   C N N 78  
GLN CG   C N N 79  
GLN CD   C N N 80  
GLN OE1  O N N 81  
GLN NE2  N N N 82  
GLN OXT  O N N 83  
GLN H    H N N 84  
GLN H2   H N N 85  
GLN HA   H N N 86  
GLN HB2  H N N 87  
GLN HB3  H N N 88  
GLN HG2  H N N 89  
GLN HG3  H N N 90  
GLN HE21 H N N 91  
GLN HE22 H N N 92  
GLN HXT  H N N 93  
GLU N    N N N 94  
GLU CA   C N S 95  
GLU C    C N N 96  
GLU O    O N N 97  
GLU CB   C N N 98  
GLU CG   C N N 99  
GLU CD   C N N 100 
GLU OE1  O N N 101 
GLU OE2  O N N 102 
GLU OXT  O N N 103 
GLU H    H N N 104 
GLU H2   H N N 105 
GLU HA   H N N 106 
GLU HB2  H N N 107 
GLU HB3  H N N 108 
GLU HG2  H N N 109 
GLU HG3  H N N 110 
GLU HE2  H N N 111 
GLU HXT  H N N 112 
GLY N    N N N 113 
GLY CA   C N N 114 
GLY C    C N N 115 
GLY O    O N N 116 
GLY OXT  O N N 117 
GLY H    H N N 118 
GLY H2   H N N 119 
GLY HA2  H N N 120 
GLY HA3  H N N 121 
GLY HXT  H N N 122 
HIS N    N N N 123 
HIS CA   C N S 124 
HIS C    C N N 125 
HIS O    O N N 126 
HIS CB   C N N 127 
HIS CG   C Y N 128 
HIS ND1  N Y N 129 
HIS CD2  C Y N 130 
HIS CE1  C Y N 131 
HIS NE2  N Y N 132 
HIS OXT  O N N 133 
HIS H    H N N 134 
HIS H2   H N N 135 
HIS HA   H N N 136 
HIS HB2  H N N 137 
HIS HB3  H N N 138 
HIS HD1  H N N 139 
HIS HD2  H N N 140 
HIS HE1  H N N 141 
HIS HE2  H N N 142 
HIS HXT  H N N 143 
HOH O    O N N 144 
HOH H1   H N N 145 
HOH H2   H N N 146 
ILE N    N N N 147 
ILE CA   C N S 148 
ILE C    C N N 149 
ILE O    O N N 150 
ILE CB   C N S 151 
ILE CG1  C N N 152 
ILE CG2  C N N 153 
ILE CD1  C N N 154 
ILE OXT  O N N 155 
ILE H    H N N 156 
ILE H2   H N N 157 
ILE HA   H N N 158 
ILE HB   H N N 159 
ILE HG12 H N N 160 
ILE HG13 H N N 161 
ILE HG21 H N N 162 
ILE HG22 H N N 163 
ILE HG23 H N N 164 
ILE HD11 H N N 165 
ILE HD12 H N N 166 
ILE HD13 H N N 167 
ILE HXT  H N N 168 
LEU N    N N N 169 
LEU CA   C N S 170 
LEU C    C N N 171 
LEU O    O N N 172 
LEU CB   C N N 173 
LEU CG   C N N 174 
LEU CD1  C N N 175 
LEU CD2  C N N 176 
LEU OXT  O N N 177 
LEU H    H N N 178 
LEU H2   H N N 179 
LEU HA   H N N 180 
LEU HB2  H N N 181 
LEU HB3  H N N 182 
LEU HG   H N N 183 
LEU HD11 H N N 184 
LEU HD12 H N N 185 
LEU HD13 H N N 186 
LEU HD21 H N N 187 
LEU HD22 H N N 188 
LEU HD23 H N N 189 
LEU HXT  H N N 190 
LYS N    N N N 191 
LYS CA   C N S 192 
LYS C    C N N 193 
LYS O    O N N 194 
LYS CB   C N N 195 
LYS CG   C N N 196 
LYS CD   C N N 197 
LYS CE   C N N 198 
LYS NZ   N N N 199 
LYS OXT  O N N 200 
LYS H    H N N 201 
LYS H2   H N N 202 
LYS HA   H N N 203 
LYS HB2  H N N 204 
LYS HB3  H N N 205 
LYS HG2  H N N 206 
LYS HG3  H N N 207 
LYS HD2  H N N 208 
LYS HD3  H N N 209 
LYS HE2  H N N 210 
LYS HE3  H N N 211 
LYS HZ1  H N N 212 
LYS HZ2  H N N 213 
LYS HZ3  H N N 214 
LYS HXT  H N N 215 
MET N    N N N 216 
MET CA   C N S 217 
MET C    C N N 218 
MET O    O N N 219 
MET CB   C N N 220 
MET CG   C N N 221 
MET SD   S N N 222 
MET CE   C N N 223 
MET OXT  O N N 224 
MET H    H N N 225 
MET H2   H N N 226 
MET HA   H N N 227 
MET HB2  H N N 228 
MET HB3  H N N 229 
MET HG2  H N N 230 
MET HG3  H N N 231 
MET HE1  H N N 232 
MET HE2  H N N 233 
MET HE3  H N N 234 
MET HXT  H N N 235 
PHE N    N N N 236 
PHE CA   C N S 237 
PHE C    C N N 238 
PHE O    O N N 239 
PHE CB   C N N 240 
PHE CG   C Y N 241 
PHE CD1  C Y N 242 
PHE CD2  C Y N 243 
PHE CE1  C Y N 244 
PHE CE2  C Y N 245 
PHE CZ   C Y N 246 
PHE OXT  O N N 247 
PHE H    H N N 248 
PHE H2   H N N 249 
PHE HA   H N N 250 
PHE HB2  H N N 251 
PHE HB3  H N N 252 
PHE HD1  H N N 253 
PHE HD2  H N N 254 
PHE HE1  H N N 255 
PHE HE2  H N N 256 
PHE HZ   H N N 257 
PHE HXT  H N N 258 
PRO N    N N N 259 
PRO CA   C N S 260 
PRO C    C N N 261 
PRO O    O N N 262 
PRO CB   C N N 263 
PRO CG   C N N 264 
PRO CD   C N N 265 
PRO OXT  O N N 266 
PRO H    H N N 267 
PRO HA   H N N 268 
PRO HB2  H N N 269 
PRO HB3  H N N 270 
PRO HG2  H N N 271 
PRO HG3  H N N 272 
PRO HD2  H N N 273 
PRO HD3  H N N 274 
PRO HXT  H N N 275 
SER N    N N N 276 
SER CA   C N S 277 
SER C    C N N 278 
SER O    O N N 279 
SER CB   C N N 280 
SER OG   O N N 281 
SER OXT  O N N 282 
SER H    H N N 283 
SER H2   H N N 284 
SER HA   H N N 285 
SER HB2  H N N 286 
SER HB3  H N N 287 
SER HG   H N N 288 
SER HXT  H N N 289 
THR N    N N N 290 
THR CA   C N S 291 
THR C    C N N 292 
THR O    O N N 293 
THR CB   C N R 294 
THR OG1  O N N 295 
THR CG2  C N N 296 
THR OXT  O N N 297 
THR H    H N N 298 
THR H2   H N N 299 
THR HA   H N N 300 
THR HB   H N N 301 
THR HG1  H N N 302 
THR HG21 H N N 303 
THR HG22 H N N 304 
THR HG23 H N N 305 
THR HXT  H N N 306 
TRP N    N N N 307 
TRP CA   C N S 308 
TRP C    C N N 309 
TRP O    O N N 310 
TRP CB   C N N 311 
TRP CG   C Y N 312 
TRP CD1  C Y N 313 
TRP CD2  C Y N 314 
TRP NE1  N Y N 315 
TRP CE2  C Y N 316 
TRP CE3  C Y N 317 
TRP CZ2  C Y N 318 
TRP CZ3  C Y N 319 
TRP CH2  C Y N 320 
TRP OXT  O N N 321 
TRP H    H N N 322 
TRP H2   H N N 323 
TRP HA   H N N 324 
TRP HB2  H N N 325 
TRP HB3  H N N 326 
TRP HD1  H N N 327 
TRP HE1  H N N 328 
TRP HE3  H N N 329 
TRP HZ2  H N N 330 
TRP HZ3  H N N 331 
TRP HH2  H N N 332 
TRP HXT  H N N 333 
TYR N    N N N 334 
TYR CA   C N S 335 
TYR C    C N N 336 
TYR O    O N N 337 
TYR CB   C N N 338 
TYR CG   C Y N 339 
TYR CD1  C Y N 340 
TYR CD2  C Y N 341 
TYR CE1  C Y N 342 
TYR CE2  C Y N 343 
TYR CZ   C Y N 344 
TYR OH   O N N 345 
TYR OXT  O N N 346 
TYR H    H N N 347 
TYR H2   H N N 348 
TYR HA   H N N 349 
TYR HB2  H N N 350 
TYR HB3  H N N 351 
TYR HD1  H N N 352 
TYR HD2  H N N 353 
TYR HE1  H N N 354 
TYR HE2  H N N 355 
TYR HH   H N N 356 
TYR HXT  H N N 357 
VAL N    N N N 358 
VAL CA   C N S 359 
VAL C    C N N 360 
VAL O    O N N 361 
VAL CB   C N N 362 
VAL CG1  C N N 363 
VAL CG2  C N N 364 
VAL OXT  O N N 365 
VAL H    H N N 366 
VAL H2   H N N 367 
VAL HA   H N N 368 
VAL HB   H N N 369 
VAL HG11 H N N 370 
VAL HG12 H N N 371 
VAL HG13 H N N 372 
VAL HG21 H N N 373 
VAL HG22 H N N 374 
VAL HG23 H N N 375 
VAL HXT  H N N 376 
# 
loop_
_chem_comp_bond.comp_id 
_chem_comp_bond.atom_id_1 
_chem_comp_bond.atom_id_2 
_chem_comp_bond.value_order 
_chem_comp_bond.pdbx_aromatic_flag 
_chem_comp_bond.pdbx_stereo_config 
_chem_comp_bond.pdbx_ordinal 
ALA N   CA   sing N N 1   
ALA N   H    sing N N 2   
ALA N   H2   sing N N 3   
ALA CA  C    sing N N 4   
ALA CA  CB   sing N N 5   
ALA CA  HA   sing N N 6   
ALA C   O    doub N N 7   
ALA C   OXT  sing N N 8   
ALA CB  HB1  sing N N 9   
ALA CB  HB2  sing N N 10  
ALA CB  HB3  sing N N 11  
ALA OXT HXT  sing N N 12  
ARG N   CA   sing N N 13  
ARG N   H    sing N N 14  
ARG N   H2   sing N N 15  
ARG CA  C    sing N N 16  
ARG CA  CB   sing N N 17  
ARG CA  HA   sing N N 18  
ARG C   O    doub N N 19  
ARG C   OXT  sing N N 20  
ARG CB  CG   sing N N 21  
ARG CB  HB2  sing N N 22  
ARG CB  HB3  sing N N 23  
ARG CG  CD   sing N N 24  
ARG CG  HG2  sing N N 25  
ARG CG  HG3  sing N N 26  
ARG CD  NE   sing N N 27  
ARG CD  HD2  sing N N 28  
ARG CD  HD3  sing N N 29  
ARG NE  CZ   sing N N 30  
ARG NE  HE   sing N N 31  
ARG CZ  NH1  sing N N 32  
ARG CZ  NH2  doub N N 33  
ARG NH1 HH11 sing N N 34  
ARG NH1 HH12 sing N N 35  
ARG NH2 HH21 sing N N 36  
ARG NH2 HH22 sing N N 37  
ARG OXT HXT  sing N N 38  
ASN N   CA   sing N N 39  
ASN N   H    sing N N 40  
ASN N   H2   sing N N 41  
ASN CA  C    sing N N 42  
ASN CA  CB   sing N N 43  
ASN CA  HA   sing N N 44  
ASN C   O    doub N N 45  
ASN C   OXT  sing N N 46  
ASN CB  CG   sing N N 47  
ASN CB  HB2  sing N N 48  
ASN CB  HB3  sing N N 49  
ASN CG  OD1  doub N N 50  
ASN CG  ND2  sing N N 51  
ASN ND2 HD21 sing N N 52  
ASN ND2 HD22 sing N N 53  
ASN OXT HXT  sing N N 54  
ASP N   CA   sing N N 55  
ASP N   H    sing N N 56  
ASP N   H2   sing N N 57  
ASP CA  C    sing N N 58  
ASP CA  CB   sing N N 59  
ASP CA  HA   sing N N 60  
ASP C   O    doub N N 61  
ASP C   OXT  sing N N 62  
ASP CB  CG   sing N N 63  
ASP CB  HB2  sing N N 64  
ASP CB  HB3  sing N N 65  
ASP CG  OD1  doub N N 66  
ASP CG  OD2  sing N N 67  
ASP OD2 HD2  sing N N 68  
ASP OXT HXT  sing N N 69  
GLN N   CA   sing N N 70  
GLN N   H    sing N N 71  
GLN N   H2   sing N N 72  
GLN CA  C    sing N N 73  
GLN CA  CB   sing N N 74  
GLN CA  HA   sing N N 75  
GLN C   O    doub N N 76  
GLN C   OXT  sing N N 77  
GLN CB  CG   sing N N 78  
GLN CB  HB2  sing N N 79  
GLN CB  HB3  sing N N 80  
GLN CG  CD   sing N N 81  
GLN CG  HG2  sing N N 82  
GLN CG  HG3  sing N N 83  
GLN CD  OE1  doub N N 84  
GLN CD  NE2  sing N N 85  
GLN NE2 HE21 sing N N 86  
GLN NE2 HE22 sing N N 87  
GLN OXT HXT  sing N N 88  
GLU N   CA   sing N N 89  
GLU N   H    sing N N 90  
GLU N   H2   sing N N 91  
GLU CA  C    sing N N 92  
GLU CA  CB   sing N N 93  
GLU CA  HA   sing N N 94  
GLU C   O    doub N N 95  
GLU C   OXT  sing N N 96  
GLU CB  CG   sing N N 97  
GLU CB  HB2  sing N N 98  
GLU CB  HB3  sing N N 99  
GLU CG  CD   sing N N 100 
GLU CG  HG2  sing N N 101 
GLU CG  HG3  sing N N 102 
GLU CD  OE1  doub N N 103 
GLU CD  OE2  sing N N 104 
GLU OE2 HE2  sing N N 105 
GLU OXT HXT  sing N N 106 
GLY N   CA   sing N N 107 
GLY N   H    sing N N 108 
GLY N   H2   sing N N 109 
GLY CA  C    sing N N 110 
GLY CA  HA2  sing N N 111 
GLY CA  HA3  sing N N 112 
GLY C   O    doub N N 113 
GLY C   OXT  sing N N 114 
GLY OXT HXT  sing N N 115 
HIS N   CA   sing N N 116 
HIS N   H    sing N N 117 
HIS N   H2   sing N N 118 
HIS CA  C    sing N N 119 
HIS CA  CB   sing N N 120 
HIS CA  HA   sing N N 121 
HIS C   O    doub N N 122 
HIS C   OXT  sing N N 123 
HIS CB  CG   sing N N 124 
HIS CB  HB2  sing N N 125 
HIS CB  HB3  sing N N 126 
HIS CG  ND1  sing Y N 127 
HIS CG  CD2  doub Y N 128 
HIS ND1 CE1  doub Y N 129 
HIS ND1 HD1  sing N N 130 
HIS CD2 NE2  sing Y N 131 
HIS CD2 HD2  sing N N 132 
HIS CE1 NE2  sing Y N 133 
HIS CE1 HE1  sing N N 134 
HIS NE2 HE2  sing N N 135 
HIS OXT HXT  sing N N 136 
HOH O   H1   sing N N 137 
HOH O   H2   sing N N 138 
ILE N   CA   sing N N 139 
ILE N   H    sing N N 140 
ILE N   H2   sing N N 141 
ILE CA  C    sing N N 142 
ILE CA  CB   sing N N 143 
ILE CA  HA   sing N N 144 
ILE C   O    doub N N 145 
ILE C   OXT  sing N N 146 
ILE CB  CG1  sing N N 147 
ILE CB  CG2  sing N N 148 
ILE CB  HB   sing N N 149 
ILE CG1 CD1  sing N N 150 
ILE CG1 HG12 sing N N 151 
ILE CG1 HG13 sing N N 152 
ILE CG2 HG21 sing N N 153 
ILE CG2 HG22 sing N N 154 
ILE CG2 HG23 sing N N 155 
ILE CD1 HD11 sing N N 156 
ILE CD1 HD12 sing N N 157 
ILE CD1 HD13 sing N N 158 
ILE OXT HXT  sing N N 159 
LEU N   CA   sing N N 160 
LEU N   H    sing N N 161 
LEU N   H2   sing N N 162 
LEU CA  C    sing N N 163 
LEU CA  CB   sing N N 164 
LEU CA  HA   sing N N 165 
LEU C   O    doub N N 166 
LEU C   OXT  sing N N 167 
LEU CB  CG   sing N N 168 
LEU CB  HB2  sing N N 169 
LEU CB  HB3  sing N N 170 
LEU CG  CD1  sing N N 171 
LEU CG  CD2  sing N N 172 
LEU CG  HG   sing N N 173 
LEU CD1 HD11 sing N N 174 
LEU CD1 HD12 sing N N 175 
LEU CD1 HD13 sing N N 176 
LEU CD2 HD21 sing N N 177 
LEU CD2 HD22 sing N N 178 
LEU CD2 HD23 sing N N 179 
LEU OXT HXT  sing N N 180 
LYS N   CA   sing N N 181 
LYS N   H    sing N N 182 
LYS N   H2   sing N N 183 
LYS CA  C    sing N N 184 
LYS CA  CB   sing N N 185 
LYS CA  HA   sing N N 186 
LYS C   O    doub N N 187 
LYS C   OXT  sing N N 188 
LYS CB  CG   sing N N 189 
LYS CB  HB2  sing N N 190 
LYS CB  HB3  sing N N 191 
LYS CG  CD   sing N N 192 
LYS CG  HG2  sing N N 193 
LYS CG  HG3  sing N N 194 
LYS CD  CE   sing N N 195 
LYS CD  HD2  sing N N 196 
LYS CD  HD3  sing N N 197 
LYS CE  NZ   sing N N 198 
LYS CE  HE2  sing N N 199 
LYS CE  HE3  sing N N 200 
LYS NZ  HZ1  sing N N 201 
LYS NZ  HZ2  sing N N 202 
LYS NZ  HZ3  sing N N 203 
LYS OXT HXT  sing N N 204 
MET N   CA   sing N N 205 
MET N   H    sing N N 206 
MET N   H2   sing N N 207 
MET CA  C    sing N N 208 
MET CA  CB   sing N N 209 
MET CA  HA   sing N N 210 
MET C   O    doub N N 211 
MET C   OXT  sing N N 212 
MET CB  CG   sing N N 213 
MET CB  HB2  sing N N 214 
MET CB  HB3  sing N N 215 
MET CG  SD   sing N N 216 
MET CG  HG2  sing N N 217 
MET CG  HG3  sing N N 218 
MET SD  CE   sing N N 219 
MET CE  HE1  sing N N 220 
MET CE  HE2  sing N N 221 
MET CE  HE3  sing N N 222 
MET OXT HXT  sing N N 223 
PHE N   CA   sing N N 224 
PHE N   H    sing N N 225 
PHE N   H2   sing N N 226 
PHE CA  C    sing N N 227 
PHE CA  CB   sing N N 228 
PHE CA  HA   sing N N 229 
PHE C   O    doub N N 230 
PHE C   OXT  sing N N 231 
PHE CB  CG   sing N N 232 
PHE CB  HB2  sing N N 233 
PHE CB  HB3  sing N N 234 
PHE CG  CD1  doub Y N 235 
PHE CG  CD2  sing Y N 236 
PHE CD1 CE1  sing Y N 237 
PHE CD1 HD1  sing N N 238 
PHE CD2 CE2  doub Y N 239 
PHE CD2 HD2  sing N N 240 
PHE CE1 CZ   doub Y N 241 
PHE CE1 HE1  sing N N 242 
PHE CE2 CZ   sing Y N 243 
PHE CE2 HE2  sing N N 244 
PHE CZ  HZ   sing N N 245 
PHE OXT HXT  sing N N 246 
PRO N   CA   sing N N 247 
PRO N   CD   sing N N 248 
PRO N   H    sing N N 249 
PRO CA  C    sing N N 250 
PRO CA  CB   sing N N 251 
PRO CA  HA   sing N N 252 
PRO C   O    doub N N 253 
PRO C   OXT  sing N N 254 
PRO CB  CG   sing N N 255 
PRO CB  HB2  sing N N 256 
PRO CB  HB3  sing N N 257 
PRO CG  CD   sing N N 258 
PRO CG  HG2  sing N N 259 
PRO CG  HG3  sing N N 260 
PRO CD  HD2  sing N N 261 
PRO CD  HD3  sing N N 262 
PRO OXT HXT  sing N N 263 
SER N   CA   sing N N 264 
SER N   H    sing N N 265 
SER N   H2   sing N N 266 
SER CA  C    sing N N 267 
SER CA  CB   sing N N 268 
SER CA  HA   sing N N 269 
SER C   O    doub N N 270 
SER C   OXT  sing N N 271 
SER CB  OG   sing N N 272 
SER CB  HB2  sing N N 273 
SER CB  HB3  sing N N 274 
SER OG  HG   sing N N 275 
SER OXT HXT  sing N N 276 
THR N   CA   sing N N 277 
THR N   H    sing N N 278 
THR N   H2   sing N N 279 
THR CA  C    sing N N 280 
THR CA  CB   sing N N 281 
THR CA  HA   sing N N 282 
THR C   O    doub N N 283 
THR C   OXT  sing N N 284 
THR CB  OG1  sing N N 285 
THR CB  CG2  sing N N 286 
THR CB  HB   sing N N 287 
THR OG1 HG1  sing N N 288 
THR CG2 HG21 sing N N 289 
THR CG2 HG22 sing N N 290 
THR CG2 HG23 sing N N 291 
THR OXT HXT  sing N N 292 
TRP N   CA   sing N N 293 
TRP N   H    sing N N 294 
TRP N   H2   sing N N 295 
TRP CA  C    sing N N 296 
TRP CA  CB   sing N N 297 
TRP CA  HA   sing N N 298 
TRP C   O    doub N N 299 
TRP C   OXT  sing N N 300 
TRP CB  CG   sing N N 301 
TRP CB  HB2  sing N N 302 
TRP CB  HB3  sing N N 303 
TRP CG  CD1  doub Y N 304 
TRP CG  CD2  sing Y N 305 
TRP CD1 NE1  sing Y N 306 
TRP CD1 HD1  sing N N 307 
TRP CD2 CE2  doub Y N 308 
TRP CD2 CE3  sing Y N 309 
TRP NE1 CE2  sing Y N 310 
TRP NE1 HE1  sing N N 311 
TRP CE2 CZ2  sing Y N 312 
TRP CE3 CZ3  doub Y N 313 
TRP CE3 HE3  sing N N 314 
TRP CZ2 CH2  doub Y N 315 
TRP CZ2 HZ2  sing N N 316 
TRP CZ3 CH2  sing Y N 317 
TRP CZ3 HZ3  sing N N 318 
TRP CH2 HH2  sing N N 319 
TRP OXT HXT  sing N N 320 
TYR N   CA   sing N N 321 
TYR N   H    sing N N 322 
TYR N   H2   sing N N 323 
TYR CA  C    sing N N 324 
TYR CA  CB   sing N N 325 
TYR CA  HA   sing N N 326 
TYR C   O    doub N N 327 
TYR C   OXT  sing N N 328 
TYR CB  CG   sing N N 329 
TYR CB  HB2  sing N N 330 
TYR CB  HB3  sing N N 331 
TYR CG  CD1  doub Y N 332 
TYR CG  CD2  sing Y N 333 
TYR CD1 CE1  sing Y N 334 
TYR CD1 HD1  sing N N 335 
TYR CD2 CE2  doub Y N 336 
TYR CD2 HD2  sing N N 337 
TYR CE1 CZ   doub Y N 338 
TYR CE1 HE1  sing N N 339 
TYR CE2 CZ   sing Y N 340 
TYR CE2 HE2  sing N N 341 
TYR CZ  OH   sing N N 342 
TYR OH  HH   sing N N 343 
TYR OXT HXT  sing N N 344 
VAL N   CA   sing N N 345 
VAL N   H    sing N N 346 
VAL N   H2   sing N N 347 
VAL CA  C    sing N N 348 
VAL CA  CB   sing N N 349 
VAL CA  HA   sing N N 350 
VAL C   O    doub N N 351 
VAL C   OXT  sing N N 352 
VAL CB  CG1  sing N N 353 
VAL CB  CG2  sing N N 354 
VAL CB  HB   sing N N 355 
VAL CG1 HG11 sing N N 356 
VAL CG1 HG12 sing N N 357 
VAL CG1 HG13 sing N N 358 
VAL CG2 HG21 sing N N 359 
VAL CG2 HG22 sing N N 360 
VAL CG2 HG23 sing N N 361 
VAL OXT HXT  sing N N 362 
# 
_pdbx_entity_nonpoly.entity_id   2 
_pdbx_entity_nonpoly.name        water 
_pdbx_entity_nonpoly.comp_id     HOH 
# 
_pdbx_initial_refinement_model.id               1 
_pdbx_initial_refinement_model.entity_id_list   ? 
_pdbx_initial_refinement_model.type             'experimental model' 
_pdbx_initial_refinement_model.source_name      PDB 
_pdbx_initial_refinement_model.accession_code   1MXS 
_pdbx_initial_refinement_model.details          'PDB ENTRY 1MXS' 
# 
